data_7UOB
#
_entry.id   7UOB
#
_cell.length_a   1.00
_cell.length_b   1.00
_cell.length_c   1.00
_cell.angle_alpha   90.00
_cell.angle_beta   90.00
_cell.angle_gamma   90.00
#
_symmetry.space_group_name_H-M   'P 1'
#
loop_
_entity.id
_entity.type
_entity.pdbx_description
1 polymer 'RNA-directed RNA polymerase'
2 polymer 'Non-structural protein 8'
3 polymer 'Non-structural protein 7'
4 polymer 'Product RNA (35-MER)'
5 polymer 'Template RNA (55-MER)'
6 non-polymer 'ZINC ION'
7 non-polymer 'MAGNESIUM ION'
8 non-polymer "GUANOSINE-5'-TRIPHOSPHATE"
9 non-polymer "3'-DEOXYURIDINE-5'-MONOPHOSPHATE"
10 water water
#
loop_
_entity_poly.entity_id
_entity_poly.type
_entity_poly.pdbx_seq_one_letter_code
_entity_poly.pdbx_strand_id
1 'polypeptide(L)'
;SADAQSFLNRVCGVSAARLTPCGTGTSTDVVYRAFDIYNDKVAGFAKFLKTNCCRFQEKDEDDNLIDSYFVVKRHTFSNY
QHEETIYNLLKDCPAVAKHDFFKFRIDGDMVPHISRQRLTKYTMADLVYALRHFDEGNCDTLKEILVTYNCCDDDYFNKK
DWYDFVENPDILRVYANLGERVRQALLKTVQFCDAMRNAGIVGVLTLDNQDLNGNWYDFGDFIQTTPGSGVPVVDSYYSL
LMPILTLTRALTAESHVDTDLTKPYIKWDLLKYDFTEERLKLFDRYFKYWDQTYHPNCVNCLDDRCILHCANFNVLFSTV
FPPTSFGPLVRKIFVDGVPFVVSTGYHFRELGVVHNQDVNLHSSRLSFKELLVYAADPAMHAASGNLLLDKRTTCFSVAA
LTNNVAFQTVKPGNFNKDFYDFAVSKGFFKEGSSVELKHFFFAQDGNAAISDYDYYRYNLPTMCDIRQLLFVVEVVDKYF
DCYDGGCINANQVIVNNLDKSAGFPFNKWGKARLYYDSMSYEDQDALFAYTKRNVIPTITQMNLKYAISAKNRARTVAGV
SICSTMTNRQFHQKLLKSIAATRGATVVIGTSKFYGGWHNMLKTVYSDVENPHLMGWDYPKCDRAMPNMLRIMASLVLAR
KHTTCCSLSHRFYRLANECAQVLSEMVMCGGSLYVKPGGTSSGDATTAYANSVFNICQAVTANVNALLSTDGNKIADKYV
RNLQHRLYECLYRNRDVDTDFVNEFYAYLRKHFSMMILSDDAVVCFNSTYASQGLVASIKNFKSVLYYQNNVFMSEAKCW
TETDLTKGPHEFCSQHTMLVKQGDDYVYLPYPDPSRILGAGCFVDDIVKTDGTLMIERFVSLAIDAYPLTKHPNQEYADV
FHLYLQYIRKLHDELTGHMLDMYSVMLTNDNTSRYWEPEFYEAMYTPHTVLQ
;
A
2 'polypeptide(L)'
;AIASEFSSLPSYAAFATAQEAYEQAVANGDSEVVLKKLKKSLNVAKSEFDRDAAMQRKLEKMADQAMTQMYKQARSEDKR
AKVTSAMQTMLFTMLRKLDNDALNNIINNARDGCVPLNIIPLTTAAKLMVVIPDYNTYKNTCDGTTFTYASALWEIQQVV
DADSKIVQLSEISMDNSPNLAWPLIVTALRANSAVKLQ
;
B,D
3 'polypeptide(L)'
;VACTKEVHMSKMSDVKCTSVVLLSVLQQLRVESSSKLWAQCVQLHNDILLAKDTTEAFEKMVSLLSVLLSMQGAVDINKL
CEEMLDNRATLQ
;
C
4 'polyribonucleotide' CGCGUAGCAUGCUACGUCAUUCUCCACGCGAAGCA P
5 'polyribonucleotide' CUAUCCCCAUUUUGUUGUCAUGCUUCGCGUGGAGAAUGACGUAGCAUGCUACGCG T
#
loop_
_chem_comp.id
_chem_comp.type
_chem_comp.name
_chem_comp.formula
A RNA linking ADENOSINE-5'-MONOPHOSPHATE 'C10 H14 N5 O7 P'
C RNA linking CYTIDINE-5'-MONOPHOSPHATE 'C9 H14 N3 O8 P'
G RNA linking GUANOSINE-5'-MONOPHOSPHATE 'C10 H14 N5 O8 P'
GTP non-polymer GUANOSINE-5'-TRIPHOSPHATE 'C10 H16 N5 O14 P3'
L2B non-polymer 3'-DEOXYURIDINE-5'-MONOPHOSPHATE 'C9 H13 N2 O8 P'
MG non-polymer 'MAGNESIUM ION' 'Mg 2'
U RNA linking URIDINE-5'-MONOPHOSPHATE 'C9 H13 N2 O9 P'
ZN non-polymer 'ZINC ION' 'Zn 2'
#
# COMPACT_ATOMS: atom_id res chain seq x y z
N SER A 1 -38.24 -26.65 51.27
CA SER A 1 -36.97 -26.93 50.55
C SER A 1 -36.46 -28.33 50.86
N ALA A 2 -37.36 -29.22 51.29
CA ALA A 2 -36.96 -30.57 51.63
C ALA A 2 -36.38 -31.29 50.42
N ASP A 3 -37.05 -31.19 49.27
CA ASP A 3 -36.57 -31.87 48.07
C ASP A 3 -35.40 -31.14 47.43
N ALA A 4 -35.42 -29.81 47.44
CA ALA A 4 -34.41 -29.01 46.76
C ALA A 4 -33.15 -28.79 47.59
N GLN A 5 -33.17 -29.11 48.88
CA GLN A 5 -32.01 -28.95 49.75
C GLN A 5 -31.27 -30.25 49.98
N SER A 6 -31.99 -31.37 50.10
CA SER A 6 -31.33 -32.67 50.15
C SER A 6 -30.67 -33.02 48.83
N PHE A 7 -31.08 -32.38 47.75
CA PHE A 7 -30.38 -32.55 46.47
C PHE A 7 -29.03 -31.86 46.50
N LEU A 8 -28.96 -30.64 47.07
CA LEU A 8 -27.71 -29.92 47.14
C LEU A 8 -26.71 -30.64 48.05
N ASN A 9 -27.19 -31.21 49.14
CA ASN A 9 -26.30 -31.94 50.04
C ASN A 9 -25.66 -33.12 49.34
N ARG A 10 -26.44 -33.85 48.52
CA ARG A 10 -25.86 -34.97 47.79
C ARG A 10 -24.97 -34.50 46.65
N VAL A 11 -25.29 -33.36 46.03
CA VAL A 11 -24.43 -32.83 44.98
C VAL A 11 -23.06 -32.47 45.55
N CYS A 12 -23.02 -31.99 46.80
CA CYS A 12 -21.74 -31.71 47.43
C CYS A 12 -20.82 -32.93 47.36
N GLY A 13 -21.37 -34.11 47.64
CA GLY A 13 -20.68 -35.36 47.35
C GLY A 13 -19.38 -35.58 48.08
N VAL A 14 -19.36 -35.34 49.38
CA VAL A 14 -18.22 -35.67 50.24
C VAL A 14 -17.01 -34.79 49.94
N SER A 15 -17.16 -33.81 49.04
CA SER A 15 -16.17 -32.77 48.90
C SER A 15 -16.43 -31.60 49.84
N ALA A 16 -17.68 -31.41 50.26
CA ALA A 16 -18.05 -30.41 51.25
C ALA A 16 -17.48 -29.04 50.89
N ALA A 17 -17.93 -28.50 49.75
CA ALA A 17 -17.44 -27.22 49.26
C ALA A 17 -18.62 -26.30 48.94
N ARG A 18 -19.18 -25.69 49.99
CA ARG A 18 -19.89 -24.42 49.90
C ARG A 18 -20.68 -24.23 48.62
N LEU A 19 -21.66 -25.08 48.36
CA LEU A 19 -22.44 -24.96 47.12
C LEU A 19 -23.58 -23.96 47.29
N THR A 20 -23.95 -23.32 46.18
CA THR A 20 -25.03 -22.36 46.11
C THR A 20 -25.76 -22.53 44.79
N PRO A 21 -27.07 -22.82 44.80
CA PRO A 21 -27.75 -23.07 43.52
C PRO A 21 -27.74 -21.87 42.61
N CYS A 22 -27.29 -22.08 41.36
CA CYS A 22 -27.45 -21.06 40.33
C CYS A 22 -28.88 -21.00 39.81
N GLY A 23 -29.58 -22.12 39.84
CA GLY A 23 -30.95 -22.18 39.36
C GLY A 23 -31.97 -22.07 40.47
N THR A 24 -32.98 -22.95 40.44
CA THR A 24 -34.12 -22.91 41.35
C THR A 24 -34.26 -24.24 42.09
N GLY A 25 -33.15 -24.75 42.61
CA GLY A 25 -33.16 -25.98 43.38
C GLY A 25 -32.88 -27.20 42.55
N THR A 26 -33.87 -28.09 42.44
CA THR A 26 -33.73 -29.33 41.67
C THR A 26 -34.04 -29.15 40.19
N SER A 27 -34.40 -27.95 39.76
CA SER A 27 -34.78 -27.71 38.38
C SER A 27 -33.55 -27.42 37.53
N THR A 28 -33.67 -27.73 36.24
CA THR A 28 -32.58 -27.56 35.30
C THR A 28 -32.31 -26.09 35.02
N ASP A 29 -31.10 -25.79 34.57
CA ASP A 29 -30.67 -24.44 34.25
C ASP A 29 -30.40 -24.33 32.75
N VAL A 30 -30.78 -23.20 32.17
CA VAL A 30 -30.70 -22.96 30.72
C VAL A 30 -29.52 -22.05 30.42
N VAL A 31 -28.73 -22.41 29.40
CA VAL A 31 -27.58 -21.62 28.99
C VAL A 31 -27.57 -21.53 27.47
N TYR A 32 -26.81 -20.56 26.95
CA TYR A 32 -26.70 -20.28 25.52
C TYR A 32 -25.22 -20.29 25.16
N ARG A 33 -24.73 -21.41 24.65
CA ARG A 33 -23.29 -21.67 24.57
C ARG A 33 -22.89 -22.12 23.17
N ALA A 34 -21.63 -21.91 22.84
CA ALA A 34 -21.09 -22.35 21.55
C ALA A 34 -20.74 -23.83 21.59
N PHE A 35 -21.13 -24.54 20.53
CA PHE A 35 -20.90 -25.97 20.41
C PHE A 35 -20.34 -26.30 19.03
N ASP A 36 -19.49 -27.32 19.00
CA ASP A 36 -18.95 -27.89 17.77
C ASP A 36 -19.66 -29.23 17.54
N ILE A 37 -20.53 -29.27 16.54
CA ILE A 37 -21.49 -30.36 16.39
C ILE A 37 -21.31 -31.01 15.01
N TYR A 38 -21.46 -32.32 14.97
CA TYR A 38 -21.55 -33.05 13.71
C TYR A 38 -22.22 -34.39 13.98
N ASN A 39 -23.43 -34.56 13.47
CA ASN A 39 -24.13 -35.85 13.53
C ASN A 39 -24.86 -36.05 12.21
N ASP A 40 -25.76 -37.03 12.17
CA ASP A 40 -26.46 -37.36 10.94
C ASP A 40 -27.41 -36.27 10.49
N LYS A 41 -27.76 -35.34 11.38
CA LYS A 41 -28.77 -34.34 11.11
C LYS A 41 -28.22 -32.92 11.01
N VAL A 42 -27.28 -32.54 11.86
CA VAL A 42 -26.77 -31.17 11.92
C VAL A 42 -25.26 -31.21 11.94
N ALA A 43 -24.65 -30.08 11.59
CA ALA A 43 -23.20 -29.93 11.59
C ALA A 43 -22.87 -28.46 11.54
N GLY A 44 -22.00 -28.01 12.44
CA GLY A 44 -21.59 -26.62 12.44
C GLY A 44 -20.89 -26.25 13.73
N PHE A 45 -20.57 -24.96 13.83
CA PHE A 45 -19.94 -24.37 15.01
C PHE A 45 -20.75 -23.11 15.34
N ALA A 46 -21.82 -23.28 16.13
CA ALA A 46 -22.78 -22.22 16.38
C ALA A 46 -23.14 -22.22 17.86
N LYS A 47 -24.00 -21.27 18.25
CA LYS A 47 -24.45 -21.14 19.62
C LYS A 47 -25.84 -21.74 19.76
N PHE A 48 -25.98 -22.69 20.68
CA PHE A 48 -27.22 -23.40 20.93
C PHE A 48 -27.68 -23.16 22.36
N LEU A 49 -28.97 -23.38 22.59
CA LEU A 49 -29.57 -23.24 23.90
C LEU A 49 -29.73 -24.61 24.53
N LYS A 50 -29.05 -24.84 25.65
CA LYS A 50 -29.06 -26.12 26.33
C LYS A 50 -29.75 -26.01 27.67
N THR A 51 -30.62 -26.98 27.96
CA THR A 51 -31.48 -26.97 29.14
C THR A 51 -31.51 -28.35 29.79
N ASN A 52 -30.33 -28.96 29.94
CA ASN A 52 -30.23 -30.32 30.46
C ASN A 52 -29.41 -30.43 31.73
N CYS A 53 -28.94 -29.33 32.30
CA CYS A 53 -28.01 -29.37 33.41
C CYS A 53 -28.42 -28.40 34.50
N CYS A 54 -28.31 -28.84 35.75
CA CYS A 54 -28.36 -27.98 36.91
C CYS A 54 -26.96 -27.50 37.23
N ARG A 55 -26.82 -26.24 37.63
CA ARG A 55 -25.54 -25.64 37.95
C ARG A 55 -25.54 -25.15 39.38
N PHE A 56 -24.47 -25.46 40.11
CA PHE A 56 -24.26 -24.94 41.46
C PHE A 56 -22.91 -24.23 41.48
N GLN A 57 -22.88 -23.02 42.03
CA GLN A 57 -21.64 -22.26 42.13
C GLN A 57 -21.04 -22.46 43.51
N GLU A 58 -19.73 -22.62 43.54
CA GLU A 58 -18.99 -22.76 44.79
C GLU A 58 -18.56 -21.39 45.29
N LYS A 59 -18.44 -21.27 46.61
CA LYS A 59 -17.99 -20.04 47.23
C LYS A 59 -16.89 -20.34 48.24
N ASP A 60 -16.22 -19.28 48.68
CA ASP A 60 -15.07 -19.37 49.56
C ASP A 60 -15.48 -19.21 51.01
N GLU A 61 -14.51 -19.43 51.91
CA GLU A 61 -14.78 -19.31 53.35
C GLU A 61 -15.37 -17.96 53.70
N ASP A 62 -14.91 -16.91 53.03
CA ASP A 62 -15.42 -15.56 53.25
C ASP A 62 -16.73 -15.30 52.51
N ASP A 63 -17.40 -16.35 52.03
CA ASP A 63 -18.66 -16.27 51.31
C ASP A 63 -18.53 -15.63 49.94
N ASN A 64 -17.31 -15.47 49.43
CA ASN A 64 -17.11 -14.95 48.09
C ASN A 64 -17.38 -16.04 47.06
N LEU A 65 -18.05 -15.66 45.97
CA LEU A 65 -18.26 -16.57 44.86
C LEU A 65 -16.98 -16.73 44.05
N ILE A 66 -16.58 -17.97 43.81
CA ILE A 66 -15.39 -18.26 43.02
C ILE A 66 -15.81 -18.91 41.70
N ASP A 67 -14.83 -19.12 40.83
CA ASP A 67 -15.06 -19.67 39.49
C ASP A 67 -15.01 -21.18 39.50
N SER A 68 -15.79 -21.80 40.39
CA SER A 68 -15.92 -23.24 40.46
C SER A 68 -17.40 -23.60 40.40
N TYR A 69 -17.75 -24.49 39.49
CA TYR A 69 -19.14 -24.87 39.26
C TYR A 69 -19.28 -26.38 39.24
N PHE A 70 -20.35 -26.86 39.85
CA PHE A 70 -20.74 -28.26 39.79
C PHE A 70 -21.92 -28.36 38.82
N VAL A 71 -21.72 -29.12 37.75
CA VAL A 71 -22.72 -29.26 36.69
C VAL A 71 -23.28 -30.67 36.75
N VAL A 72 -24.56 -30.79 37.07
CA VAL A 72 -25.24 -32.07 37.26
C VAL A 72 -26.21 -32.27 36.11
N LYS A 73 -26.08 -33.39 35.40
CA LYS A 73 -26.94 -33.67 34.27
C LYS A 73 -27.63 -35.01 34.44
N ARG A 74 -28.87 -35.07 33.96
CA ARG A 74 -29.67 -36.28 33.90
C ARG A 74 -29.79 -36.72 32.44
N HIS A 75 -29.82 -38.03 32.23
CA HIS A 75 -29.93 -38.60 30.89
C HIS A 75 -30.37 -40.05 31.05
N THR A 76 -30.40 -40.77 29.93
CA THR A 76 -30.88 -42.15 29.95
C THR A 76 -30.04 -42.98 30.92
N PHE A 77 -30.59 -44.15 31.26
CA PHE A 77 -29.91 -45.06 32.17
C PHE A 77 -28.79 -45.85 31.51
N SER A 78 -28.79 -45.93 30.17
CA SER A 78 -27.72 -46.61 29.45
C SER A 78 -26.50 -45.71 29.26
N ASN A 79 -26.73 -44.44 28.92
CA ASN A 79 -25.63 -43.49 28.84
C ASN A 79 -24.92 -43.37 30.19
N TYR A 80 -25.69 -43.51 31.27
CA TYR A 80 -25.12 -43.46 32.61
C TYR A 80 -24.08 -44.56 32.81
N GLN A 81 -24.44 -45.81 32.50
CA GLN A 81 -23.50 -46.91 32.65
C GLN A 81 -22.32 -46.77 31.69
N HIS A 82 -22.59 -46.37 30.45
CA HIS A 82 -21.50 -46.22 29.48
C HIS A 82 -20.48 -45.21 29.97
N GLU A 83 -20.95 -44.04 30.41
CA GLU A 83 -20.04 -43.02 30.90
C GLU A 83 -19.31 -43.48 32.16
N GLU A 84 -20.00 -44.20 33.04
CA GLU A 84 -19.34 -44.69 34.24
C GLU A 84 -18.19 -45.61 33.89
N THR A 85 -18.40 -46.52 32.94
CA THR A 85 -17.34 -47.44 32.55
C THR A 85 -16.17 -46.69 31.91
N ILE A 86 -16.45 -45.82 30.94
CA ILE A 86 -15.37 -45.11 30.28
C ILE A 86 -14.60 -44.25 31.28
N TYR A 87 -15.31 -43.66 32.24
CA TYR A 87 -14.63 -42.86 33.26
C TYR A 87 -13.74 -43.73 34.13
N ASN A 88 -14.22 -44.90 34.54
CA ASN A 88 -13.37 -45.80 35.31
C ASN A 88 -12.12 -46.17 34.54
N LEU A 89 -12.19 -46.18 33.20
CA LEU A 89 -10.99 -46.41 32.42
C LEU A 89 -10.03 -45.21 32.48
N LEU A 90 -10.55 -43.99 32.38
CA LEU A 90 -9.75 -42.78 32.29
C LEU A 90 -9.68 -42.02 33.61
N LYS A 91 -10.07 -42.66 34.72
CA LYS A 91 -10.20 -41.95 35.99
C LYS A 91 -8.89 -41.30 36.41
N ASP A 92 -7.77 -42.01 36.21
CA ASP A 92 -6.50 -41.60 36.79
C ASP A 92 -5.79 -40.49 36.03
N CYS A 93 -6.23 -40.16 34.83
CA CYS A 93 -5.56 -39.12 34.05
C CYS A 93 -5.73 -37.77 34.73
N PRO A 94 -4.65 -37.01 34.94
CA PRO A 94 -4.80 -35.69 35.59
C PRO A 94 -5.52 -34.65 34.74
N ALA A 95 -5.77 -34.92 33.46
CA ALA A 95 -6.46 -33.99 32.58
C ALA A 95 -7.96 -34.32 32.45
N VAL A 96 -8.51 -35.06 33.41
CA VAL A 96 -9.91 -35.45 33.41
C VAL A 96 -10.59 -34.82 34.61
N ALA A 97 -11.73 -34.19 34.37
CA ALA A 97 -12.50 -33.60 35.46
C ALA A 97 -13.09 -34.69 36.34
N LYS A 98 -13.22 -34.38 37.62
CA LYS A 98 -13.68 -35.36 38.61
C LYS A 98 -15.20 -35.51 38.49
N HIS A 99 -15.65 -36.74 38.25
CA HIS A 99 -17.06 -37.06 38.10
C HIS A 99 -17.59 -37.75 39.35
N ASP A 100 -18.91 -37.66 39.51
CA ASP A 100 -19.60 -38.36 40.59
C ASP A 100 -20.93 -38.85 40.06
N PHE A 101 -21.19 -40.15 40.19
CA PHE A 101 -22.38 -40.78 39.64
C PHE A 101 -23.28 -41.22 40.78
N PHE A 102 -24.54 -40.76 40.76
CA PHE A 102 -25.46 -41.18 41.80
C PHE A 102 -26.88 -41.23 41.23
N LYS A 103 -27.83 -41.57 42.09
CA LYS A 103 -29.24 -41.63 41.73
C LYS A 103 -30.07 -40.91 42.78
N PHE A 104 -31.04 -40.12 42.32
CA PHE A 104 -31.86 -39.33 43.23
C PHE A 104 -33.33 -39.48 42.85
N ARG A 105 -34.20 -39.37 43.85
CA ARG A 105 -35.63 -39.46 43.63
C ARG A 105 -36.17 -38.08 43.30
N ILE A 106 -36.57 -37.88 42.04
CA ILE A 106 -37.01 -36.57 41.60
C ILE A 106 -38.47 -36.35 41.93
N ASP A 107 -39.36 -37.16 41.35
CA ASP A 107 -40.77 -37.10 41.66
C ASP A 107 -41.27 -38.36 42.36
N GLY A 108 -41.10 -39.52 41.75
CA GLY A 108 -41.51 -40.76 42.38
C GLY A 108 -40.66 -41.96 41.99
N ASP A 109 -39.59 -41.72 41.23
CA ASP A 109 -38.74 -42.81 40.78
C ASP A 109 -37.32 -42.31 40.64
N MET A 110 -36.37 -43.23 40.70
CA MET A 110 -34.96 -42.87 40.70
C MET A 110 -34.53 -42.37 39.34
N VAL A 111 -33.77 -41.28 39.34
CA VAL A 111 -33.20 -40.69 38.14
C VAL A 111 -31.68 -40.71 38.32
N PRO A 112 -30.92 -41.21 37.34
CA PRO A 112 -29.46 -41.20 37.47
C PRO A 112 -28.87 -39.85 37.08
N HIS A 113 -27.95 -39.36 37.91
CA HIS A 113 -27.30 -38.07 37.72
C HIS A 113 -25.79 -38.26 37.62
N ILE A 114 -25.19 -37.51 36.70
CA ILE A 114 -23.74 -37.41 36.57
C ILE A 114 -23.35 -35.98 36.91
N SER A 115 -22.48 -35.82 37.90
CA SER A 115 -22.05 -34.51 38.37
C SER A 115 -20.57 -34.31 38.04
N ARG A 116 -20.27 -33.24 37.30
CA ARG A 116 -18.90 -32.82 37.05
C ARG A 116 -18.56 -31.70 38.03
N GLN A 117 -17.44 -31.84 38.73
CA GLN A 117 -17.11 -31.04 39.88
C GLN A 117 -16.00 -30.04 39.54
N ARG A 118 -16.19 -28.80 40.00
CA ARG A 118 -15.19 -27.74 39.88
C ARG A 118 -14.81 -27.49 38.41
N LEU A 119 -15.81 -27.08 37.64
CA LEU A 119 -15.61 -26.65 36.27
C LEU A 119 -15.61 -25.12 36.21
N THR A 120 -15.06 -24.61 35.12
CA THR A 120 -15.13 -23.19 34.83
C THR A 120 -16.50 -22.83 34.27
N LYS A 121 -16.84 -21.55 34.33
CA LYS A 121 -18.11 -21.10 33.78
C LYS A 121 -18.16 -21.28 32.27
N TYR A 122 -17.08 -20.97 31.57
CA TYR A 122 -17.00 -21.08 30.12
C TYR A 122 -16.01 -22.17 29.71
N THR A 123 -16.14 -22.60 28.46
CA THR A 123 -15.30 -23.64 27.87
C THR A 123 -14.34 -23.01 26.87
N MET A 124 -13.53 -23.86 26.22
CA MET A 124 -12.65 -23.40 25.16
C MET A 124 -13.43 -23.00 23.92
N ALA A 125 -14.57 -23.66 23.68
CA ALA A 125 -15.43 -23.31 22.56
C ALA A 125 -15.96 -21.90 22.69
N ASP A 126 -16.31 -21.50 23.91
CA ASP A 126 -16.80 -20.14 24.14
C ASP A 126 -15.75 -19.11 23.80
N LEU A 127 -14.50 -19.34 24.23
CA LEU A 127 -13.42 -18.41 23.91
C LEU A 127 -13.17 -18.33 22.42
N VAL A 128 -13.10 -19.49 21.75
CA VAL A 128 -12.84 -19.50 20.31
C VAL A 128 -13.97 -18.79 19.57
N TYR A 129 -15.22 -19.08 19.92
CA TYR A 129 -16.34 -18.44 19.23
C TYR A 129 -16.35 -16.93 19.48
N ALA A 130 -16.05 -16.50 20.71
CA ALA A 130 -16.05 -15.08 21.00
C ALA A 130 -14.99 -14.35 20.19
N LEU A 131 -13.80 -14.94 20.03
CA LEU A 131 -12.73 -14.27 19.30
C LEU A 131 -12.84 -14.41 17.78
N ARG A 132 -13.53 -15.42 17.27
CA ARG A 132 -13.63 -15.63 15.84
C ARG A 132 -14.92 -15.09 15.23
N HIS A 133 -15.89 -14.71 16.05
CA HIS A 133 -17.14 -14.09 15.59
C HIS A 133 -17.35 -12.77 16.31
N PHE A 134 -16.31 -11.93 16.32
CA PHE A 134 -16.30 -10.76 17.18
C PHE A 134 -17.26 -9.68 16.67
N ASP A 135 -18.09 -9.19 17.59
CA ASP A 135 -19.01 -8.10 17.32
C ASP A 135 -18.90 -7.12 18.48
N GLU A 136 -18.43 -5.90 18.20
CA GLU A 136 -18.30 -4.92 19.27
C GLU A 136 -19.66 -4.47 19.78
N GLY A 137 -20.73 -4.69 19.01
CA GLY A 137 -22.05 -4.35 19.49
C GLY A 137 -22.47 -5.17 20.69
N ASN A 138 -22.05 -6.44 20.73
CA ASN A 138 -22.35 -7.30 21.87
C ASN A 138 -21.21 -8.30 22.02
N CYS A 139 -20.31 -8.02 22.96
CA CYS A 139 -19.24 -8.94 23.36
C CYS A 139 -19.25 -9.01 24.88
N ASP A 140 -20.11 -9.86 25.43
CA ASP A 140 -20.24 -10.02 26.87
C ASP A 140 -19.48 -11.23 27.39
N THR A 141 -19.53 -12.35 26.67
CA THR A 141 -18.71 -13.50 27.04
C THR A 141 -17.23 -13.13 27.00
N LEU A 142 -16.81 -12.39 25.97
CA LEU A 142 -15.42 -11.99 25.87
C LEU A 142 -15.01 -11.08 27.01
N LYS A 143 -15.84 -10.07 27.31
CA LYS A 143 -15.52 -9.16 28.41
C LYS A 143 -15.45 -9.90 29.73
N GLU A 144 -16.39 -10.82 29.98
CA GLU A 144 -16.39 -11.56 31.22
C GLU A 144 -15.16 -12.47 31.34
N ILE A 145 -14.77 -13.12 30.24
CA ILE A 145 -13.57 -13.95 30.27
C ILE A 145 -12.33 -13.10 30.54
N LEU A 146 -12.26 -11.93 29.91
CA LEU A 146 -11.10 -11.06 30.11
C LEU A 146 -11.04 -10.56 31.56
N VAL A 147 -12.20 -10.26 32.16
CA VAL A 147 -12.20 -9.75 33.53
C VAL A 147 -12.05 -10.85 34.57
N THR A 148 -12.41 -12.10 34.26
CA THR A 148 -12.35 -13.16 35.24
C THR A 148 -10.92 -13.64 35.48
N TYR A 149 -10.04 -13.51 34.50
CA TYR A 149 -8.69 -14.05 34.59
C TYR A 149 -7.63 -12.96 34.64
N ASN A 150 -8.02 -11.76 35.10
CA ASN A 150 -7.07 -10.69 35.39
C ASN A 150 -6.32 -10.23 34.15
N CYS A 151 -6.94 -10.37 32.97
CA CYS A 151 -6.35 -9.79 31.78
C CYS A 151 -6.49 -8.27 31.79
N CYS A 152 -7.61 -7.78 32.31
CA CYS A 152 -7.86 -6.35 32.43
C CYS A 152 -8.93 -6.16 33.52
N ASP A 153 -9.22 -4.91 33.83
CA ASP A 153 -10.25 -4.56 34.80
C ASP A 153 -11.53 -4.14 34.08
N ASP A 154 -12.62 -4.09 34.85
CA ASP A 154 -13.93 -3.85 34.25
C ASP A 154 -14.03 -2.43 33.68
N ASP A 155 -13.26 -1.49 34.20
CA ASP A 155 -13.28 -0.13 33.69
C ASP A 155 -12.39 0.04 32.47
N TYR A 156 -11.72 -1.03 32.04
CA TYR A 156 -10.93 -0.97 30.81
C TYR A 156 -11.81 -0.74 29.59
N PHE A 157 -13.04 -1.25 29.61
CA PHE A 157 -13.93 -1.22 28.47
C PHE A 157 -14.76 0.06 28.38
N ASN A 158 -14.59 0.98 29.32
CA ASN A 158 -15.20 2.30 29.21
C ASN A 158 -14.46 3.19 28.20
N LYS A 159 -13.29 2.75 27.74
CA LYS A 159 -12.59 3.44 26.68
C LYS A 159 -13.40 3.38 25.39
N LYS A 160 -13.23 4.40 24.54
CA LYS A 160 -14.11 4.54 23.39
C LYS A 160 -14.05 3.31 22.49
N ASP A 161 -12.86 2.91 22.07
CA ASP A 161 -12.67 1.70 21.25
C ASP A 161 -11.49 0.93 21.81
N TRP A 162 -11.76 0.11 22.82
CA TRP A 162 -10.75 -0.73 23.44
C TRP A 162 -10.33 -1.90 22.56
N TYR A 163 -11.09 -2.18 21.50
CA TYR A 163 -10.92 -3.39 20.69
C TYR A 163 -10.12 -3.16 19.43
N ASP A 164 -10.01 -1.92 18.95
CA ASP A 164 -9.35 -1.65 17.69
C ASP A 164 -7.85 -1.91 17.81
N PHE A 165 -7.31 -2.68 16.86
CA PHE A 165 -5.89 -2.99 16.88
C PHE A 165 -5.03 -1.77 16.55
N VAL A 166 -5.59 -0.79 15.83
CA VAL A 166 -4.83 0.36 15.37
C VAL A 166 -5.03 1.56 16.29
N GLU A 167 -6.27 1.82 16.71
CA GLU A 167 -6.54 2.92 17.63
C GLU A 167 -6.18 2.57 19.07
N ASN A 168 -5.96 1.30 19.38
CA ASN A 168 -5.65 0.86 20.74
C ASN A 168 -4.74 -0.36 20.66
N PRO A 169 -3.47 -0.16 20.27
CA PRO A 169 -2.55 -1.30 20.14
C PRO A 169 -2.20 -1.95 21.47
N ASP A 170 -2.73 -1.45 22.59
CA ASP A 170 -2.52 -2.08 23.88
C ASP A 170 -3.44 -3.28 24.10
N ILE A 171 -4.45 -3.48 23.25
CA ILE A 171 -5.32 -4.64 23.38
C ILE A 171 -4.53 -5.92 23.14
N LEU A 172 -3.43 -5.83 22.40
CA LEU A 172 -2.60 -7.01 22.14
C LEU A 172 -2.01 -7.53 23.44
N ARG A 173 -1.64 -6.64 24.36
CA ARG A 173 -1.15 -7.07 25.67
C ARG A 173 -2.24 -7.78 26.46
N VAL A 174 -3.46 -7.24 26.43
CA VAL A 174 -4.58 -7.86 27.15
C VAL A 174 -4.85 -9.25 26.61
N TYR A 175 -4.85 -9.42 25.28
CA TYR A 175 -5.05 -10.74 24.71
C TYR A 175 -3.86 -11.67 25.02
N ALA A 176 -2.64 -11.14 25.01
CA ALA A 176 -1.47 -11.93 25.37
C ALA A 176 -1.48 -12.37 26.82
N ASN A 177 -2.28 -11.75 27.68
CA ASN A 177 -2.42 -12.25 29.04
C ASN A 177 -3.12 -13.60 29.11
N LEU A 178 -3.72 -14.08 28.02
CA LEU A 178 -4.40 -15.37 27.99
C LEU A 178 -3.53 -16.51 27.48
N GLY A 179 -2.27 -16.25 27.11
CA GLY A 179 -1.48 -17.25 26.42
C GLY A 179 -1.15 -18.46 27.26
N GLU A 180 -0.79 -18.25 28.53
CA GLU A 180 -0.33 -19.37 29.35
C GLU A 180 -1.47 -20.35 29.63
N ARG A 181 -2.69 -19.85 29.78
CA ARG A 181 -3.83 -20.73 29.98
C ARG A 181 -4.06 -21.61 28.76
N VAL A 182 -3.95 -21.05 27.57
CA VAL A 182 -4.12 -21.82 26.34
C VAL A 182 -2.99 -22.85 26.19
N ARG A 183 -1.77 -22.48 26.58
CA ARG A 183 -0.67 -23.43 26.54
C ARG A 183 -0.90 -24.60 27.49
N GLN A 184 -1.40 -24.31 28.69
CA GLN A 184 -1.71 -25.38 29.63
C GLN A 184 -2.82 -26.28 29.07
N ALA A 185 -3.80 -25.68 28.39
CA ALA A 185 -4.84 -26.47 27.75
C ALA A 185 -4.27 -27.41 26.71
N LEU A 186 -3.33 -26.94 25.89
CA LEU A 186 -2.71 -27.81 24.90
C LEU A 186 -1.95 -28.97 25.55
N LEU A 187 -1.19 -28.68 26.62
CA LEU A 187 -0.47 -29.74 27.31
C LEU A 187 -1.44 -30.79 27.86
N LYS A 188 -2.54 -30.34 28.45
CA LYS A 188 -3.51 -31.29 29.01
C LYS A 188 -4.23 -32.07 27.92
N THR A 189 -4.47 -31.47 26.76
CA THR A 189 -5.03 -32.22 25.64
C THR A 189 -4.10 -33.34 25.21
N VAL A 190 -2.81 -33.07 25.14
CA VAL A 190 -1.86 -34.13 24.77
C VAL A 190 -1.87 -35.24 25.82
N GLN A 191 -1.90 -34.87 27.11
CA GLN A 191 -2.02 -35.88 28.16
C GLN A 191 -3.26 -36.74 27.96
N PHE A 192 -4.39 -36.10 27.67
CA PHE A 192 -5.64 -36.82 27.51
C PHE A 192 -5.59 -37.77 26.33
N CYS A 193 -5.00 -37.33 25.21
CA CYS A 193 -4.86 -38.22 24.06
C CYS A 193 -3.99 -39.41 24.38
N ASP A 194 -2.90 -39.21 25.12
CA ASP A 194 -2.07 -40.33 25.54
C ASP A 194 -2.86 -41.31 26.41
N ALA A 195 -3.67 -40.78 27.33
CA ALA A 195 -4.48 -41.67 28.18
C ALA A 195 -5.48 -42.46 27.35
N MET A 196 -6.14 -41.82 26.39
CA MET A 196 -7.07 -42.53 25.52
C MET A 196 -6.36 -43.63 24.74
N ARG A 197 -5.18 -43.33 24.20
CA ARG A 197 -4.46 -44.32 23.42
C ARG A 197 -4.02 -45.49 24.28
N ASN A 198 -3.56 -45.23 25.51
CA ASN A 198 -3.09 -46.32 26.36
C ASN A 198 -4.24 -47.14 26.92
N ALA A 199 -5.42 -46.54 27.10
CA ALA A 199 -6.56 -47.27 27.64
C ALA A 199 -7.39 -47.95 26.57
N GLY A 200 -7.20 -47.61 25.30
CA GLY A 200 -7.92 -48.24 24.21
C GLY A 200 -9.30 -47.68 23.99
N ILE A 201 -9.38 -46.38 23.74
CA ILE A 201 -10.65 -45.66 23.57
C ILE A 201 -10.58 -44.84 22.30
N VAL A 202 -11.70 -44.80 21.57
CA VAL A 202 -11.79 -44.10 20.28
C VAL A 202 -12.88 -43.05 20.39
N GLY A 203 -12.55 -41.81 20.07
CA GLY A 203 -13.54 -40.74 20.13
C GLY A 203 -13.00 -39.47 19.52
N VAL A 204 -13.90 -38.51 19.37
CA VAL A 204 -13.60 -37.21 18.79
C VAL A 204 -13.51 -36.19 19.91
N LEU A 205 -12.47 -35.35 19.87
CA LEU A 205 -12.29 -34.28 20.85
C LEU A 205 -12.85 -32.98 20.28
N THR A 206 -13.70 -32.32 21.07
CA THR A 206 -14.32 -31.07 20.68
C THR A 206 -14.02 -30.01 21.73
N LEU A 207 -13.97 -28.76 21.27
CA LEU A 207 -13.58 -27.66 22.14
C LEU A 207 -14.55 -27.46 23.29
N ASP A 208 -15.81 -27.86 23.12
CA ASP A 208 -16.82 -27.60 24.13
C ASP A 208 -16.82 -28.61 25.26
N ASN A 209 -15.99 -29.64 25.20
CA ASN A 209 -15.85 -30.62 26.29
C ASN A 209 -14.61 -30.38 27.12
N GLN A 210 -13.99 -29.22 26.99
CA GLN A 210 -12.83 -28.83 27.80
C GLN A 210 -13.08 -27.45 28.36
N ASP A 211 -12.83 -27.26 29.65
CA ASP A 211 -13.03 -25.97 30.29
C ASP A 211 -11.76 -25.13 30.16
N LEU A 212 -11.75 -23.95 30.77
CA LEU A 212 -10.61 -23.06 30.64
C LEU A 212 -9.48 -23.40 31.61
N ASN A 213 -9.66 -24.39 32.48
CA ASN A 213 -8.55 -24.96 33.23
C ASN A 213 -7.90 -26.13 32.49
N GLY A 214 -8.44 -26.54 31.35
CA GLY A 214 -7.86 -27.59 30.55
C GLY A 214 -8.37 -28.98 30.81
N ASN A 215 -9.36 -29.14 31.68
CA ASN A 215 -9.86 -30.46 32.06
C ASN A 215 -10.98 -30.90 31.12
N TRP A 216 -11.12 -32.23 30.99
CA TRP A 216 -12.01 -32.84 30.02
C TRP A 216 -13.14 -33.60 30.72
N TYR A 217 -14.31 -33.62 30.07
CA TYR A 217 -15.48 -34.30 30.59
C TYR A 217 -16.30 -34.83 29.42
N ASP A 218 -17.43 -35.46 29.75
CA ASP A 218 -18.44 -35.94 28.79
C ASP A 218 -18.32 -37.45 28.58
N PHE A 219 -17.52 -37.91 27.62
CA PHE A 219 -17.28 -39.32 27.37
C PHE A 219 -18.51 -40.06 26.87
N GLY A 220 -19.48 -39.37 26.29
CA GLY A 220 -20.71 -40.01 25.85
C GLY A 220 -20.66 -40.65 24.48
N ASP A 221 -19.60 -40.42 23.71
CA ASP A 221 -19.47 -40.95 22.37
C ASP A 221 -18.13 -41.66 22.18
N PHE A 222 -17.60 -42.25 23.24
CA PHE A 222 -16.33 -42.96 23.19
C PHE A 222 -16.60 -44.45 23.10
N ILE A 223 -15.89 -45.12 22.20
CA ILE A 223 -15.98 -46.55 22.02
C ILE A 223 -14.77 -47.19 22.67
N GLN A 224 -14.90 -48.46 23.01
CA GLN A 224 -13.84 -49.21 23.68
C GLN A 224 -13.19 -50.17 22.69
N THR A 225 -11.86 -50.18 22.67
CA THR A 225 -11.08 -50.97 21.72
C THR A 225 -10.00 -51.75 22.46
N THR A 226 -9.05 -52.31 21.72
CA THR A 226 -7.94 -53.00 22.34
C THR A 226 -7.16 -52.03 23.24
N PRO A 227 -6.65 -52.48 24.40
CA PRO A 227 -6.03 -51.55 25.35
C PRO A 227 -4.76 -50.84 24.87
N GLY A 228 -4.39 -50.98 23.62
CA GLY A 228 -3.25 -50.23 23.10
C GLY A 228 -3.51 -49.57 21.76
N SER A 229 -4.76 -49.63 21.30
CA SER A 229 -5.12 -49.22 19.95
C SER A 229 -6.13 -48.09 19.96
N GLY A 230 -6.04 -47.19 20.94
CA GLY A 230 -6.91 -46.04 20.96
C GLY A 230 -6.57 -45.04 19.87
N VAL A 231 -7.58 -44.30 19.42
CA VAL A 231 -7.41 -43.37 18.30
C VAL A 231 -8.18 -42.08 18.59
N PRO A 232 -7.56 -41.09 19.22
CA PRO A 232 -8.19 -39.77 19.31
C PRO A 232 -8.28 -39.09 17.96
N VAL A 233 -9.37 -38.34 17.76
CA VAL A 233 -9.57 -37.54 16.56
C VAL A 233 -9.55 -36.07 16.97
N VAL A 234 -8.57 -35.33 16.47
CA VAL A 234 -8.28 -33.99 16.97
C VAL A 234 -8.18 -32.96 15.85
N ASP A 235 -8.85 -33.22 14.72
CA ASP A 235 -8.67 -32.36 13.56
C ASP A 235 -9.41 -31.03 13.71
N SER A 236 -10.72 -31.08 13.96
CA SER A 236 -11.49 -29.86 14.16
C SER A 236 -11.04 -29.10 15.41
N TYR A 237 -10.70 -29.83 16.47
CA TYR A 237 -10.18 -29.21 17.68
C TYR A 237 -9.04 -28.25 17.35
N TYR A 238 -7.94 -28.80 16.82
CA TYR A 238 -6.75 -27.99 16.55
C TYR A 238 -7.02 -26.94 15.48
N SER A 239 -7.72 -27.32 14.41
CA SER A 239 -7.90 -26.36 13.32
C SER A 239 -8.72 -25.16 13.76
N LEU A 240 -9.80 -25.39 14.52
CA LEU A 240 -10.57 -24.27 15.04
C LEU A 240 -9.78 -23.47 16.07
N LEU A 241 -8.92 -24.11 16.85
CA LEU A 241 -8.15 -23.40 17.85
C LEU A 241 -6.99 -22.59 17.27
N MET A 242 -6.52 -22.91 16.06
CA MET A 242 -5.28 -22.31 15.55
C MET A 242 -5.26 -20.79 15.54
N PRO A 243 -6.27 -20.08 15.05
CA PRO A 243 -6.17 -18.61 14.99
C PRO A 243 -5.96 -17.95 16.35
N ILE A 244 -6.33 -18.62 17.44
CA ILE A 244 -6.20 -18.04 18.78
C ILE A 244 -4.81 -18.24 19.36
N LEU A 245 -3.99 -19.10 18.77
CA LEU A 245 -2.66 -19.36 19.31
C LEU A 245 -1.72 -18.19 19.06
N THR A 246 -1.81 -17.55 17.90
CA THR A 246 -0.96 -16.41 17.60
C THR A 246 -1.53 -15.10 18.14
N LEU A 247 -2.83 -15.04 18.42
CA LEU A 247 -3.42 -13.84 18.98
C LEU A 247 -3.12 -13.70 20.46
N THR A 248 -3.04 -14.81 21.20
CA THR A 248 -2.72 -14.79 22.62
C THR A 248 -1.24 -15.03 22.88
N ARG A 249 -0.43 -15.22 21.84
CA ARG A 249 0.99 -15.54 21.99
C ARG A 249 1.20 -16.63 23.04
N ALA A 250 0.60 -17.79 22.76
CA ALA A 250 0.61 -18.87 23.74
C ALA A 250 2.02 -19.39 24.01
N LEU A 251 2.84 -19.53 22.97
CA LEU A 251 4.13 -20.20 23.08
C LEU A 251 5.25 -19.28 23.58
N THR A 252 4.91 -18.11 24.14
CA THR A 252 5.95 -17.21 24.62
C THR A 252 6.85 -17.87 25.65
N ALA A 253 6.29 -18.73 26.49
CA ALA A 253 7.09 -19.38 27.52
C ALA A 253 8.22 -20.22 26.93
N GLU A 254 8.12 -20.59 25.65
CA GLU A 254 9.18 -21.37 25.03
C GLU A 254 10.45 -20.55 24.83
N SER A 255 10.41 -19.25 25.04
CA SER A 255 11.59 -18.39 24.95
C SER A 255 12.35 -18.29 26.26
N HIS A 256 11.93 -18.99 27.30
CA HIS A 256 12.50 -18.89 28.63
C HIS A 256 13.16 -20.22 29.01
N VAL A 257 14.05 -20.15 29.99
CA VAL A 257 14.76 -21.34 30.45
C VAL A 257 13.78 -22.25 31.18
N ASP A 258 13.80 -23.54 30.82
CA ASP A 258 12.90 -24.54 31.38
C ASP A 258 11.44 -24.24 31.04
N THR A 259 11.20 -23.41 30.02
CA THR A 259 9.85 -23.01 29.63
C THR A 259 9.10 -22.43 30.81
N ASP A 260 9.79 -21.63 31.61
CA ASP A 260 9.24 -21.02 32.82
C ASP A 260 9.28 -19.51 32.66
N LEU A 261 8.13 -18.86 32.85
CA LEU A 261 8.03 -17.43 32.59
C LEU A 261 8.77 -16.57 33.61
N THR A 262 9.19 -17.15 34.72
CA THR A 262 9.95 -16.39 35.72
C THR A 262 11.46 -16.42 35.45
N LYS A 263 11.96 -17.49 34.83
CA LYS A 263 13.37 -17.58 34.53
C LYS A 263 13.73 -16.68 33.37
N PRO A 264 15.01 -16.34 33.21
CA PRO A 264 15.42 -15.45 32.12
C PRO A 264 15.33 -16.15 30.76
N TYR A 265 15.39 -15.34 29.71
CA TYR A 265 15.33 -15.86 28.36
C TYR A 265 16.46 -16.85 28.09
N ILE A 266 16.32 -17.57 26.99
CA ILE A 266 17.40 -18.40 26.47
C ILE A 266 18.34 -17.52 25.66
N LYS A 267 19.64 -17.76 25.79
CA LYS A 267 20.65 -17.10 24.97
C LYS A 267 21.16 -18.12 23.97
N TRP A 268 20.71 -17.99 22.72
CA TRP A 268 21.08 -18.92 21.67
C TRP A 268 22.47 -18.59 21.15
N ASP A 269 23.05 -19.56 20.44
CA ASP A 269 24.26 -19.30 19.69
C ASP A 269 23.95 -18.33 18.55
N LEU A 270 24.78 -17.29 18.41
CA LEU A 270 24.51 -16.26 17.42
C LEU A 270 24.74 -16.73 16.00
N LEU A 271 25.59 -17.74 15.80
CA LEU A 271 25.90 -18.26 14.49
C LEU A 271 24.97 -19.39 14.07
N LYS A 272 23.97 -19.71 14.87
CA LYS A 272 23.05 -20.81 14.58
C LYS A 272 21.90 -20.30 13.72
N TYR A 273 21.55 -21.08 12.68
CA TYR A 273 20.42 -20.75 11.83
C TYR A 273 19.52 -21.93 11.52
N ASP A 274 19.89 -23.15 11.89
CA ASP A 274 19.11 -24.35 11.57
C ASP A 274 18.44 -24.84 12.85
N PHE A 275 17.11 -24.71 12.91
CA PHE A 275 16.32 -25.08 14.08
C PHE A 275 15.37 -26.22 13.77
N THR A 276 15.77 -27.14 12.90
CA THR A 276 14.88 -28.23 12.51
C THR A 276 14.56 -29.14 13.71
N GLU A 277 15.57 -29.45 14.52
CA GLU A 277 15.33 -30.25 15.72
C GLU A 277 14.38 -29.56 16.67
N GLU A 278 14.56 -28.26 16.88
CA GLU A 278 13.66 -27.53 17.77
C GLU A 278 12.24 -27.52 17.24
N ARG A 279 12.08 -27.34 15.93
CA ARG A 279 10.74 -27.34 15.33
C ARG A 279 10.06 -28.69 15.51
N LEU A 280 10.78 -29.78 15.29
CA LEU A 280 10.20 -31.11 15.48
C LEU A 280 9.85 -31.35 16.94
N LYS A 281 10.70 -30.90 17.86
CA LYS A 281 10.39 -31.04 19.28
C LYS A 281 9.14 -30.28 19.65
N LEU A 282 8.98 -29.06 19.15
CA LEU A 282 7.77 -28.30 19.45
C LEU A 282 6.53 -28.99 18.88
N PHE A 283 6.61 -29.49 17.65
CA PHE A 283 5.48 -30.16 17.06
C PHE A 283 5.09 -31.39 17.86
N ASP A 284 6.07 -32.17 18.31
CA ASP A 284 5.76 -33.35 19.10
C ASP A 284 5.28 -32.98 20.51
N ARG A 285 5.67 -31.81 21.01
CA ARG A 285 5.22 -31.40 22.33
C ARG A 285 3.77 -30.98 22.34
N TYR A 286 3.32 -30.25 21.32
CA TYR A 286 1.96 -29.71 21.34
C TYR A 286 1.00 -30.43 20.41
N PHE A 287 1.35 -30.63 19.15
CA PHE A 287 0.47 -31.28 18.18
C PHE A 287 0.92 -32.73 17.94
N LYS A 288 0.87 -33.54 18.99
CA LYS A 288 1.41 -34.88 18.90
C LYS A 288 0.52 -35.79 18.05
N TYR A 289 -0.79 -35.70 18.21
CA TYR A 289 -1.72 -36.60 17.54
C TYR A 289 -2.36 -35.99 16.31
N TRP A 290 -1.89 -34.81 15.88
CA TRP A 290 -2.16 -34.35 14.53
C TRP A 290 -1.47 -35.29 13.55
N ASP A 291 -2.23 -35.87 12.62
CA ASP A 291 -1.79 -37.04 11.88
C ASP A 291 -1.54 -36.75 10.40
N GLN A 292 -0.98 -35.59 10.09
CA GLN A 292 -0.47 -35.29 8.76
C GLN A 292 0.99 -34.90 8.86
N THR A 293 1.80 -35.40 7.94
CA THR A 293 3.24 -35.24 8.03
C THR A 293 3.64 -33.76 7.97
N TYR A 294 4.49 -33.36 8.91
CA TYR A 294 4.97 -31.98 9.00
C TYR A 294 6.41 -31.94 8.49
N HIS A 295 6.65 -31.10 7.49
CA HIS A 295 7.98 -30.88 6.98
C HIS A 295 8.50 -29.55 7.52
N PRO A 296 9.52 -29.54 8.40
CA PRO A 296 10.05 -28.25 8.86
C PRO A 296 10.58 -27.39 7.73
N ASN A 297 11.19 -28.01 6.72
CA ASN A 297 11.71 -27.32 5.55
C ASN A 297 10.81 -27.64 4.37
N CYS A 298 10.24 -26.60 3.76
CA CYS A 298 9.22 -26.77 2.75
C CYS A 298 9.78 -27.13 1.37
N VAL A 299 11.10 -27.20 1.23
CA VAL A 299 11.69 -27.74 0.01
C VAL A 299 11.39 -29.23 -0.12
N ASN A 300 10.97 -29.88 0.96
CA ASN A 300 10.66 -31.30 0.97
C ASN A 300 9.17 -31.59 0.84
N CYS A 301 8.35 -30.57 0.60
CA CYS A 301 6.92 -30.75 0.52
C CYS A 301 6.51 -31.38 -0.80
N LEU A 302 5.32 -31.98 -0.82
CA LEU A 302 4.86 -32.79 -1.93
C LEU A 302 4.05 -32.00 -2.96
N ASP A 303 3.39 -30.93 -2.55
CA ASP A 303 2.70 -30.04 -3.47
C ASP A 303 2.45 -28.73 -2.74
N ASP A 304 1.72 -27.81 -3.39
CA ASP A 304 1.48 -26.51 -2.78
C ASP A 304 0.51 -26.60 -1.61
N ARG A 305 -0.41 -27.57 -1.61
CA ARG A 305 -1.24 -27.81 -0.44
C ARG A 305 -0.39 -28.20 0.76
N CYS A 306 0.60 -29.08 0.53
CA CYS A 306 1.55 -29.41 1.59
C CYS A 306 2.38 -28.21 2.01
N ILE A 307 2.77 -27.35 1.06
CA ILE A 307 3.54 -26.16 1.41
C ILE A 307 2.74 -25.26 2.33
N LEU A 308 1.45 -25.04 2.03
CA LEU A 308 0.62 -24.24 2.93
C LEU A 308 0.49 -24.89 4.29
N HIS A 309 0.20 -26.20 4.30
CA HIS A 309 -0.01 -26.91 5.56
C HIS A 309 1.20 -26.77 6.48
N CYS A 310 2.42 -26.91 5.93
CA CYS A 310 3.60 -26.89 6.78
C CYS A 310 4.10 -25.47 7.05
N ALA A 311 3.87 -24.54 6.11
CA ALA A 311 4.22 -23.16 6.36
C ALA A 311 3.38 -22.55 7.48
N ASN A 312 2.16 -23.05 7.69
CA ASN A 312 1.38 -22.60 8.83
C ASN A 312 2.07 -22.93 10.16
N PHE A 313 2.52 -24.18 10.31
CA PHE A 313 3.22 -24.57 11.52
C PHE A 313 4.56 -23.84 11.65
N ASN A 314 5.23 -23.60 10.52
CA ASN A 314 6.47 -22.83 10.56
C ASN A 314 6.22 -21.41 11.05
N VAL A 315 5.13 -20.79 10.60
CA VAL A 315 4.77 -19.46 11.09
C VAL A 315 4.60 -19.50 12.60
N LEU A 316 3.89 -20.51 13.11
CA LEU A 316 3.72 -20.62 14.57
C LEU A 316 5.06 -20.74 15.27
N PHE A 317 5.92 -21.67 14.81
CA PHE A 317 7.13 -22.02 15.55
C PHE A 317 8.24 -21.00 15.38
N SER A 318 8.19 -20.12 14.37
CA SER A 318 9.27 -19.17 14.17
C SER A 318 9.26 -18.05 15.19
N THR A 319 8.15 -17.85 15.91
CA THR A 319 8.06 -16.81 16.91
C THR A 319 8.91 -17.11 18.15
N VAL A 320 9.47 -18.31 18.24
CA VAL A 320 10.27 -18.71 19.40
C VAL A 320 11.76 -18.46 19.22
N PHE A 321 12.21 -18.17 18.00
CA PHE A 321 13.62 -18.16 17.66
C PHE A 321 14.14 -16.73 17.47
N PRO A 322 15.44 -16.51 17.65
CA PRO A 322 15.97 -15.13 17.57
C PRO A 322 15.75 -14.53 16.19
N PRO A 323 15.40 -13.24 16.13
CA PRO A 323 15.19 -12.60 14.81
C PRO A 323 16.45 -12.48 13.97
N THR A 324 17.64 -12.61 14.57
CA THR A 324 18.88 -12.42 13.83
C THR A 324 19.26 -13.63 12.99
N SER A 325 18.57 -14.75 13.14
CA SER A 325 18.90 -15.98 12.42
C SER A 325 18.13 -16.13 11.12
N PHE A 326 17.20 -15.24 10.81
CA PHE A 326 16.43 -15.29 9.58
C PHE A 326 17.03 -14.35 8.54
N GLY A 327 16.92 -14.74 7.28
CA GLY A 327 17.42 -13.94 6.19
C GLY A 327 18.50 -14.64 5.41
N PRO A 328 19.24 -13.90 4.58
CA PRO A 328 20.26 -14.52 3.73
C PRO A 328 21.34 -15.21 4.55
N LEU A 329 21.79 -16.35 4.04
CA LEU A 329 22.93 -17.07 4.60
C LEU A 329 24.13 -16.82 3.71
N VAL A 330 25.24 -16.37 4.29
CA VAL A 330 26.38 -15.90 3.51
C VAL A 330 27.55 -16.87 3.67
N ARG A 331 28.46 -16.80 2.72
CA ARG A 331 29.58 -17.74 2.62
C ARG A 331 30.70 -17.06 1.87
N LYS A 332 31.92 -17.48 2.15
CA LYS A 332 33.11 -16.88 1.53
C LYS A 332 33.53 -17.71 0.33
N ILE A 333 33.50 -17.09 -0.85
CA ILE A 333 33.95 -17.71 -2.09
C ILE A 333 35.19 -16.95 -2.57
N PHE A 334 35.86 -17.51 -3.58
CA PHE A 334 37.04 -16.90 -4.16
C PHE A 334 36.81 -16.70 -5.66
N VAL A 335 36.90 -15.45 -6.10
CA VAL A 335 36.80 -15.09 -7.50
C VAL A 335 38.18 -14.66 -7.95
N ASP A 336 38.77 -15.43 -8.86
CA ASP A 336 40.09 -15.14 -9.40
C ASP A 336 41.16 -15.04 -8.31
N GLY A 337 40.87 -15.52 -7.11
CA GLY A 337 41.79 -15.48 -6.00
C GLY A 337 41.45 -14.45 -4.94
N VAL A 338 40.55 -13.51 -5.21
CA VAL A 338 40.15 -12.53 -4.20
C VAL A 338 38.89 -13.03 -3.50
N PRO A 339 38.78 -12.90 -2.18
CA PRO A 339 37.59 -13.46 -1.49
C PRO A 339 36.40 -12.52 -1.45
N PHE A 340 35.23 -13.06 -1.81
CA PHE A 340 33.95 -12.39 -1.75
C PHE A 340 33.07 -13.06 -0.69
N VAL A 341 32.10 -12.31 -0.19
CA VAL A 341 31.08 -12.84 0.70
C VAL A 341 29.75 -12.75 -0.02
N VAL A 342 29.14 -13.92 -0.28
CA VAL A 342 27.95 -14.00 -1.13
C VAL A 342 26.90 -14.87 -0.45
N SER A 343 25.65 -14.69 -0.88
CA SER A 343 24.54 -15.46 -0.34
C SER A 343 24.46 -16.82 -1.01
N THR A 344 24.42 -17.87 -0.19
CA THR A 344 24.33 -19.25 -0.65
C THR A 344 23.09 -19.96 -0.10
N GLY A 345 22.13 -19.20 0.39
CA GLY A 345 20.93 -19.79 0.96
C GLY A 345 20.08 -18.73 1.62
N TYR A 346 19.04 -19.20 2.31
CA TYR A 346 18.11 -18.28 2.96
C TYR A 346 17.33 -19.04 4.01
N HIS A 347 17.20 -18.42 5.18
CA HIS A 347 16.37 -18.94 6.28
C HIS A 347 15.08 -18.13 6.32
N PHE A 348 13.98 -18.73 5.91
CA PHE A 348 12.67 -18.10 5.94
C PHE A 348 11.94 -18.43 7.24
N ARG A 349 11.03 -17.56 7.62
CA ARG A 349 10.16 -17.85 8.76
C ARG A 349 9.10 -18.88 8.41
N GLU A 350 8.67 -18.92 7.16
CA GLU A 350 7.59 -19.80 6.73
C GLU A 350 8.07 -21.03 5.97
N LEU A 351 9.20 -20.95 5.25
CA LEU A 351 9.64 -22.01 4.38
C LEU A 351 10.82 -22.81 4.92
N GLY A 352 11.39 -22.42 6.05
CA GLY A 352 12.55 -23.12 6.58
C GLY A 352 13.86 -22.69 5.92
N VAL A 353 14.82 -23.61 5.91
CA VAL A 353 16.15 -23.34 5.37
C VAL A 353 16.20 -23.80 3.92
N VAL A 354 16.73 -22.96 3.04
CA VAL A 354 16.91 -23.27 1.63
C VAL A 354 18.36 -23.03 1.28
N HIS A 355 18.94 -23.94 0.48
CA HIS A 355 20.31 -23.84 0.01
C HIS A 355 20.35 -23.82 -1.51
N ASN A 356 21.21 -22.97 -2.06
CA ASN A 356 21.34 -22.86 -3.50
C ASN A 356 21.98 -24.11 -4.09
N GLN A 357 21.54 -24.48 -5.28
CA GLN A 357 22.04 -25.68 -5.95
C GLN A 357 23.27 -25.42 -6.82
N ASP A 358 23.56 -24.16 -7.13
CA ASP A 358 24.71 -23.79 -7.95
C ASP A 358 25.54 -22.78 -7.14
N VAL A 359 26.43 -23.29 -6.30
CA VAL A 359 27.38 -22.46 -5.57
C VAL A 359 28.77 -22.79 -6.08
N ASN A 360 29.45 -21.81 -6.63
CA ASN A 360 30.72 -22.00 -7.32
C ASN A 360 31.83 -21.39 -6.47
N LEU A 361 32.44 -22.22 -5.62
CA LEU A 361 33.66 -21.83 -4.93
C LEU A 361 34.83 -21.92 -5.90
N HIS A 362 35.79 -21.01 -5.75
CA HIS A 362 36.97 -20.97 -6.61
C HIS A 362 36.56 -20.78 -8.08
N SER A 363 35.99 -19.62 -8.35
CA SER A 363 35.70 -19.21 -9.72
C SER A 363 36.96 -18.63 -10.36
N SER A 364 36.82 -18.14 -11.58
CA SER A 364 37.91 -17.50 -12.30
C SER A 364 37.56 -16.12 -12.82
N ARG A 365 36.33 -15.92 -13.28
CA ARG A 365 35.92 -14.64 -13.83
C ARG A 365 34.40 -14.54 -13.73
N LEU A 366 33.91 -13.31 -13.65
CA LEU A 366 32.49 -13.02 -13.56
C LEU A 366 32.03 -12.37 -14.86
N SER A 367 30.94 -12.89 -15.42
CA SER A 367 30.34 -12.29 -16.61
C SER A 367 29.31 -11.25 -16.16
N PHE A 368 28.58 -10.69 -17.13
CA PHE A 368 27.61 -9.64 -16.83
C PHE A 368 26.53 -10.15 -15.88
N LYS A 369 26.05 -11.37 -16.11
CA LYS A 369 25.00 -11.93 -15.27
C LYS A 369 25.47 -12.14 -13.83
N GLU A 370 26.68 -12.66 -13.65
CA GLU A 370 27.21 -12.86 -12.30
C GLU A 370 27.42 -11.53 -11.60
N LEU A 371 27.89 -10.51 -12.33
CA LEU A 371 28.03 -9.18 -11.73
C LEU A 371 26.68 -8.63 -11.31
N LEU A 372 25.64 -8.84 -12.12
CA LEU A 372 24.30 -8.40 -11.73
C LEU A 372 23.84 -9.10 -10.47
N VAL A 373 24.06 -10.42 -10.38
CA VAL A 373 23.61 -11.16 -9.20
C VAL A 373 24.36 -10.70 -7.96
N TYR A 374 25.68 -10.48 -8.06
CA TYR A 374 26.46 -10.11 -6.89
C TYR A 374 26.23 -8.66 -6.49
N ALA A 375 25.90 -7.79 -7.44
CA ALA A 375 25.67 -6.38 -7.10
C ALA A 375 24.34 -6.19 -6.40
N ALA A 376 23.29 -6.88 -6.85
CA ALA A 376 21.99 -6.80 -6.19
C ALA A 376 21.97 -7.49 -4.84
N ASP A 377 22.96 -8.32 -4.56
CA ASP A 377 22.98 -9.08 -3.32
C ASP A 377 23.23 -8.15 -2.13
N PRO A 378 22.39 -8.19 -1.09
CA PRO A 378 22.64 -7.35 0.09
C PRO A 378 23.84 -7.79 0.91
N ALA A 379 24.45 -8.94 0.60
CA ALA A 379 25.53 -9.45 1.44
C ALA A 379 26.73 -8.50 1.47
N MET A 380 27.21 -8.12 0.28
CA MET A 380 28.39 -7.25 0.22
C MET A 380 28.08 -5.86 0.76
N HIS A 381 26.89 -5.34 0.46
CA HIS A 381 26.53 -4.01 0.94
C HIS A 381 26.47 -3.97 2.47
N ALA A 382 25.83 -4.97 3.08
CA ALA A 382 25.65 -4.97 4.53
C ALA A 382 26.92 -5.36 5.27
N ALA A 383 27.74 -6.23 4.68
CA ALA A 383 28.95 -6.68 5.37
C ALA A 383 29.93 -5.54 5.57
N SER A 384 30.01 -4.60 4.62
CA SER A 384 30.95 -3.50 4.69
C SER A 384 30.35 -2.23 5.27
N GLY A 385 29.10 -2.26 5.72
CA GLY A 385 28.48 -1.10 6.31
C GLY A 385 28.72 -1.01 7.80
N ASN A 386 28.29 0.11 8.38
CA ASN A 386 28.38 0.29 9.82
C ASN A 386 27.22 -0.39 10.52
N LEU A 387 27.36 -0.59 11.83
CA LEU A 387 26.26 -1.07 12.64
C LEU A 387 25.28 0.07 12.89
N LEU A 388 23.99 -0.26 12.92
CA LEU A 388 22.94 0.73 13.05
C LEU A 388 22.00 0.34 14.19
N LEU A 389 21.59 1.34 14.96
CA LEU A 389 20.58 1.20 16.02
C LEU A 389 19.65 2.40 15.89
N ASP A 390 18.58 2.23 15.13
CA ASP A 390 17.60 3.28 14.90
C ASP A 390 16.45 3.11 15.89
N LYS A 391 16.27 4.11 16.75
CA LYS A 391 15.25 4.08 17.79
C LYS A 391 13.96 4.77 17.36
N ARG A 392 13.88 5.24 16.12
CA ARG A 392 12.66 5.84 15.60
C ARG A 392 11.64 4.80 15.15
N THR A 393 12.02 3.54 15.07
CA THR A 393 11.14 2.48 14.60
C THR A 393 11.36 1.24 15.45
N THR A 394 10.31 0.42 15.56
CA THR A 394 10.43 -0.90 16.16
C THR A 394 10.93 -1.93 15.16
N CYS A 395 11.15 -1.53 13.91
CA CYS A 395 11.71 -2.40 12.90
C CYS A 395 13.16 -2.73 13.22
N PHE A 396 13.60 -3.89 12.73
CA PHE A 396 14.97 -4.34 12.94
C PHE A 396 15.88 -3.64 11.92
N SER A 397 16.85 -2.88 12.42
CA SER A 397 17.78 -2.15 11.57
C SER A 397 19.06 -2.97 11.42
N VAL A 398 19.55 -3.07 10.19
CA VAL A 398 20.69 -3.93 9.89
C VAL A 398 21.98 -3.12 9.91
N ALA A 399 22.11 -2.15 9.02
CA ALA A 399 23.37 -1.44 8.88
C ALA A 399 23.12 -0.07 8.27
N ALA A 400 24.12 0.80 8.41
CA ALA A 400 24.13 2.11 7.78
C ALA A 400 25.21 2.11 6.71
N LEU A 401 24.84 2.48 5.49
CA LEU A 401 25.77 2.46 4.37
C LEU A 401 26.54 3.75 4.21
N THR A 402 26.26 4.77 5.00
CA THR A 402 26.94 6.05 4.95
C THR A 402 27.33 6.46 6.37
N ASN A 403 28.09 7.54 6.48
CA ASN A 403 28.39 8.15 7.76
C ASN A 403 27.32 9.13 8.21
N ASN A 404 26.33 9.40 7.36
CA ASN A 404 25.29 10.37 7.66
C ASN A 404 23.91 9.74 7.44
N VAL A 405 22.94 10.25 8.19
CA VAL A 405 21.54 9.87 8.05
C VAL A 405 20.85 10.88 7.14
N ALA A 406 20.02 10.40 6.24
CA ALA A 406 19.35 11.24 5.25
C ALA A 406 17.95 11.59 5.75
N PHE A 407 17.63 12.88 5.71
CA PHE A 407 16.31 13.39 6.03
C PHE A 407 15.74 14.03 4.78
N GLN A 408 14.54 13.62 4.38
CA GLN A 408 13.90 14.11 3.18
C GLN A 408 12.52 14.66 3.51
N THR A 409 12.23 15.87 3.05
CA THR A 409 10.97 16.52 3.30
C THR A 409 10.06 16.42 2.08
N VAL A 410 8.81 16.84 2.27
CA VAL A 410 7.82 16.92 1.20
C VAL A 410 7.40 18.37 1.08
N LYS A 411 7.55 18.93 -0.12
CA LYS A 411 7.25 20.34 -0.35
C LYS A 411 5.76 20.57 -0.58
N PRO A 412 5.30 21.80 -0.39
CA PRO A 412 3.89 22.12 -0.69
C PRO A 412 3.61 22.13 -2.19
N GLY A 413 2.35 22.36 -2.55
CA GLY A 413 1.97 22.45 -3.94
C GLY A 413 2.18 23.83 -4.50
N ASN A 414 1.93 23.96 -5.80
CA ASN A 414 1.99 25.23 -6.50
C ASN A 414 0.57 25.73 -6.75
N PHE A 415 0.34 27.01 -6.50
CA PHE A 415 -0.99 27.58 -6.61
C PHE A 415 -1.18 28.21 -7.98
N ASN A 416 -2.17 27.72 -8.71
CA ASN A 416 -2.54 28.27 -10.01
C ASN A 416 -3.57 29.37 -9.76
N LYS A 417 -3.12 30.62 -9.69
CA LYS A 417 -3.98 31.70 -9.27
C LYS A 417 -4.94 32.16 -10.36
N ASP A 418 -4.56 32.04 -11.63
CA ASP A 418 -5.43 32.45 -12.72
C ASP A 418 -6.72 31.65 -12.73
N PHE A 419 -6.61 30.33 -12.60
CA PHE A 419 -7.80 29.48 -12.60
C PHE A 419 -8.66 29.75 -11.37
N TYR A 420 -8.03 29.96 -10.22
CA TYR A 420 -8.79 30.25 -9.01
C TYR A 420 -9.56 31.56 -9.14
N ASP A 421 -8.91 32.60 -9.67
CA ASP A 421 -9.59 33.87 -9.87
C ASP A 421 -10.74 33.74 -10.87
N PHE A 422 -10.52 33.00 -11.96
CA PHE A 422 -11.59 32.78 -12.93
C PHE A 422 -12.78 32.09 -12.27
N ALA A 423 -12.52 31.01 -11.53
CA ALA A 423 -13.59 30.28 -10.88
C ALA A 423 -14.34 31.16 -9.88
N VAL A 424 -13.60 31.98 -9.12
CA VAL A 424 -14.26 32.88 -8.18
C VAL A 424 -15.15 33.87 -8.91
N SER A 425 -14.68 34.43 -10.03
CA SER A 425 -15.51 35.35 -10.78
C SER A 425 -16.74 34.66 -11.32
N LYS A 426 -16.67 33.35 -11.56
CA LYS A 426 -17.84 32.59 -12.01
C LYS A 426 -18.74 32.13 -10.88
N GLY A 427 -18.44 32.47 -9.64
CA GLY A 427 -19.34 32.23 -8.53
C GLY A 427 -19.05 31.00 -7.69
N PHE A 428 -17.79 30.60 -7.56
CA PHE A 428 -17.41 29.43 -6.80
C PHE A 428 -16.79 29.83 -5.46
N PHE A 429 -16.81 28.88 -4.53
CA PHE A 429 -16.10 28.98 -3.25
C PHE A 429 -16.76 29.93 -2.27
N LYS A 430 -18.03 30.26 -2.48
CA LYS A 430 -18.73 31.13 -1.55
C LYS A 430 -19.08 30.37 -0.27
N GLU A 431 -19.27 31.13 0.81
CA GLU A 431 -19.62 30.52 2.08
C GLU A 431 -20.95 29.80 1.98
N GLY A 432 -21.05 28.67 2.69
CA GLY A 432 -22.27 27.88 2.64
C GLY A 432 -22.56 27.31 1.26
N SER A 433 -21.54 26.77 0.61
CA SER A 433 -21.67 26.16 -0.71
C SER A 433 -21.35 24.68 -0.60
N SER A 434 -22.01 23.88 -1.45
CA SER A 434 -21.85 22.44 -1.40
C SER A 434 -20.53 21.96 -2.00
N VAL A 435 -19.87 22.79 -2.81
CA VAL A 435 -18.60 22.42 -3.45
C VAL A 435 -17.52 23.28 -2.82
N GLU A 436 -16.59 22.63 -2.11
CA GLU A 436 -15.50 23.34 -1.45
C GLU A 436 -14.21 22.55 -1.62
N LEU A 437 -13.09 23.24 -1.48
CA LEU A 437 -11.78 22.61 -1.64
C LEU A 437 -11.49 21.67 -0.47
N LYS A 438 -11.12 20.44 -0.80
CA LYS A 438 -10.73 19.44 0.20
C LYS A 438 -9.45 18.71 -0.16
N HIS A 439 -8.94 18.83 -1.38
CA HIS A 439 -7.76 18.10 -1.82
C HIS A 439 -6.61 19.08 -2.01
N PHE A 440 -5.52 18.84 -1.28
CA PHE A 440 -4.34 19.70 -1.30
C PHE A 440 -3.10 18.82 -1.39
N PHE A 441 -1.96 19.47 -1.56
CA PHE A 441 -0.65 18.84 -1.35
C PHE A 441 -0.23 19.13 0.08
N PHE A 442 -0.18 18.10 0.92
CA PHE A 442 0.24 18.24 2.30
C PHE A 442 1.75 18.09 2.40
N ALA A 443 2.39 19.04 3.06
CA ALA A 443 3.83 19.04 3.23
C ALA A 443 4.23 18.22 4.45
N GLN A 444 5.43 17.64 4.38
CA GLN A 444 5.98 16.81 5.44
C GLN A 444 7.39 17.28 5.76
N ASP A 445 7.82 17.00 6.99
CA ASP A 445 9.17 17.33 7.42
C ASP A 445 10.10 16.14 7.18
N GLY A 446 11.29 16.17 7.76
CA GLY A 446 12.35 15.23 7.46
C GLY A 446 12.25 13.86 8.06
N ASN A 447 11.19 13.55 8.81
CA ASN A 447 10.98 12.22 9.39
C ASN A 447 9.76 11.54 8.79
N ALA A 448 9.55 11.71 7.49
CA ALA A 448 8.32 11.29 6.83
C ALA A 448 8.40 9.86 6.32
N ALA A 449 9.43 9.55 5.54
CA ALA A 449 9.57 8.21 4.98
C ALA A 449 9.71 7.17 6.08
N ILE A 450 10.48 7.49 7.12
CA ILE A 450 10.67 6.54 8.20
C ILE A 450 9.36 6.29 8.95
N SER A 451 8.52 7.33 9.07
CA SER A 451 7.23 7.14 9.74
C SER A 451 6.29 6.28 8.91
N ASP A 452 6.20 6.56 7.62
CA ASP A 452 5.35 5.72 6.78
C ASP A 452 5.87 4.29 6.73
N TYR A 453 7.18 4.10 6.76
CA TYR A 453 7.72 2.75 6.86
C TYR A 453 7.35 2.10 8.19
N ASP A 454 7.47 2.84 9.30
CA ASP A 454 7.14 2.31 10.61
C ASP A 454 5.69 1.89 10.70
N TYR A 455 4.83 2.39 9.81
CA TYR A 455 3.46 1.85 9.76
C TYR A 455 3.43 0.34 9.52
N TYR A 456 4.55 -0.30 9.19
CA TYR A 456 4.58 -1.76 9.07
C TYR A 456 4.52 -2.47 10.42
N ARG A 457 4.36 -1.74 11.53
CA ARG A 457 4.16 -2.36 12.83
C ARG A 457 2.81 -3.04 12.96
N TYR A 458 1.90 -2.81 12.01
CA TYR A 458 0.58 -3.41 12.02
C TYR A 458 0.57 -4.82 11.44
N ASN A 459 1.70 -5.30 10.95
CA ASN A 459 1.82 -6.67 10.46
C ASN A 459 2.26 -7.56 11.62
N LEU A 460 1.45 -8.56 11.94
CA LEU A 460 1.70 -9.47 13.04
C LEU A 460 1.70 -10.91 12.54
N PRO A 461 2.41 -11.81 13.21
CA PRO A 461 2.32 -13.23 12.86
C PRO A 461 0.91 -13.75 13.10
N THR A 462 0.35 -14.41 12.09
CA THR A 462 -1.02 -14.88 12.11
C THR A 462 -1.06 -16.33 11.64
N MET A 463 -1.44 -17.24 12.53
CA MET A 463 -1.68 -18.63 12.18
C MET A 463 -3.15 -18.79 11.81
N CYS A 464 -3.41 -19.57 10.77
CA CYS A 464 -4.74 -19.71 10.19
C CYS A 464 -5.36 -21.04 10.57
N ASP A 465 -6.67 -21.15 10.33
CA ASP A 465 -7.38 -22.43 10.31
C ASP A 465 -7.01 -23.13 9.00
N ILE A 466 -6.16 -24.14 9.09
CA ILE A 466 -5.57 -24.72 7.89
C ILE A 466 -6.59 -25.53 7.11
N ARG A 467 -7.46 -26.25 7.80
CA ARG A 467 -8.48 -27.03 7.10
C ARG A 467 -9.47 -26.14 6.38
N GLN A 468 -9.77 -24.97 6.96
CA GLN A 468 -10.63 -24.00 6.29
C GLN A 468 -9.93 -23.37 5.09
N LEU A 469 -8.66 -23.00 5.26
CA LEU A 469 -7.92 -22.37 4.16
C LEU A 469 -7.73 -23.31 3.00
N LEU A 470 -7.55 -24.61 3.27
CA LEU A 470 -7.32 -25.57 2.19
C LEU A 470 -8.55 -25.80 1.34
N PHE A 471 -9.75 -25.51 1.87
CA PHE A 471 -10.96 -25.53 1.06
C PHE A 471 -11.20 -24.20 0.36
N VAL A 472 -10.93 -23.10 1.08
CA VAL A 472 -11.12 -21.78 0.49
C VAL A 472 -10.22 -21.59 -0.70
N VAL A 473 -9.01 -22.17 -0.67
CA VAL A 473 -8.09 -21.99 -1.80
C VAL A 473 -8.59 -22.72 -3.03
N GLU A 474 -9.16 -23.92 -2.84
CA GLU A 474 -9.74 -24.65 -3.96
C GLU A 474 -10.92 -23.89 -4.56
N VAL A 475 -11.74 -23.26 -3.71
CA VAL A 475 -12.86 -22.47 -4.24
C VAL A 475 -12.35 -21.21 -4.94
N VAL A 476 -11.33 -20.56 -4.37
CA VAL A 476 -10.78 -19.34 -4.96
C VAL A 476 -10.14 -19.62 -6.31
N ASP A 477 -9.56 -20.80 -6.49
CA ASP A 477 -8.97 -21.16 -7.76
C ASP A 477 -10.00 -21.36 -8.87
N LYS A 478 -11.30 -21.42 -8.53
CA LYS A 478 -12.33 -21.53 -9.55
C LYS A 478 -12.61 -20.20 -10.23
N TYR A 479 -12.37 -19.08 -9.54
CA TYR A 479 -12.54 -17.77 -10.15
C TYR A 479 -11.45 -17.45 -11.16
N PHE A 480 -10.41 -18.27 -11.26
CA PHE A 480 -9.27 -18.02 -12.14
C PHE A 480 -9.10 -19.15 -13.16
N ASP A 481 -10.19 -19.82 -13.52
CA ASP A 481 -10.13 -20.97 -14.42
C ASP A 481 -10.30 -20.59 -15.89
N CYS A 482 -10.71 -19.36 -16.19
CA CYS A 482 -10.91 -18.93 -17.57
C CYS A 482 -9.67 -18.32 -18.19
N TYR A 483 -8.56 -18.25 -17.47
CA TYR A 483 -7.35 -17.59 -17.93
C TYR A 483 -6.29 -18.62 -18.29
N ASP A 484 -5.27 -18.16 -19.02
CA ASP A 484 -4.16 -19.01 -19.43
C ASP A 484 -2.84 -18.35 -19.03
N GLY A 485 -1.91 -19.15 -18.54
CA GLY A 485 -0.63 -18.65 -18.08
C GLY A 485 0.49 -19.63 -18.35
N GLY A 486 1.69 -19.18 -18.08
CA GLY A 486 2.89 -19.97 -18.33
C GLY A 486 4.08 -19.08 -18.57
N CYS A 487 5.25 -19.70 -18.59
CA CYS A 487 6.50 -18.97 -18.79
C CYS A 487 6.66 -18.58 -20.25
N ILE A 488 7.21 -17.38 -20.48
CA ILE A 488 7.48 -16.88 -21.82
C ILE A 488 8.98 -16.64 -21.95
N ASN A 489 9.42 -16.44 -23.18
CA ASN A 489 10.82 -16.17 -23.47
C ASN A 489 11.12 -14.69 -23.24
N ALA A 490 12.41 -14.36 -23.23
CA ALA A 490 12.83 -13.00 -22.94
C ALA A 490 12.41 -12.02 -24.04
N ASN A 491 12.14 -12.50 -25.25
CA ASN A 491 11.72 -11.64 -26.35
C ASN A 491 10.21 -11.50 -26.47
N GLN A 492 9.44 -12.21 -25.65
CA GLN A 492 7.99 -12.08 -25.63
C GLN A 492 7.50 -11.11 -24.57
N VAL A 493 8.41 -10.53 -23.78
CA VAL A 493 8.02 -9.69 -22.66
C VAL A 493 7.74 -8.28 -23.15
N ILE A 494 6.77 -7.63 -22.53
CA ILE A 494 6.36 -6.27 -22.88
C ILE A 494 6.65 -5.38 -21.68
N VAL A 495 7.50 -4.38 -21.89
CA VAL A 495 7.84 -3.40 -20.85
C VAL A 495 7.24 -2.07 -21.25
N ASN A 496 6.31 -1.58 -20.44
CA ASN A 496 5.52 -0.41 -20.83
C ASN A 496 6.38 0.85 -20.89
N ASN A 497 7.15 1.12 -19.85
CA ASN A 497 8.00 2.31 -19.79
C ASN A 497 9.39 1.91 -19.33
N LEU A 498 10.40 2.21 -20.13
CA LEU A 498 11.77 1.86 -19.83
C LEU A 498 12.56 3.00 -19.20
N ASP A 499 11.92 4.14 -18.94
CA ASP A 499 12.58 5.28 -18.32
C ASP A 499 12.31 5.35 -16.83
N LYS A 500 12.05 4.21 -16.19
CA LYS A 500 11.82 4.14 -14.77
C LYS A 500 13.11 3.79 -14.04
N SER A 501 13.06 3.87 -12.72
CA SER A 501 14.22 3.55 -11.90
C SER A 501 14.47 2.05 -11.89
N ALA A 502 15.75 1.68 -11.82
CA ALA A 502 16.16 0.29 -11.74
C ALA A 502 16.33 -0.21 -10.32
N GLY A 503 16.26 0.66 -9.32
CA GLY A 503 16.40 0.26 -7.94
C GLY A 503 17.84 0.23 -7.48
N PHE A 504 18.00 0.07 -6.17
CA PHE A 504 19.32 0.05 -5.56
C PHE A 504 19.99 -1.30 -5.82
N PRO A 505 21.30 -1.32 -6.16
CA PRO A 505 22.21 -0.20 -6.41
C PRO A 505 22.20 0.29 -7.85
N PHE A 506 21.32 -0.26 -8.68
CA PHE A 506 21.37 -0.03 -10.11
C PHE A 506 20.97 1.38 -10.51
N ASN A 507 20.34 2.14 -9.61
CA ASN A 507 19.90 3.48 -9.95
C ASN A 507 21.05 4.47 -10.01
N LYS A 508 22.26 4.09 -9.63
CA LYS A 508 23.40 4.99 -9.71
C LYS A 508 24.19 4.81 -10.99
N TRP A 509 23.74 3.97 -11.92
CA TRP A 509 24.40 3.79 -13.21
C TRP A 509 23.48 3.99 -14.40
N GLY A 510 22.16 3.93 -14.23
CA GLY A 510 21.26 4.15 -15.34
C GLY A 510 19.84 3.78 -14.97
N LYS A 511 18.97 3.81 -15.98
CA LYS A 511 17.57 3.44 -15.85
C LYS A 511 17.37 1.98 -16.25
N ALA A 512 16.12 1.54 -16.23
CA ALA A 512 15.81 0.18 -16.66
C ALA A 512 16.21 -0.06 -18.11
N ARG A 513 16.23 1.00 -18.92
CA ARG A 513 16.63 0.87 -20.32
C ARG A 513 18.07 0.41 -20.43
N LEU A 514 18.95 0.95 -19.58
CA LEU A 514 20.36 0.55 -19.62
C LEU A 514 20.50 -0.96 -19.48
N TYR A 515 19.74 -1.56 -18.57
CA TYR A 515 19.92 -2.98 -18.27
C TYR A 515 19.13 -3.86 -19.22
N TYR A 516 18.02 -3.37 -19.78
CA TYR A 516 17.35 -4.15 -20.81
C TYR A 516 18.08 -4.10 -22.13
N ASP A 517 18.92 -3.08 -22.36
CA ASP A 517 19.74 -3.02 -23.57
C ASP A 517 21.07 -3.74 -23.42
N SER A 518 21.71 -3.64 -22.25
CA SER A 518 22.99 -4.30 -22.05
C SER A 518 22.85 -5.81 -22.11
N MET A 519 21.76 -6.35 -21.56
CA MET A 519 21.52 -7.79 -21.55
C MET A 519 20.88 -8.22 -22.85
N SER A 520 21.45 -9.25 -23.47
CA SER A 520 20.82 -9.91 -24.60
C SER A 520 19.75 -10.87 -24.11
N TYR A 521 18.91 -11.34 -25.04
CA TYR A 521 17.86 -12.28 -24.66
C TYR A 521 18.43 -13.55 -24.05
N GLU A 522 19.61 -13.97 -24.49
CA GLU A 522 20.24 -15.14 -23.90
C GLU A 522 20.63 -14.90 -22.44
N ASP A 523 21.15 -13.71 -22.13
CA ASP A 523 21.48 -13.38 -20.76
C ASP A 523 20.24 -13.36 -19.88
N GLN A 524 19.15 -12.77 -20.38
CA GLN A 524 17.91 -12.72 -19.62
C GLN A 524 17.34 -14.12 -19.38
N ASP A 525 17.41 -14.98 -20.41
CA ASP A 525 16.95 -16.36 -20.24
C ASP A 525 17.83 -17.13 -19.28
N ALA A 526 19.15 -16.86 -19.29
CA ALA A 526 20.04 -17.51 -18.34
C ALA A 526 19.75 -17.08 -16.91
N LEU A 527 19.47 -15.79 -16.69
CA LEU A 527 19.08 -15.33 -15.36
C LEU A 527 17.77 -15.98 -14.91
N PHE A 528 16.80 -16.09 -15.82
CA PHE A 528 15.54 -16.73 -15.45
C PHE A 528 15.74 -18.21 -15.12
N ALA A 529 16.57 -18.91 -15.89
CA ALA A 529 16.88 -20.30 -15.58
C ALA A 529 17.62 -20.42 -14.27
N TYR A 530 18.45 -19.44 -13.93
CA TYR A 530 19.15 -19.44 -12.65
C TYR A 530 18.16 -19.36 -11.48
N THR A 531 17.15 -18.50 -11.60
CA THR A 531 16.24 -18.30 -10.47
C THR A 531 15.37 -19.52 -10.16
N LYS A 532 15.37 -20.55 -11.00
CA LYS A 532 14.60 -21.76 -10.75
C LYS A 532 15.39 -22.82 -9.98
N ARG A 533 16.66 -22.55 -9.66
CA ARG A 533 17.47 -23.44 -8.85
C ARG A 533 18.13 -22.72 -7.69
N ASN A 534 18.07 -21.39 -7.62
CA ASN A 534 18.78 -20.61 -6.64
C ASN A 534 17.89 -19.48 -6.17
N VAL A 535 18.22 -18.93 -5.01
CA VAL A 535 17.50 -17.80 -4.42
C VAL A 535 18.38 -16.56 -4.56
N ILE A 536 17.80 -15.49 -5.05
CA ILE A 536 18.51 -14.22 -5.19
C ILE A 536 17.87 -13.20 -4.24
N PRO A 537 18.47 -12.92 -3.08
CA PRO A 537 17.94 -11.84 -2.25
C PRO A 537 18.17 -10.48 -2.91
N THR A 538 17.26 -9.55 -2.63
CA THR A 538 17.25 -8.27 -3.30
C THR A 538 17.00 -7.16 -2.29
N ILE A 539 17.47 -5.96 -2.61
CA ILE A 539 17.25 -4.76 -1.81
C ILE A 539 16.13 -3.94 -2.45
N THR A 540 15.22 -3.46 -1.63
CA THR A 540 14.09 -2.65 -2.08
C THR A 540 14.23 -1.24 -1.52
N GLN A 541 13.94 -0.24 -2.35
CA GLN A 541 14.03 1.16 -1.97
C GLN A 541 12.63 1.68 -1.66
N MET A 542 12.54 2.58 -0.69
CA MET A 542 11.26 3.20 -0.33
C MET A 542 11.25 4.63 -0.83
N ASN A 543 10.27 4.96 -1.67
CA ASN A 543 10.20 6.24 -2.36
C ASN A 543 8.89 6.94 -1.99
N LEU A 544 8.98 8.21 -1.62
CA LEU A 544 7.79 8.97 -1.28
C LEU A 544 7.02 9.39 -2.52
N LYS A 545 5.70 9.41 -2.42
CA LYS A 545 4.85 9.91 -3.48
C LYS A 545 4.53 11.39 -3.27
N TYR A 546 4.30 12.09 -4.38
CA TYR A 546 3.95 13.51 -4.37
C TYR A 546 2.63 13.64 -5.14
N ALA A 547 1.52 13.58 -4.42
CA ALA A 547 0.20 13.58 -5.02
C ALA A 547 -0.75 14.44 -4.20
N ILE A 548 -1.88 14.78 -4.81
CA ILE A 548 -2.92 15.55 -4.15
C ILE A 548 -3.81 14.59 -3.37
N SER A 549 -4.25 15.02 -2.19
CA SER A 549 -5.00 14.14 -1.31
C SER A 549 -5.87 14.95 -0.38
N ALA A 550 -6.92 14.29 0.13
CA ALA A 550 -7.75 14.85 1.19
C ALA A 550 -7.29 14.43 2.58
N LYS A 551 -6.35 13.49 2.68
CA LYS A 551 -5.81 13.03 3.94
C LYS A 551 -4.40 13.57 4.13
N ASN A 552 -3.95 13.59 5.37
CA ASN A 552 -2.65 14.13 5.74
C ASN A 552 -1.51 13.11 5.61
N ARG A 553 -1.81 11.88 5.21
CA ARG A 553 -0.77 10.85 5.11
C ARG A 553 0.21 11.15 3.98
N ALA A 554 1.43 10.62 4.11
CA ALA A 554 2.42 10.62 3.05
C ALA A 554 2.76 9.18 2.71
N ARG A 555 2.37 8.74 1.50
CA ARG A 555 2.54 7.35 1.11
C ARG A 555 3.94 7.09 0.59
N THR A 556 4.42 5.88 0.85
CA THR A 556 5.68 5.38 0.31
C THR A 556 5.40 4.16 -0.56
N VAL A 557 6.06 4.09 -1.71
CA VAL A 557 6.00 2.94 -2.60
C VAL A 557 7.35 2.24 -2.58
N ALA A 558 7.35 1.02 -3.07
CA ALA A 558 8.54 0.17 -3.08
C ALA A 558 9.11 0.10 -4.48
N GLY A 559 10.29 0.69 -4.68
CA GLY A 559 11.06 0.47 -5.88
C GLY A 559 11.89 -0.79 -5.77
N VAL A 560 11.46 -1.83 -6.47
CA VAL A 560 12.13 -3.12 -6.46
C VAL A 560 13.25 -3.12 -7.49
N SER A 561 14.36 -3.77 -7.17
CA SER A 561 15.50 -3.79 -8.07
C SER A 561 15.14 -4.54 -9.35
N ILE A 562 15.80 -4.16 -10.45
CA ILE A 562 15.44 -4.70 -11.75
C ILE A 562 15.72 -6.18 -11.87
N CYS A 563 16.63 -6.72 -11.05
CA CYS A 563 16.89 -8.15 -11.10
C CYS A 563 15.65 -8.95 -10.75
N SER A 564 14.88 -8.48 -9.77
CA SER A 564 13.64 -9.14 -9.40
C SER A 564 12.56 -8.96 -10.46
N THR A 565 12.38 -7.72 -10.92
CA THR A 565 11.30 -7.40 -11.85
C THR A 565 11.47 -8.12 -13.18
N MET A 566 12.71 -8.21 -13.66
CA MET A 566 12.97 -8.80 -14.95
C MET A 566 12.51 -10.26 -15.01
N THR A 567 12.80 -11.04 -13.97
CA THR A 567 12.40 -12.44 -13.94
C THR A 567 10.94 -12.62 -13.54
N ASN A 568 10.42 -11.74 -12.69
CA ASN A 568 9.01 -11.84 -12.31
C ASN A 568 8.10 -11.58 -13.50
N ARG A 569 8.49 -10.66 -14.39
CA ARG A 569 7.72 -10.45 -15.61
C ARG A 569 7.69 -11.71 -16.45
N GLN A 570 8.85 -12.33 -16.67
CA GLN A 570 8.93 -13.56 -17.44
C GLN A 570 8.15 -14.70 -16.81
N PHE A 571 7.93 -14.66 -15.50
CA PHE A 571 7.16 -15.72 -14.84
C PHE A 571 5.65 -15.47 -14.86
N HIS A 572 5.21 -14.21 -14.73
CA HIS A 572 3.80 -13.92 -14.49
C HIS A 572 3.06 -13.16 -15.58
N GLN A 573 3.76 -12.62 -16.59
CA GLN A 573 3.12 -11.63 -17.46
C GLN A 573 2.04 -12.23 -18.33
N LYS A 574 2.19 -13.49 -18.75
CA LYS A 574 1.18 -14.10 -19.61
C LYS A 574 -0.17 -14.18 -18.90
N LEU A 575 -0.18 -14.67 -17.66
CA LEU A 575 -1.42 -14.73 -16.90
C LEU A 575 -1.93 -13.33 -16.59
N LEU A 576 -1.03 -12.38 -16.30
CA LEU A 576 -1.47 -11.02 -16.02
C LEU A 576 -2.20 -10.42 -17.22
N LYS A 577 -1.63 -10.60 -18.43
CA LYS A 577 -2.27 -10.10 -19.64
C LYS A 577 -3.58 -10.82 -19.91
N SER A 578 -3.62 -12.13 -19.70
CA SER A 578 -4.86 -12.87 -19.91
C SER A 578 -5.97 -12.38 -19.00
N ILE A 579 -5.65 -12.10 -17.73
CA ILE A 579 -6.63 -11.53 -16.82
C ILE A 579 -7.08 -10.16 -17.31
N ALA A 580 -6.12 -9.31 -17.70
CA ALA A 580 -6.44 -7.94 -18.08
C ALA A 580 -7.18 -7.83 -19.40
N ALA A 581 -7.23 -8.88 -20.20
CA ALA A 581 -7.86 -8.83 -21.51
C ALA A 581 -9.25 -9.48 -21.53
N THR A 582 -9.81 -9.82 -20.38
CA THR A 582 -11.06 -10.57 -20.31
C THR A 582 -12.19 -9.67 -19.81
N ARG A 583 -13.39 -9.88 -20.35
CA ARG A 583 -14.57 -9.11 -20.00
C ARG A 583 -15.64 -10.04 -19.46
N GLY A 584 -16.42 -9.54 -18.51
CA GLY A 584 -17.50 -10.31 -17.93
C GLY A 584 -17.09 -11.21 -16.78
N ALA A 585 -15.89 -11.06 -16.26
CA ALA A 585 -15.40 -11.88 -15.15
C ALA A 585 -15.58 -11.14 -13.83
N THR A 586 -15.16 -11.79 -12.74
CA THR A 586 -15.24 -11.15 -11.43
C THR A 586 -14.17 -10.07 -11.29
N VAL A 587 -12.94 -10.36 -11.69
CA VAL A 587 -11.87 -9.37 -11.66
C VAL A 587 -12.02 -8.46 -12.88
N VAL A 588 -12.05 -7.15 -12.64
CA VAL A 588 -12.35 -6.18 -13.68
C VAL A 588 -11.14 -5.29 -13.93
N ILE A 589 -9.94 -5.82 -13.73
CA ILE A 589 -8.74 -5.13 -14.17
C ILE A 589 -8.67 -5.15 -15.69
N GLY A 590 -8.32 -4.01 -16.28
CA GLY A 590 -8.21 -3.90 -17.71
C GLY A 590 -9.46 -3.45 -18.42
N THR A 591 -10.57 -3.26 -17.70
CA THR A 591 -11.82 -2.80 -18.28
C THR A 591 -11.94 -1.29 -18.09
N SER A 592 -12.25 -0.57 -19.16
CA SER A 592 -12.42 0.87 -19.10
C SER A 592 -13.85 1.23 -18.74
N LYS A 593 -14.01 2.41 -18.13
CA LYS A 593 -15.33 2.92 -17.78
C LYS A 593 -15.95 3.74 -18.90
N PHE A 594 -15.22 3.97 -19.99
CA PHE A 594 -15.71 4.79 -21.10
C PHE A 594 -16.47 3.94 -22.10
N TYR A 595 -17.30 4.61 -22.89
CA TYR A 595 -18.04 3.98 -23.99
C TYR A 595 -18.99 2.90 -23.48
N GLY A 596 -19.60 3.12 -22.32
CA GLY A 596 -20.55 2.19 -21.76
C GLY A 596 -19.96 1.06 -20.94
N GLY A 597 -18.67 1.11 -20.62
CA GLY A 597 -18.07 0.04 -19.83
C GLY A 597 -18.59 -0.02 -18.41
N TRP A 598 -18.86 1.14 -17.82
CA TRP A 598 -19.39 1.20 -16.46
C TRP A 598 -20.76 0.53 -16.37
N HIS A 599 -21.63 0.84 -17.34
CA HIS A 599 -22.95 0.23 -17.39
C HIS A 599 -22.85 -1.28 -17.59
N ASN A 600 -21.93 -1.73 -18.44
CA ASN A 600 -21.73 -3.15 -18.65
C ASN A 600 -21.26 -3.85 -17.37
N MET A 601 -20.31 -3.24 -16.67
CA MET A 601 -19.81 -3.83 -15.43
C MET A 601 -20.93 -3.94 -14.39
N LEU A 602 -21.73 -2.89 -14.25
CA LEU A 602 -22.81 -2.92 -13.25
C LEU A 602 -23.87 -3.96 -13.62
N LYS A 603 -24.22 -4.06 -14.91
CA LYS A 603 -25.20 -5.07 -15.30
C LYS A 603 -24.65 -6.49 -15.18
N THR A 604 -23.33 -6.65 -15.29
CA THR A 604 -22.75 -7.98 -15.11
C THR A 604 -22.72 -8.37 -13.65
N VAL A 605 -22.39 -7.44 -12.75
CA VAL A 605 -22.38 -7.76 -11.33
C VAL A 605 -23.80 -7.98 -10.83
N TYR A 606 -24.78 -7.23 -11.34
CA TYR A 606 -26.16 -7.43 -10.91
C TYR A 606 -26.63 -8.85 -11.23
N SER A 607 -26.27 -9.35 -12.41
CA SER A 607 -26.50 -10.75 -12.78
C SER A 607 -28.00 -11.05 -12.62
N ASP A 608 -28.39 -12.12 -11.94
CA ASP A 608 -29.80 -12.45 -11.74
C ASP A 608 -30.04 -12.87 -10.30
N VAL A 609 -29.55 -12.07 -9.36
CA VAL A 609 -29.78 -12.33 -7.94
C VAL A 609 -31.25 -12.08 -7.61
N GLU A 610 -31.75 -12.78 -6.60
CA GLU A 610 -33.19 -12.87 -6.38
C GLU A 610 -33.73 -11.67 -5.63
N ASN A 611 -33.12 -11.32 -4.50
CA ASN A 611 -33.59 -10.21 -3.64
C ASN A 611 -32.43 -9.25 -3.46
N PRO A 612 -32.07 -8.51 -4.51
CA PRO A 612 -30.75 -7.88 -4.57
C PRO A 612 -30.58 -6.78 -3.54
N HIS A 613 -29.42 -6.79 -2.87
CA HIS A 613 -28.91 -5.65 -2.15
C HIS A 613 -27.43 -5.51 -2.50
N LEU A 614 -26.90 -4.29 -2.41
CA LEU A 614 -25.51 -4.02 -2.72
C LEU A 614 -24.74 -3.73 -1.44
N MET A 615 -23.47 -4.14 -1.41
CA MET A 615 -22.59 -3.71 -0.33
C MET A 615 -21.17 -3.63 -0.86
N GLY A 616 -20.33 -2.93 -0.12
CA GLY A 616 -18.96 -2.75 -0.55
C GLY A 616 -18.08 -2.32 0.60
N TRP A 617 -16.77 -2.44 0.38
CA TRP A 617 -15.78 -2.15 1.41
C TRP A 617 -14.48 -1.72 0.75
N ASP A 618 -13.51 -1.39 1.60
CA ASP A 618 -12.19 -0.94 1.20
C ASP A 618 -11.25 -1.24 2.35
N TYR A 619 -10.21 -2.04 2.11
CA TYR A 619 -9.33 -2.43 3.20
C TYR A 619 -8.53 -1.24 3.72
N PRO A 620 -8.37 -1.11 5.03
CA PRO A 620 -7.51 -0.04 5.58
C PRO A 620 -6.05 -0.47 5.62
N LYS A 621 -5.18 0.29 4.95
CA LYS A 621 -3.77 -0.02 4.86
C LYS A 621 -3.54 -1.47 4.43
N CYS A 622 -3.99 -1.75 3.20
CA CYS A 622 -4.04 -3.13 2.74
C CYS A 622 -2.66 -3.77 2.75
N ASP A 623 -1.63 -3.06 2.30
CA ASP A 623 -0.33 -3.68 2.13
C ASP A 623 0.43 -3.86 3.44
N ARG A 624 0.19 -2.99 4.43
CA ARG A 624 0.94 -3.09 5.69
C ARG A 624 0.43 -4.21 6.56
N ALA A 625 -0.88 -4.45 6.57
CA ALA A 625 -1.50 -5.37 7.52
C ALA A 625 -1.79 -6.74 6.93
N MET A 626 -1.42 -6.99 5.68
CA MET A 626 -1.75 -8.28 5.06
C MET A 626 -0.91 -9.39 5.68
N PRO A 627 -1.52 -10.48 6.15
CA PRO A 627 -0.73 -11.59 6.69
C PRO A 627 0.13 -12.26 5.63
N ASN A 628 1.23 -12.85 6.09
CA ASN A 628 2.17 -13.50 5.17
C ASN A 628 1.59 -14.79 4.58
N MET A 629 0.79 -15.53 5.36
CA MET A 629 0.20 -16.75 4.84
C MET A 629 -0.71 -16.47 3.65
N LEU A 630 -1.51 -15.41 3.72
CA LEU A 630 -2.41 -15.08 2.62
C LEU A 630 -1.65 -14.55 1.41
N ARG A 631 -0.53 -13.84 1.63
CA ARG A 631 0.30 -13.43 0.50
C ARG A 631 0.92 -14.63 -0.19
N ILE A 632 1.38 -15.62 0.57
CA ILE A 632 1.90 -16.86 -0.03
C ILE A 632 0.79 -17.60 -0.75
N MET A 633 -0.41 -17.61 -0.19
CA MET A 633 -1.55 -18.24 -0.85
C MET A 633 -1.84 -17.58 -2.19
N ALA A 634 -1.83 -16.24 -2.23
CA ALA A 634 -2.06 -15.52 -3.47
C ALA A 634 -0.98 -15.83 -4.49
N SER A 635 0.28 -15.93 -4.03
CA SER A 635 1.37 -16.28 -4.94
C SER A 635 1.21 -17.69 -5.50
N LEU A 636 0.74 -18.63 -4.67
CA LEU A 636 0.56 -20.01 -5.12
C LEU A 636 -0.62 -20.17 -6.06
N VAL A 637 -1.67 -19.35 -5.90
CA VAL A 637 -2.81 -19.43 -6.79
C VAL A 637 -2.41 -19.03 -8.21
N LEU A 638 -1.53 -18.04 -8.34
CA LEU A 638 -1.14 -17.55 -9.65
C LEU A 638 -0.20 -18.50 -10.37
N ALA A 639 0.53 -19.34 -9.66
CA ALA A 639 1.49 -20.26 -10.26
C ALA A 639 0.85 -21.58 -10.68
N ARG A 640 -0.44 -21.78 -10.45
CA ARG A 640 -1.10 -23.00 -10.87
C ARG A 640 -1.24 -23.08 -12.39
N LYS A 641 -0.90 -22.02 -13.11
CA LYS A 641 -0.87 -22.03 -14.57
C LYS A 641 0.39 -22.65 -15.13
N HIS A 642 1.34 -23.03 -14.27
CA HIS A 642 2.65 -23.53 -14.69
C HIS A 642 2.76 -25.03 -14.52
N THR A 643 1.66 -25.75 -14.76
CA THR A 643 1.62 -27.19 -14.57
C THR A 643 2.32 -27.97 -15.66
N THR A 644 2.70 -27.32 -16.77
CA THR A 644 3.39 -28.00 -17.86
C THR A 644 4.80 -27.46 -18.11
N CYS A 645 5.05 -26.18 -17.84
CA CYS A 645 6.34 -25.58 -18.13
C CYS A 645 7.34 -25.74 -17.00
N CYS A 646 6.88 -26.02 -15.78
CA CYS A 646 7.74 -26.07 -14.60
C CYS A 646 7.49 -27.35 -13.83
N SER A 647 8.52 -27.82 -13.13
CA SER A 647 8.39 -28.93 -12.21
C SER A 647 8.15 -28.40 -10.80
N LEU A 648 7.97 -29.32 -9.85
CA LEU A 648 7.71 -28.91 -8.47
C LEU A 648 8.90 -28.17 -7.88
N SER A 649 10.12 -28.61 -8.19
CA SER A 649 11.31 -27.95 -7.66
C SER A 649 11.44 -26.54 -8.22
N HIS A 650 11.21 -26.38 -9.52
CA HIS A 650 11.28 -25.05 -10.12
C HIS A 650 10.25 -24.12 -9.50
N ARG A 651 9.04 -24.62 -9.26
CA ARG A 651 7.99 -23.79 -8.70
C ARG A 651 8.28 -23.44 -7.25
N PHE A 652 8.85 -24.37 -6.47
CA PHE A 652 9.24 -24.01 -5.11
C PHE A 652 10.31 -22.93 -5.11
N TYR A 653 11.27 -23.02 -6.02
CA TYR A 653 12.33 -22.02 -6.01
C TYR A 653 11.83 -20.67 -6.52
N ARG A 654 10.87 -20.66 -7.44
CA ARG A 654 10.23 -19.40 -7.80
C ARG A 654 9.50 -18.79 -6.61
N LEU A 655 8.79 -19.62 -5.84
CA LEU A 655 8.13 -19.13 -4.63
C LEU A 655 9.13 -18.57 -3.64
N ALA A 656 10.25 -19.26 -3.44
CA ALA A 656 11.27 -18.82 -2.50
C ALA A 656 11.89 -17.50 -2.95
N ASN A 657 12.16 -17.36 -4.25
CA ASN A 657 12.66 -16.09 -4.77
C ASN A 657 11.67 -14.96 -4.48
N GLU A 658 10.40 -15.18 -4.81
CA GLU A 658 9.40 -14.14 -4.58
C GLU A 658 9.32 -13.77 -3.11
N CYS A 659 9.39 -14.76 -2.22
CA CYS A 659 9.34 -14.46 -0.79
C CYS A 659 10.58 -13.70 -0.32
N ALA A 660 11.75 -14.08 -0.79
CA ALA A 660 12.98 -13.40 -0.39
C ALA A 660 13.16 -12.05 -1.06
N GLN A 661 12.32 -11.70 -2.04
CA GLN A 661 12.46 -10.44 -2.77
C GLN A 661 11.39 -9.41 -2.45
N VAL A 662 10.15 -9.81 -2.17
CA VAL A 662 9.08 -8.83 -1.98
C VAL A 662 8.24 -9.11 -0.74
N LEU A 663 8.73 -9.94 0.17
CA LEU A 663 7.99 -10.25 1.40
C LEU A 663 8.76 -10.00 2.68
N SER A 664 10.05 -10.33 2.71
CA SER A 664 10.84 -10.17 3.93
C SER A 664 12.24 -9.63 3.62
N GLU A 665 12.44 -9.04 2.45
CA GLU A 665 13.76 -8.63 2.02
C GLU A 665 14.28 -7.46 2.84
N MET A 666 15.48 -7.00 2.49
CA MET A 666 16.04 -5.79 3.06
C MET A 666 15.44 -4.57 2.40
N VAL A 667 15.20 -3.53 3.20
CA VAL A 667 14.61 -2.29 2.72
C VAL A 667 15.62 -1.17 2.97
N MET A 668 15.85 -0.34 1.96
CA MET A 668 16.68 0.83 2.08
C MET A 668 15.78 2.05 2.28
N CYS A 669 15.98 2.76 3.39
CA CYS A 669 15.19 3.95 3.72
C CYS A 669 16.14 5.00 4.29
N GLY A 670 16.59 5.91 3.45
CA GLY A 670 17.46 6.98 3.90
C GLY A 670 18.91 6.59 4.04
N GLY A 671 19.40 5.68 3.20
CA GLY A 671 20.77 5.24 3.29
C GLY A 671 21.05 4.19 4.34
N SER A 672 20.01 3.52 4.84
CA SER A 672 20.15 2.51 5.87
C SER A 672 19.31 1.30 5.52
N LEU A 673 19.71 0.14 6.03
CA LEU A 673 19.03 -1.13 5.76
C LEU A 673 18.20 -1.56 6.96
N TYR A 674 16.96 -1.94 6.70
CA TYR A 674 16.05 -2.46 7.71
C TYR A 674 15.47 -3.77 7.20
N VAL A 675 14.89 -4.54 8.11
CA VAL A 675 14.26 -5.82 7.79
C VAL A 675 12.75 -5.61 7.80
N LYS A 676 12.12 -5.89 6.67
CA LYS A 676 10.66 -5.74 6.56
C LYS A 676 9.96 -6.91 7.23
N PRO A 677 9.06 -6.67 8.19
CA PRO A 677 8.39 -7.82 8.86
C PRO A 677 7.54 -8.67 7.94
N GLY A 678 6.88 -8.07 6.96
CA GLY A 678 5.99 -8.81 6.10
C GLY A 678 5.07 -7.85 5.36
N GLY A 679 3.97 -8.41 4.87
CA GLY A 679 3.05 -7.65 4.06
C GLY A 679 3.41 -7.72 2.59
N THR A 680 2.88 -6.76 1.83
CA THR A 680 3.15 -6.68 0.40
C THR A 680 3.96 -5.43 0.10
N SER A 681 4.91 -5.56 -0.82
CA SER A 681 5.64 -4.42 -1.36
C SER A 681 4.84 -3.90 -2.54
N SER A 682 4.22 -2.73 -2.37
CA SER A 682 3.50 -2.08 -3.45
C SER A 682 4.50 -1.53 -4.46
N GLY A 683 4.68 -2.24 -5.56
CA GLY A 683 5.71 -1.90 -6.51
C GLY A 683 6.33 -3.13 -7.13
N ASP A 684 5.90 -4.32 -6.70
CA ASP A 684 6.30 -5.55 -7.35
C ASP A 684 5.40 -5.81 -8.56
N ALA A 685 5.71 -6.89 -9.28
CA ALA A 685 5.12 -7.09 -10.60
C ALA A 685 3.67 -7.55 -10.54
N THR A 686 3.21 -8.08 -9.39
CA THR A 686 1.89 -8.69 -9.30
C THR A 686 1.05 -8.08 -8.18
N THR A 687 1.32 -6.82 -7.82
CA THR A 687 0.65 -6.24 -6.65
C THR A 687 -0.86 -6.14 -6.86
N ALA A 688 -1.29 -5.53 -7.96
CA ALA A 688 -2.72 -5.34 -8.20
C ALA A 688 -3.47 -6.64 -8.40
N TYR A 689 -2.81 -7.66 -8.95
CA TYR A 689 -3.44 -8.95 -9.20
C TYR A 689 -3.39 -9.87 -8.00
N ALA A 690 -2.42 -9.69 -7.10
CA ALA A 690 -2.42 -10.43 -5.84
C ALA A 690 -3.42 -9.84 -4.84
N ASN A 691 -3.62 -8.53 -4.89
CA ASN A 691 -4.63 -7.90 -4.05
C ASN A 691 -6.01 -8.48 -4.32
N SER A 692 -6.33 -8.73 -5.60
CA SER A 692 -7.63 -9.29 -5.96
C SER A 692 -7.80 -10.71 -5.42
N VAL A 693 -6.75 -11.53 -5.52
CA VAL A 693 -6.83 -12.89 -4.99
C VAL A 693 -7.08 -12.85 -3.49
N PHE A 694 -6.35 -11.98 -2.79
CA PHE A 694 -6.53 -11.83 -1.35
C PHE A 694 -7.95 -11.37 -1.01
N ASN A 695 -8.49 -10.44 -1.80
CA ASN A 695 -9.83 -9.92 -1.57
C ASN A 695 -10.89 -11.02 -1.69
N ILE A 696 -10.84 -11.79 -2.79
CA ILE A 696 -11.89 -12.79 -2.96
C ILE A 696 -11.69 -13.94 -1.96
N CYS A 697 -10.45 -14.17 -1.53
CA CYS A 697 -10.22 -15.14 -0.46
C CYS A 697 -10.94 -14.73 0.82
N GLN A 698 -10.80 -13.46 1.21
CA GLN A 698 -11.48 -12.99 2.43
C GLN A 698 -12.99 -13.10 2.27
N ALA A 699 -13.52 -12.78 1.09
CA ALA A 699 -14.96 -12.88 0.87
C ALA A 699 -15.47 -14.32 0.99
N VAL A 700 -14.74 -15.27 0.39
CA VAL A 700 -15.15 -16.68 0.47
C VAL A 700 -15.09 -17.17 1.91
N THR A 701 -14.05 -16.75 2.66
CA THR A 701 -13.98 -17.11 4.07
C THR A 701 -15.19 -16.58 4.83
N ALA A 702 -15.58 -15.34 4.55
CA ALA A 702 -16.75 -14.78 5.22
C ALA A 702 -18.00 -15.60 4.95
N ASN A 703 -18.18 -16.04 3.70
CA ASN A 703 -19.36 -16.84 3.38
C ASN A 703 -19.35 -18.19 4.10
N VAL A 704 -18.18 -18.85 4.14
CA VAL A 704 -18.11 -20.14 4.82
C VAL A 704 -18.44 -19.98 6.30
N ASN A 705 -17.89 -18.95 6.93
CA ASN A 705 -18.19 -18.70 8.34
C ASN A 705 -19.67 -18.38 8.55
N ALA A 706 -20.28 -17.64 7.63
CA ALA A 706 -21.70 -17.35 7.74
C ALA A 706 -22.53 -18.63 7.71
N LEU A 707 -22.23 -19.52 6.77
CA LEU A 707 -23.06 -20.71 6.61
C LEU A 707 -22.84 -21.71 7.75
N LEU A 708 -21.61 -21.84 8.24
CA LEU A 708 -21.33 -22.87 9.24
C LEU A 708 -21.70 -22.48 10.66
N SER A 709 -22.02 -21.21 10.93
CA SER A 709 -22.44 -20.80 12.25
C SER A 709 -23.96 -20.64 12.37
N THR A 710 -24.71 -21.12 11.39
CA THR A 710 -26.16 -21.07 11.41
C THR A 710 -26.70 -22.35 12.04
N ASP A 711 -27.75 -22.21 12.82
CA ASP A 711 -28.42 -23.38 13.38
C ASP A 711 -29.04 -24.19 12.25
N GLY A 712 -28.55 -25.41 12.05
CA GLY A 712 -29.04 -26.23 10.96
C GLY A 712 -30.45 -26.74 11.16
N ASN A 713 -30.90 -26.85 12.41
CA ASN A 713 -32.25 -27.33 12.67
C ASN A 713 -33.31 -26.34 12.23
N LYS A 714 -32.95 -25.07 12.06
CA LYS A 714 -33.91 -24.01 11.73
C LYS A 714 -33.74 -23.52 10.29
N ILE A 715 -33.17 -24.32 9.40
CA ILE A 715 -33.09 -24.01 7.98
C ILE A 715 -34.25 -24.71 7.30
N ALA A 716 -35.11 -23.93 6.64
CA ALA A 716 -36.29 -24.50 6.01
C ALA A 716 -35.94 -25.31 4.78
N ASP A 717 -35.08 -24.77 3.91
CA ASP A 717 -34.74 -25.45 2.67
C ASP A 717 -33.86 -26.66 2.93
N LYS A 718 -34.22 -27.78 2.32
CA LYS A 718 -33.42 -29.00 2.50
C LYS A 718 -32.11 -28.94 1.72
N TYR A 719 -32.12 -28.25 0.57
CA TYR A 719 -30.89 -28.13 -0.21
C TYR A 719 -29.79 -27.43 0.57
N VAL A 720 -30.13 -26.33 1.26
CA VAL A 720 -29.12 -25.58 1.98
C VAL A 720 -28.66 -26.33 3.22
N ARG A 721 -29.56 -27.08 3.86
CA ARG A 721 -29.14 -27.90 4.99
C ARG A 721 -28.16 -28.98 4.57
N ASN A 722 -28.46 -29.66 3.45
CA ASN A 722 -27.51 -30.63 2.93
C ASN A 722 -26.19 -29.98 2.53
N LEU A 723 -26.26 -28.77 1.98
CA LEU A 723 -25.06 -28.04 1.61
C LEU A 723 -24.19 -27.76 2.83
N GLN A 724 -24.82 -27.34 3.94
CA GLN A 724 -24.06 -27.07 5.16
C GLN A 724 -23.43 -28.34 5.71
N HIS A 725 -24.17 -29.44 5.72
CA HIS A 725 -23.62 -30.70 6.20
C HIS A 725 -22.40 -31.11 5.36
N ARG A 726 -22.53 -31.05 4.04
CA ARG A 726 -21.42 -31.39 3.16
C ARG A 726 -20.24 -30.44 3.33
N LEU A 727 -20.52 -29.16 3.57
CA LEU A 727 -19.44 -28.20 3.77
C LEU A 727 -18.63 -28.54 5.01
N TYR A 728 -19.31 -28.87 6.11
CA TYR A 728 -18.58 -29.28 7.31
C TYR A 728 -17.75 -30.53 7.05
N GLU A 729 -18.34 -31.52 6.38
CA GLU A 729 -17.59 -32.73 6.07
C GLU A 729 -16.35 -32.43 5.26
N CYS A 730 -16.49 -31.65 4.19
CA CYS A 730 -15.36 -31.34 3.32
C CYS A 730 -14.33 -30.46 3.99
N LEU A 731 -14.71 -29.71 5.02
CA LEU A 731 -13.73 -28.90 5.74
C LEU A 731 -12.94 -29.73 6.73
N TYR A 732 -13.61 -30.48 7.60
CA TYR A 732 -12.95 -31.08 8.76
C TYR A 732 -12.93 -32.60 8.78
N ARG A 733 -13.70 -33.29 7.93
CA ARG A 733 -13.72 -34.74 7.92
C ARG A 733 -13.16 -35.36 6.65
N ASN A 734 -12.92 -34.56 5.61
CA ASN A 734 -12.43 -35.05 4.33
C ASN A 734 -11.02 -34.52 4.11
N ARG A 735 -10.12 -35.39 3.68
CA ARG A 735 -8.71 -35.05 3.52
C ARG A 735 -8.34 -34.70 2.09
N ASP A 736 -8.92 -35.38 1.11
CA ASP A 736 -8.66 -35.10 -0.29
C ASP A 736 -9.73 -34.18 -0.86
N VAL A 737 -9.36 -33.43 -1.89
CA VAL A 737 -10.26 -32.45 -2.48
C VAL A 737 -11.43 -33.15 -3.16
N ASP A 738 -12.65 -32.70 -2.86
CA ASP A 738 -13.85 -33.17 -3.52
C ASP A 738 -14.24 -32.14 -4.57
N THR A 739 -14.01 -32.47 -5.84
CA THR A 739 -14.21 -31.50 -6.91
C THR A 739 -15.69 -31.22 -7.15
N ASP A 740 -16.55 -32.24 -7.00
CA ASP A 740 -17.98 -32.03 -7.22
C ASP A 740 -18.55 -31.01 -6.23
N PHE A 741 -18.20 -31.13 -4.95
CA PHE A 741 -18.72 -30.18 -3.98
C PHE A 741 -18.10 -28.80 -4.17
N VAL A 742 -16.85 -28.71 -4.62
CA VAL A 742 -16.29 -27.41 -4.92
C VAL A 742 -17.06 -26.74 -6.04
N ASN A 743 -17.42 -27.50 -7.08
CA ASN A 743 -18.24 -26.96 -8.14
C ASN A 743 -19.60 -26.50 -7.61
N GLU A 744 -20.22 -27.32 -6.75
CA GLU A 744 -21.53 -26.98 -6.21
C GLU A 744 -21.48 -25.70 -5.38
N PHE A 745 -20.46 -25.57 -4.52
CA PHE A 745 -20.35 -24.39 -3.68
C PHE A 745 -20.03 -23.15 -4.50
N TYR A 746 -19.20 -23.30 -5.54
CA TYR A 746 -18.90 -22.19 -6.42
C TYR A 746 -20.16 -21.71 -7.14
N ALA A 747 -20.99 -22.66 -7.61
CA ALA A 747 -22.25 -22.28 -8.24
C ALA A 747 -23.18 -21.57 -7.27
N TYR A 748 -23.24 -22.06 -6.03
CA TYR A 748 -24.05 -21.40 -5.01
C TYR A 748 -23.62 -19.95 -4.80
N LEU A 749 -22.32 -19.73 -4.64
CA LEU A 749 -21.82 -18.37 -4.46
C LEU A 749 -22.10 -17.50 -5.66
N ARG A 750 -21.87 -18.02 -6.87
CA ARG A 750 -22.15 -17.24 -8.07
C ARG A 750 -23.62 -16.86 -8.13
N LYS A 751 -24.50 -17.78 -7.75
CA LYS A 751 -25.94 -17.53 -7.84
C LYS A 751 -26.39 -16.48 -6.83
N HIS A 752 -25.85 -16.49 -5.61
CA HIS A 752 -26.37 -15.65 -4.54
C HIS A 752 -25.43 -14.57 -4.03
N PHE A 753 -24.17 -14.53 -4.48
CA PHE A 753 -23.17 -13.62 -3.93
C PHE A 753 -22.31 -13.01 -5.03
N SER A 754 -22.95 -12.38 -6.03
CA SER A 754 -22.20 -11.86 -7.17
C SER A 754 -21.22 -10.78 -6.73
N MET A 755 -20.01 -10.78 -7.32
CA MET A 755 -18.92 -9.90 -6.90
C MET A 755 -18.29 -9.19 -8.09
N MET A 756 -17.72 -8.03 -7.80
CA MET A 756 -16.93 -7.24 -8.75
C MET A 756 -15.71 -6.73 -7.99
N ILE A 757 -14.52 -7.21 -8.38
CA ILE A 757 -13.30 -7.05 -7.60
C ILE A 757 -12.27 -6.28 -8.43
N LEU A 758 -11.65 -5.27 -7.82
CA LEU A 758 -10.52 -4.56 -8.42
C LEU A 758 -9.55 -4.23 -7.30
N SER A 759 -8.50 -5.04 -7.19
CA SER A 759 -7.48 -4.89 -6.14
C SER A 759 -8.19 -4.96 -4.79
N ASP A 760 -8.07 -3.96 -3.92
CA ASP A 760 -8.72 -3.99 -2.62
C ASP A 760 -10.10 -3.33 -2.61
N ASP A 761 -10.72 -3.18 -3.78
CA ASP A 761 -12.06 -2.64 -3.92
C ASP A 761 -13.02 -3.74 -4.35
N ALA A 762 -14.20 -3.77 -3.75
CA ALA A 762 -15.18 -4.80 -4.05
C ALA A 762 -16.59 -4.25 -3.99
N VAL A 763 -17.44 -4.72 -4.91
CA VAL A 763 -18.87 -4.46 -4.90
C VAL A 763 -19.58 -5.80 -4.99
N VAL A 764 -20.51 -6.05 -4.07
CA VAL A 764 -21.23 -7.32 -3.99
C VAL A 764 -22.71 -7.05 -4.19
N CYS A 765 -23.34 -7.84 -5.05
CA CYS A 765 -24.80 -7.93 -5.13
C CYS A 765 -25.21 -9.28 -4.53
N PHE A 766 -26.02 -9.23 -3.47
CA PHE A 766 -26.32 -10.43 -2.70
C PHE A 766 -27.81 -10.56 -2.46
N ASN A 767 -28.22 -11.79 -2.18
CA ASN A 767 -29.60 -12.16 -1.91
C ASN A 767 -29.94 -11.79 -0.47
N SER A 768 -30.78 -10.76 -0.30
CA SER A 768 -31.02 -10.21 1.03
C SER A 768 -31.70 -11.21 1.95
N THR A 769 -32.63 -12.02 1.43
CA THR A 769 -33.33 -12.98 2.26
C THR A 769 -32.38 -14.02 2.85
N TYR A 770 -31.50 -14.58 2.01
CA TYR A 770 -30.51 -15.53 2.51
C TYR A 770 -29.60 -14.88 3.54
N ALA A 771 -29.13 -13.67 3.25
CA ALA A 771 -28.23 -13.00 4.19
C ALA A 771 -28.91 -12.75 5.53
N SER A 772 -30.19 -12.40 5.50
CA SER A 772 -30.92 -12.19 6.75
C SER A 772 -31.13 -13.50 7.51
N GLN A 773 -31.30 -14.60 6.77
CA GLN A 773 -31.45 -15.91 7.40
C GLN A 773 -30.12 -16.58 7.72
N GLY A 774 -29.00 -15.93 7.42
CA GLY A 774 -27.70 -16.48 7.75
C GLY A 774 -27.15 -17.47 6.76
N LEU A 775 -27.60 -17.43 5.51
CA LEU A 775 -27.15 -18.39 4.51
C LEU A 775 -26.05 -17.85 3.60
N VAL A 776 -25.89 -16.54 3.51
CA VAL A 776 -24.74 -15.93 2.85
C VAL A 776 -24.17 -14.87 3.79
N ALA A 777 -22.96 -14.43 3.46
CA ALA A 777 -22.26 -13.47 4.30
C ALA A 777 -22.96 -12.12 4.30
N SER A 778 -22.77 -11.39 5.39
CA SER A 778 -23.21 -10.01 5.55
C SER A 778 -21.98 -9.15 5.75
N ILE A 779 -22.19 -7.88 6.10
CA ILE A 779 -21.07 -7.02 6.42
C ILE A 779 -20.47 -7.40 7.76
N LYS A 780 -21.28 -7.93 8.69
CA LYS A 780 -20.76 -8.29 10.00
C LYS A 780 -19.92 -9.56 9.95
N ASN A 781 -20.29 -10.53 9.10
CA ASN A 781 -19.45 -11.70 8.91
C ASN A 781 -18.09 -11.32 8.35
N PHE A 782 -18.09 -10.38 7.40
CA PHE A 782 -16.84 -9.87 6.85
C PHE A 782 -16.00 -9.18 7.92
N LYS A 783 -16.65 -8.39 8.79
CA LYS A 783 -15.91 -7.74 9.87
C LYS A 783 -15.29 -8.76 10.82
N SER A 784 -16.03 -9.82 11.15
CA SER A 784 -15.48 -10.86 12.02
C SER A 784 -14.28 -11.55 11.38
N VAL A 785 -14.39 -11.88 10.09
CA VAL A 785 -13.29 -12.52 9.39
C VAL A 785 -12.06 -11.64 9.38
N LEU A 786 -12.24 -10.35 9.10
CA LEU A 786 -11.10 -9.44 9.09
C LEU A 786 -10.50 -9.25 10.47
N TYR A 787 -11.33 -9.32 11.51
CA TYR A 787 -10.81 -9.17 12.87
C TYR A 787 -9.92 -10.34 13.25
N TYR A 788 -10.38 -11.57 13.03
CA TYR A 788 -9.61 -12.72 13.50
C TYR A 788 -8.60 -13.25 12.49
N GLN A 789 -8.65 -12.83 11.23
CA GLN A 789 -7.77 -13.35 10.21
C GLN A 789 -6.91 -12.27 9.57
N ASN A 790 -7.15 -11.00 9.87
CA ASN A 790 -6.39 -9.90 9.29
C ASN A 790 -5.82 -8.94 10.31
N ASN A 791 -6.26 -8.99 11.57
CA ASN A 791 -5.77 -8.14 12.64
C ASN A 791 -6.10 -6.67 12.42
N VAL A 792 -7.24 -6.39 11.78
CA VAL A 792 -7.72 -5.03 11.59
C VAL A 792 -9.20 -4.98 11.93
N PHE A 793 -9.62 -3.90 12.57
CA PHE A 793 -11.03 -3.63 12.81
C PHE A 793 -11.54 -2.72 11.70
N MET A 794 -12.54 -3.18 10.96
CA MET A 794 -13.12 -2.40 9.88
C MET A 794 -14.29 -1.60 10.42
N SER A 795 -14.20 -0.27 10.32
CA SER A 795 -15.22 0.63 10.81
C SER A 795 -16.27 0.88 9.71
N GLU A 796 -17.38 1.47 10.12
CA GLU A 796 -18.48 1.77 9.21
C GLU A 796 -18.14 2.86 8.21
N ALA A 797 -17.01 3.56 8.39
CA ALA A 797 -16.57 4.55 7.43
C ALA A 797 -15.90 3.94 6.19
N LYS A 798 -15.53 2.66 6.25
CA LYS A 798 -14.87 1.99 5.13
C LYS A 798 -15.76 0.98 4.44
N CYS A 799 -17.04 0.87 4.82
CA CYS A 799 -17.96 -0.09 4.24
C CYS A 799 -19.34 0.53 4.13
N TRP A 800 -20.14 0.02 3.19
CA TRP A 800 -21.44 0.60 2.92
C TRP A 800 -22.39 -0.47 2.42
N THR A 801 -23.69 -0.17 2.56
CA THR A 801 -24.77 -1.00 2.06
C THR A 801 -25.79 -0.12 1.35
N GLU A 802 -26.52 -0.72 0.40
CA GLU A 802 -27.49 0.01 -0.42
C GLU A 802 -28.62 -0.94 -0.79
N THR A 803 -29.85 -0.58 -0.44
CA THR A 803 -31.01 -1.44 -0.67
C THR A 803 -31.74 -1.13 -1.96
N ASP A 804 -31.27 -0.16 -2.74
CA ASP A 804 -31.90 0.23 -4.00
C ASP A 804 -30.88 0.10 -5.12
N LEU A 805 -31.17 -0.74 -6.11
CA LEU A 805 -30.22 -0.98 -7.20
C LEU A 805 -30.28 0.09 -8.28
N THR A 806 -31.32 0.92 -8.29
CA THR A 806 -31.45 1.95 -9.32
C THR A 806 -30.53 3.14 -9.08
N LYS A 807 -29.83 3.19 -7.95
CA LYS A 807 -28.86 4.24 -7.69
C LYS A 807 -27.43 3.72 -7.61
N GLY A 808 -27.20 2.44 -7.89
CA GLY A 808 -25.87 1.91 -8.06
C GLY A 808 -25.08 1.87 -6.76
N PRO A 809 -23.83 1.41 -6.85
CA PRO A 809 -22.99 1.39 -5.65
C PRO A 809 -22.71 2.78 -5.12
N HIS A 810 -22.54 2.87 -3.79
CA HIS A 810 -22.21 4.15 -3.18
C HIS A 810 -20.90 4.70 -3.74
N GLU A 811 -19.85 3.88 -3.74
CA GLU A 811 -18.58 4.30 -4.33
C GLU A 811 -17.85 3.08 -4.86
N PHE A 812 -17.03 3.30 -5.87
CA PHE A 812 -16.18 2.27 -6.44
C PHE A 812 -15.10 2.95 -7.24
N CYS A 813 -13.84 2.75 -6.86
CA CYS A 813 -12.72 3.42 -7.51
C CYS A 813 -12.89 4.93 -7.50
N SER A 814 -13.38 5.45 -6.37
CA SER A 814 -13.59 6.88 -6.11
C SER A 814 -14.70 7.49 -6.96
N GLN A 815 -15.53 6.67 -7.60
CA GLN A 815 -16.56 7.14 -8.51
C GLN A 815 -17.93 6.91 -7.92
N HIS A 816 -18.83 7.86 -8.14
CA HIS A 816 -20.24 7.70 -7.81
C HIS A 816 -21.01 7.37 -9.08
N THR A 817 -22.16 6.72 -8.90
CA THR A 817 -22.96 6.22 -10.01
C THR A 817 -24.25 7.03 -10.16
N MET A 818 -24.60 7.32 -11.41
CA MET A 818 -25.81 8.07 -11.72
C MET A 818 -26.57 7.37 -12.84
N LEU A 819 -27.86 7.14 -12.65
CA LEU A 819 -28.71 6.56 -13.68
C LEU A 819 -29.35 7.70 -14.47
N VAL A 820 -28.95 7.87 -15.72
CA VAL A 820 -29.36 9.02 -16.52
C VAL A 820 -29.87 8.55 -17.88
N LYS A 821 -30.76 9.35 -18.46
CA LYS A 821 -31.28 9.08 -19.79
C LYS A 821 -30.28 9.55 -20.85
N GLN A 822 -29.90 8.65 -21.74
CA GLN A 822 -28.88 8.93 -22.75
C GLN A 822 -29.47 8.50 -24.10
N GLY A 823 -30.20 9.40 -24.74
CA GLY A 823 -30.89 9.07 -25.97
C GLY A 823 -32.27 8.51 -25.72
N ASP A 824 -32.39 7.19 -25.77
CA ASP A 824 -33.66 6.50 -25.61
C ASP A 824 -33.77 5.69 -24.32
N ASP A 825 -32.65 5.25 -23.77
CA ASP A 825 -32.63 4.35 -22.62
C ASP A 825 -31.90 5.01 -21.45
N TYR A 826 -31.90 4.32 -20.32
CA TYR A 826 -31.24 4.77 -19.10
C TYR A 826 -29.97 3.96 -18.89
N VAL A 827 -28.87 4.66 -18.58
CA VAL A 827 -27.57 4.05 -18.39
C VAL A 827 -26.96 4.56 -17.10
N TYR A 828 -25.98 3.82 -16.60
CA TYR A 828 -25.21 4.21 -15.43
C TYR A 828 -23.93 4.92 -15.87
N LEU A 829 -23.66 6.08 -15.28
CA LEU A 829 -22.46 6.85 -15.56
C LEU A 829 -21.68 7.11 -14.27
N PRO A 830 -20.34 7.11 -14.35
CA PRO A 830 -19.53 7.48 -13.17
C PRO A 830 -19.19 8.96 -13.14
N TYR A 831 -19.29 9.55 -11.97
CA TYR A 831 -18.81 10.91 -11.79
C TYR A 831 -17.92 11.02 -10.57
N PRO A 832 -16.96 11.95 -10.57
CA PRO A 832 -16.05 12.07 -9.44
C PRO A 832 -16.55 13.03 -8.36
N ASP A 833 -15.73 13.23 -7.35
CA ASP A 833 -15.94 14.29 -6.39
C ASP A 833 -15.59 15.62 -7.05
N PRO A 834 -16.49 16.61 -7.07
CA PRO A 834 -16.12 17.89 -7.71
C PRO A 834 -14.90 18.54 -7.07
N SER A 835 -14.70 18.33 -5.77
CA SER A 835 -13.55 18.90 -5.09
C SER A 835 -12.25 18.37 -5.67
N ARG A 836 -12.22 17.10 -6.07
CA ARG A 836 -11.02 16.51 -6.65
C ARG A 836 -10.64 17.20 -7.95
N ILE A 837 -11.61 17.40 -8.84
CA ILE A 837 -11.37 18.04 -10.12
C ILE A 837 -10.96 19.50 -9.92
N LEU A 838 -11.67 20.22 -9.07
CA LEU A 838 -11.33 21.62 -8.82
C LEU A 838 -9.94 21.75 -8.21
N GLY A 839 -9.59 20.87 -7.26
CA GLY A 839 -8.28 20.93 -6.65
C GLY A 839 -7.16 20.60 -7.62
N ALA A 840 -7.40 19.64 -8.52
CA ALA A 840 -6.42 19.38 -9.56
C ALA A 840 -6.24 20.59 -10.46
N GLY A 841 -7.33 21.33 -10.71
CA GLY A 841 -7.21 22.57 -11.46
C GLY A 841 -6.42 23.64 -10.73
N CYS A 842 -6.63 23.76 -9.42
CA CYS A 842 -6.08 24.87 -8.63
C CYS A 842 -4.65 24.62 -8.15
N PHE A 843 -4.29 23.40 -7.77
CA PHE A 843 -3.00 23.09 -7.20
C PHE A 843 -2.26 22.11 -8.10
N VAL A 844 -1.00 22.42 -8.40
CA VAL A 844 -0.20 21.63 -9.33
C VAL A 844 1.14 21.32 -8.70
N ASP A 845 1.84 20.34 -9.28
CA ASP A 845 3.12 19.89 -8.76
C ASP A 845 4.31 20.43 -9.54
N ASP A 846 4.10 21.40 -10.42
CA ASP A 846 5.20 22.00 -11.17
C ASP A 846 4.84 23.45 -11.47
N ILE A 847 5.86 24.31 -11.44
CA ILE A 847 5.62 25.74 -11.65
C ILE A 847 5.18 26.01 -13.09
N VAL A 848 5.75 25.29 -14.05
CA VAL A 848 5.41 25.51 -15.44
C VAL A 848 4.00 25.07 -15.78
N LYS A 849 3.34 24.33 -14.89
CA LYS A 849 1.95 23.91 -15.10
C LYS A 849 0.95 24.93 -14.58
N THR A 850 1.41 26.01 -13.94
CA THR A 850 0.54 27.11 -13.57
C THR A 850 0.29 28.07 -14.72
N ASP A 851 0.97 27.89 -15.85
CA ASP A 851 0.73 28.67 -17.06
C ASP A 851 -0.15 27.82 -17.98
N GLY A 852 -1.46 28.09 -17.94
CA GLY A 852 -2.41 27.27 -18.68
C GLY A 852 -2.21 27.33 -20.18
N THR A 853 -1.64 28.42 -20.70
CA THR A 853 -1.41 28.53 -22.13
C THR A 853 -0.48 27.44 -22.65
N LEU A 854 0.38 26.88 -21.80
CA LEU A 854 1.21 25.74 -22.14
C LEU A 854 0.56 24.40 -21.82
N MET A 855 -0.62 24.41 -21.19
CA MET A 855 -1.23 23.21 -20.64
C MET A 855 -2.71 23.17 -20.97
N ILE A 856 -3.07 23.50 -22.21
CA ILE A 856 -4.48 23.48 -22.59
C ILE A 856 -5.00 22.06 -22.66
N GLU A 857 -4.17 21.14 -23.15
CA GLU A 857 -4.57 19.74 -23.21
C GLU A 857 -4.62 19.10 -21.83
N ARG A 858 -4.04 19.75 -20.82
CA ARG A 858 -4.14 19.26 -19.45
C ARG A 858 -5.56 19.43 -18.92
N PHE A 859 -6.23 20.53 -19.28
CA PHE A 859 -7.59 20.79 -18.83
C PHE A 859 -8.63 20.02 -19.64
N VAL A 860 -8.30 19.58 -20.85
CA VAL A 860 -9.24 18.77 -21.63
C VAL A 860 -9.48 17.42 -20.94
N SER A 861 -8.44 16.83 -20.38
CA SER A 861 -8.61 15.56 -19.66
C SER A 861 -9.45 15.74 -18.41
N LEU A 862 -9.24 16.83 -17.67
CA LEU A 862 -10.06 17.10 -16.50
C LEU A 862 -11.52 17.33 -16.89
N ALA A 863 -11.76 18.01 -18.01
CA ALA A 863 -13.13 18.17 -18.49
C ALA A 863 -13.74 16.85 -18.91
N ILE A 864 -12.94 15.95 -19.49
CA ILE A 864 -13.44 14.61 -19.80
C ILE A 864 -13.89 13.91 -18.53
N ASP A 865 -13.08 13.99 -17.48
CA ASP A 865 -13.45 13.38 -16.21
C ASP A 865 -14.67 14.04 -15.58
N ALA A 866 -14.87 15.35 -15.81
CA ALA A 866 -15.94 16.11 -15.18
C ALA A 866 -17.24 16.14 -15.97
N TYR A 867 -17.25 15.66 -17.22
CA TYR A 867 -18.46 15.76 -18.03
C TYR A 867 -19.70 15.19 -17.36
N PRO A 868 -19.68 13.99 -16.77
CA PRO A 868 -20.92 13.42 -16.23
C PRO A 868 -21.56 14.25 -15.12
N LEU A 869 -20.90 15.28 -14.62
CA LEU A 869 -21.49 16.13 -13.59
C LEU A 869 -22.59 17.04 -14.14
N THR A 870 -22.63 17.27 -15.45
CA THR A 870 -23.67 18.09 -16.03
C THR A 870 -25.06 17.50 -15.83
N LYS A 871 -25.15 16.21 -15.56
CA LYS A 871 -26.42 15.52 -15.40
C LYS A 871 -26.79 15.29 -13.94
N HIS A 872 -26.07 15.92 -13.02
CA HIS A 872 -26.40 15.84 -11.60
C HIS A 872 -27.55 16.79 -11.28
N PRO A 873 -28.45 16.41 -10.36
CA PRO A 873 -29.52 17.36 -9.97
C PRO A 873 -28.99 18.64 -9.34
N ASN A 874 -27.88 18.58 -8.60
CA ASN A 874 -27.27 19.78 -8.06
C ASN A 874 -26.69 20.63 -9.18
N GLN A 875 -26.89 21.95 -9.09
CA GLN A 875 -26.50 22.84 -10.18
C GLN A 875 -25.04 23.23 -10.14
N GLU A 876 -24.43 23.30 -8.95
CA GLU A 876 -23.00 23.59 -8.86
C GLU A 876 -22.17 22.46 -9.48
N TYR A 877 -22.59 21.23 -9.24
CA TYR A 877 -21.96 20.09 -9.90
C TYR A 877 -21.99 20.27 -11.40
N ALA A 878 -23.13 20.67 -11.94
CA ALA A 878 -23.23 20.90 -13.38
C ALA A 878 -22.36 22.07 -13.82
N ASP A 879 -22.16 23.06 -12.96
CA ASP A 879 -21.42 24.25 -13.32
C ASP A 879 -19.92 24.01 -13.38
N VAL A 880 -19.41 22.98 -12.69
CA VAL A 880 -17.98 22.70 -12.76
C VAL A 880 -17.54 22.46 -14.22
N PHE A 881 -18.30 21.65 -14.95
CA PHE A 881 -17.94 21.29 -16.32
C PHE A 881 -17.96 22.52 -17.24
N HIS A 882 -18.97 23.37 -17.09
CA HIS A 882 -19.04 24.58 -17.89
C HIS A 882 -17.90 25.53 -17.55
N LEU A 883 -17.52 25.60 -16.28
CA LEU A 883 -16.36 26.39 -15.89
C LEU A 883 -15.11 25.92 -16.63
N TYR A 884 -14.90 24.60 -16.68
CA TYR A 884 -13.73 24.09 -17.38
C TYR A 884 -13.77 24.42 -18.87
N LEU A 885 -14.93 24.27 -19.51
CA LEU A 885 -15.01 24.59 -20.94
C LEU A 885 -14.72 26.07 -21.19
N GLN A 886 -15.28 26.95 -20.38
CA GLN A 886 -15.04 28.38 -20.55
C GLN A 886 -13.57 28.73 -20.33
N TYR A 887 -12.92 28.08 -19.36
CA TYR A 887 -11.50 28.34 -19.16
C TYR A 887 -10.67 27.85 -20.34
N ILE A 888 -11.02 26.70 -20.91
CA ILE A 888 -10.30 26.22 -22.09
C ILE A 888 -10.40 27.25 -23.21
N ARG A 889 -11.59 27.80 -23.44
CA ARG A 889 -11.74 28.82 -24.47
C ARG A 889 -10.89 30.05 -24.17
N LYS A 890 -10.91 30.51 -22.92
CA LYS A 890 -10.11 31.68 -22.55
C LYS A 890 -8.62 31.43 -22.77
N LEU A 891 -8.15 30.23 -22.42
CA LEU A 891 -6.74 29.90 -22.63
C LEU A 891 -6.38 29.93 -24.11
N HIS A 892 -7.25 29.39 -24.96
CA HIS A 892 -6.96 29.43 -26.40
C HIS A 892 -6.91 30.86 -26.91
N ASP A 893 -7.83 31.71 -26.44
CA ASP A 893 -7.79 33.12 -26.86
C ASP A 893 -6.48 33.78 -26.46
N GLU A 894 -6.04 33.55 -25.21
CA GLU A 894 -4.77 34.12 -24.75
C GLU A 894 -3.60 33.59 -25.56
N LEU A 895 -3.60 32.30 -25.87
CA LEU A 895 -2.51 31.73 -26.66
C LEU A 895 -2.43 32.34 -28.05
N THR A 896 -3.58 32.53 -28.68
CA THR A 896 -3.59 33.18 -29.99
C THR A 896 -3.07 34.61 -29.90
N GLY A 897 -3.47 35.35 -28.86
CA GLY A 897 -2.94 36.69 -28.68
C GLY A 897 -1.43 36.70 -28.51
N HIS A 898 -0.90 35.78 -27.69
CA HIS A 898 0.54 35.72 -27.48
C HIS A 898 1.28 35.33 -28.76
N MET A 899 0.72 34.38 -29.53
CA MET A 899 1.36 34.02 -30.80
C MET A 899 1.41 35.22 -31.73
N LEU A 900 0.30 35.96 -31.84
CA LEU A 900 0.28 37.10 -32.75
C LEU A 900 1.15 38.25 -32.27
N ASP A 901 1.41 38.34 -30.95
CA ASP A 901 2.28 39.40 -30.43
C ASP A 901 3.75 39.04 -30.59
N MET A 902 4.19 37.94 -29.98
CA MET A 902 5.60 37.58 -30.02
C MET A 902 6.07 37.41 -31.46
N TYR A 903 5.37 36.60 -32.24
CA TYR A 903 5.58 36.46 -33.66
C TYR A 903 4.56 37.37 -34.38
N SER A 904 4.45 37.20 -35.70
CA SER A 904 3.48 37.97 -36.47
C SER A 904 2.70 37.08 -37.44
N VAL A 905 2.67 35.77 -37.21
CA VAL A 905 1.97 34.83 -38.06
C VAL A 905 0.88 34.15 -37.25
N MET A 906 -0.36 34.19 -37.76
CA MET A 906 -1.45 33.48 -37.13
C MET A 906 -1.24 31.98 -37.25
N LEU A 907 -1.64 31.25 -36.22
CA LEU A 907 -1.34 29.82 -36.19
C LEU A 907 -2.15 29.04 -37.22
N THR A 908 -3.35 29.51 -37.56
CA THR A 908 -4.21 28.86 -38.55
C THR A 908 -4.54 27.43 -38.13
N ASN A 909 -5.26 27.34 -37.00
CA ASN A 909 -5.68 26.06 -36.44
C ASN A 909 -7.19 26.11 -36.21
N ASP A 910 -7.95 25.77 -37.25
CA ASP A 910 -9.40 25.69 -37.15
C ASP A 910 -9.86 24.28 -36.78
N ASN A 911 -9.28 23.77 -35.69
CA ASN A 911 -9.65 22.47 -35.15
C ASN A 911 -9.90 22.48 -33.65
N THR A 912 -9.36 23.45 -32.91
CA THR A 912 -9.46 23.45 -31.46
C THR A 912 -10.85 23.82 -30.96
N SER A 913 -11.70 24.39 -31.81
CA SER A 913 -13.00 24.85 -31.37
C SER A 913 -13.86 23.73 -30.80
N ARG A 914 -13.54 22.48 -31.12
CA ARG A 914 -14.31 21.36 -30.61
C ARG A 914 -14.03 21.07 -29.14
N TYR A 915 -13.00 21.67 -28.55
CA TYR A 915 -12.62 21.35 -27.19
C TYR A 915 -13.39 22.13 -26.13
N TRP A 916 -14.08 23.21 -26.50
CA TRP A 916 -14.90 23.95 -25.57
C TRP A 916 -16.39 23.84 -25.91
N GLU A 917 -16.77 22.73 -26.52
CA GLU A 917 -18.16 22.38 -26.77
C GLU A 917 -18.41 20.99 -26.24
N PRO A 918 -19.64 20.69 -25.80
CA PRO A 918 -19.89 19.46 -25.05
C PRO A 918 -20.04 18.19 -25.89
N GLU A 919 -20.02 18.26 -27.22
CA GLU A 919 -20.19 17.06 -28.02
C GLU A 919 -18.96 16.16 -27.93
N PHE A 920 -17.77 16.74 -28.00
CA PHE A 920 -16.53 15.97 -27.90
C PHE A 920 -16.51 15.13 -26.63
N TYR A 921 -17.01 15.69 -25.53
CA TYR A 921 -16.96 15.00 -24.24
C TYR A 921 -18.13 14.06 -24.07
N GLU A 922 -19.29 14.37 -24.67
CA GLU A 922 -20.41 13.46 -24.62
C GLU A 922 -20.13 12.19 -25.41
N ALA A 923 -19.33 12.28 -26.47
CA ALA A 923 -18.99 11.08 -27.26
C ALA A 923 -18.18 10.08 -26.46
N MET A 924 -17.59 10.47 -25.34
CA MET A 924 -16.73 9.58 -24.56
C MET A 924 -17.49 8.63 -23.65
N TYR A 925 -18.79 8.87 -23.44
CA TYR A 925 -19.59 8.06 -22.54
C TYR A 925 -20.71 7.34 -23.26
N THR A 926 -20.69 7.31 -24.58
CA THR A 926 -21.73 6.66 -25.36
C THR A 926 -21.23 5.30 -25.85
N PRO A 927 -22.10 4.28 -25.95
CA PRO A 927 -21.60 2.94 -26.25
C PRO A 927 -21.14 2.70 -27.68
N HIS A 928 -20.96 3.76 -28.45
CA HIS A 928 -20.71 3.58 -29.89
C HIS A 928 -19.44 2.75 -30.12
N THR A 929 -18.37 3.06 -29.41
CA THR A 929 -17.10 2.38 -29.63
C THR A 929 -16.38 2.02 -28.33
N PHE B 6 17.52 8.81 -60.98
CA PHE B 6 17.76 10.23 -60.77
C PHE B 6 18.69 10.79 -61.84
N SER B 7 19.32 11.92 -61.54
CA SER B 7 20.20 12.54 -62.52
C SER B 7 21.34 11.60 -62.89
N SER B 8 21.94 10.93 -61.91
CA SER B 8 23.04 10.01 -62.19
C SER B 8 22.58 8.86 -63.07
N LEU B 9 21.40 8.31 -62.80
CA LEU B 9 20.94 7.13 -63.50
C LEU B 9 20.84 7.42 -65.00
N PRO B 10 21.29 6.49 -65.86
CA PRO B 10 21.25 6.75 -67.30
C PRO B 10 19.85 6.96 -67.86
N SER B 11 18.82 6.42 -67.21
CA SER B 11 17.46 6.58 -67.73
C SER B 11 17.11 8.05 -67.92
N TYR B 12 17.68 8.92 -67.10
CA TYR B 12 17.47 10.35 -67.31
C TYR B 12 17.96 10.78 -68.69
N ALA B 13 19.05 10.16 -69.17
CA ALA B 13 19.53 10.49 -70.51
C ALA B 13 18.52 10.11 -71.57
N ALA B 14 17.93 8.91 -71.46
CA ALA B 14 16.92 8.50 -72.42
C ALA B 14 15.71 9.42 -72.37
N PHE B 15 15.26 9.77 -71.16
CA PHE B 15 14.13 10.68 -71.05
C PHE B 15 14.42 12.03 -71.68
N ALA B 16 15.60 12.57 -71.42
CA ALA B 16 15.97 13.86 -72.00
C ALA B 16 16.03 13.79 -73.52
N THR B 17 16.60 12.70 -74.05
CA THR B 17 16.67 12.55 -75.50
C THR B 17 15.28 12.46 -76.10
N ALA B 18 14.37 11.70 -75.47
CA ALA B 18 13.01 11.60 -75.99
C ALA B 18 12.31 12.95 -75.96
N GLN B 19 12.45 13.69 -74.86
CA GLN B 19 11.80 14.98 -74.76
C GLN B 19 12.36 15.96 -75.80
N GLU B 20 13.69 15.95 -75.99
CA GLU B 20 14.29 16.83 -76.98
C GLU B 20 13.80 16.49 -78.39
N ALA B 21 13.74 15.19 -78.71
CA ALA B 21 13.25 14.79 -80.02
C ALA B 21 11.80 15.21 -80.23
N TYR B 22 10.96 15.02 -79.20
CA TYR B 22 9.56 15.42 -79.32
C TYR B 22 9.43 16.92 -79.51
N GLU B 23 10.19 17.71 -78.75
CA GLU B 23 10.13 19.16 -78.89
C GLU B 23 10.58 19.60 -80.27
N GLN B 24 11.68 19.01 -80.77
CA GLN B 24 12.17 19.38 -82.09
C GLN B 24 11.17 19.03 -83.17
N ALA B 25 10.55 17.84 -83.07
CA ALA B 25 9.56 17.45 -84.07
C ALA B 25 8.34 18.36 -84.01
N VAL B 26 7.91 18.74 -82.81
CA VAL B 26 6.79 19.66 -82.69
C VAL B 26 7.12 20.99 -83.35
N ALA B 27 8.33 21.50 -83.09
CA ALA B 27 8.74 22.74 -83.73
C ALA B 27 8.82 22.59 -85.24
N ASN B 28 9.30 21.44 -85.72
CA ASN B 28 9.44 21.20 -87.15
C ASN B 28 8.10 21.03 -87.86
N GLY B 29 7.00 20.92 -87.12
CA GLY B 29 5.70 20.79 -87.73
C GLY B 29 5.57 19.54 -88.58
N ASP B 30 5.97 18.41 -88.03
CA ASP B 30 5.94 17.14 -88.76
C ASP B 30 4.50 16.77 -89.12
N SER B 31 4.34 15.69 -89.88
CA SER B 31 3.02 15.32 -90.40
C SER B 31 2.03 15.07 -89.27
N GLU B 32 2.25 14.02 -88.46
CA GLU B 32 1.36 13.68 -87.36
C GLU B 32 1.72 12.32 -86.76
N VAL B 33 1.87 11.31 -87.61
CA VAL B 33 2.19 9.97 -87.11
C VAL B 33 3.51 9.98 -86.36
N VAL B 34 4.50 10.72 -86.88
CA VAL B 34 5.77 10.83 -86.18
C VAL B 34 5.59 11.52 -84.84
N LEU B 35 4.71 12.52 -84.78
CA LEU B 35 4.43 13.18 -83.50
C LEU B 35 3.81 12.21 -82.51
N LYS B 36 2.88 11.37 -82.98
CA LYS B 36 2.29 10.37 -82.09
C LYS B 36 3.33 9.39 -81.58
N LYS B 37 4.21 8.93 -82.48
CA LYS B 37 5.27 8.03 -82.06
C LYS B 37 6.20 8.68 -81.04
N LEU B 38 6.50 9.97 -81.24
CA LEU B 38 7.41 10.65 -80.33
C LEU B 38 6.76 10.89 -78.97
N LYS B 39 5.46 11.20 -78.93
CA LYS B 39 4.79 11.32 -77.64
C LYS B 39 4.68 9.96 -76.96
N LYS B 40 4.50 8.89 -77.73
CA LYS B 40 4.55 7.55 -77.14
C LYS B 40 5.93 7.27 -76.54
N SER B 41 6.99 7.65 -77.26
CA SER B 41 8.34 7.48 -76.72
C SER B 41 8.53 8.27 -75.44
N LEU B 42 8.03 9.52 -75.42
CA LEU B 42 8.13 10.32 -74.20
C LEU B 42 7.38 9.66 -73.05
N ASN B 43 6.18 9.16 -73.30
CA ASN B 43 5.40 8.54 -72.24
C ASN B 43 6.10 7.32 -71.68
N VAL B 44 6.58 6.45 -72.56
CA VAL B 44 7.23 5.21 -72.09
C VAL B 44 8.53 5.53 -71.38
N ALA B 45 9.30 6.48 -71.90
CA ALA B 45 10.55 6.86 -71.25
C ALA B 45 10.29 7.44 -69.86
N LYS B 46 9.28 8.30 -69.73
CA LYS B 46 8.95 8.87 -68.44
C LYS B 46 8.49 7.79 -67.47
N SER B 47 7.70 6.83 -67.95
CA SER B 47 7.26 5.74 -67.10
C SER B 47 8.45 4.93 -66.59
N GLU B 48 9.39 4.60 -67.49
CA GLU B 48 10.55 3.83 -67.07
C GLU B 48 11.43 4.62 -66.10
N PHE B 49 11.61 5.92 -66.37
CA PHE B 49 12.41 6.74 -65.47
C PHE B 49 11.79 6.82 -64.09
N ASP B 50 10.47 6.98 -64.00
CA ASP B 50 9.81 7.01 -62.70
C ASP B 50 9.90 5.66 -62.01
N ARG B 51 9.75 4.57 -62.76
CA ARG B 51 9.88 3.24 -62.19
C ARG B 51 11.25 3.05 -61.56
N ASP B 52 12.30 3.51 -62.23
CA ASP B 52 13.64 3.37 -61.66
C ASP B 52 13.87 4.35 -60.50
N ALA B 53 13.30 5.55 -60.57
CA ALA B 53 13.47 6.51 -59.48
C ALA B 53 12.79 6.03 -58.21
N ALA B 54 11.67 5.32 -58.33
CA ALA B 54 11.05 4.73 -57.15
C ALA B 54 12.00 3.78 -56.44
N MET B 55 12.64 2.89 -57.21
CA MET B 55 13.61 1.97 -56.62
C MET B 55 14.80 2.72 -56.05
N GLN B 56 15.23 3.78 -56.72
CA GLN B 56 16.36 4.57 -56.21
C GLN B 56 16.03 5.16 -54.85
N ARG B 57 14.84 5.76 -54.71
CA ARG B 57 14.45 6.31 -53.42
C ARG B 57 14.30 5.22 -52.37
N LYS B 58 13.75 4.07 -52.75
CA LYS B 58 13.62 2.97 -51.81
C LYS B 58 15.00 2.55 -51.28
N LEU B 59 15.96 2.39 -52.19
CA LEU B 59 17.31 2.02 -51.76
C LEU B 59 17.94 3.09 -50.90
N GLU B 60 17.69 4.37 -51.22
CA GLU B 60 18.21 5.45 -50.40
C GLU B 60 17.68 5.36 -48.97
N LYS B 61 16.37 5.14 -48.83
CA LYS B 61 15.79 5.03 -47.50
C LYS B 61 16.31 3.80 -46.76
N MET B 62 16.44 2.68 -47.48
CA MET B 62 16.96 1.47 -46.84
C MET B 62 18.38 1.67 -46.33
N ALA B 63 19.22 2.33 -47.12
CA ALA B 63 20.58 2.63 -46.68
C ALA B 63 20.56 3.59 -45.49
N ASP B 64 19.66 4.57 -45.50
CA ASP B 64 19.66 5.57 -44.44
C ASP B 64 19.13 5.00 -43.14
N GLN B 65 18.31 3.96 -43.20
CA GLN B 65 17.70 3.39 -42.00
C GLN B 65 18.54 2.29 -41.36
N ALA B 66 19.74 2.01 -41.88
CA ALA B 66 20.64 1.04 -41.25
C ALA B 66 21.78 1.71 -40.49
N MET B 67 22.17 2.92 -40.89
CA MET B 67 23.20 3.64 -40.14
C MET B 67 22.71 3.95 -38.73
N THR B 68 21.44 4.30 -38.58
CA THR B 68 20.89 4.54 -37.25
C THR B 68 20.96 3.27 -36.40
N GLN B 69 20.61 2.12 -37.00
CA GLN B 69 20.64 0.87 -36.26
C GLN B 69 22.05 0.52 -35.80
N MET B 70 23.03 0.67 -36.70
CA MET B 70 24.40 0.33 -36.32
C MET B 70 24.94 1.31 -35.29
N TYR B 71 24.60 2.59 -35.39
CA TYR B 71 25.02 3.54 -34.37
C TYR B 71 24.41 3.18 -33.02
N LYS B 72 23.12 2.82 -33.00
CA LYS B 72 22.49 2.43 -31.74
C LYS B 72 23.18 1.23 -31.13
N GLN B 73 23.48 0.21 -31.95
CA GLN B 73 24.12 -0.99 -31.41
C GLN B 73 25.53 -0.69 -30.90
N ALA B 74 26.30 0.11 -31.64
CA ALA B 74 27.64 0.46 -31.21
C ALA B 74 27.64 1.31 -29.95
N ARG B 75 26.60 2.12 -29.74
CA ARG B 75 26.51 2.89 -28.50
C ARG B 75 26.06 2.02 -27.33
N SER B 76 25.16 1.07 -27.57
CA SER B 76 24.73 0.18 -26.51
C SER B 76 25.88 -0.70 -26.03
N GLU B 77 26.74 -1.14 -26.95
CA GLU B 77 27.91 -1.91 -26.53
C GLU B 77 28.82 -1.09 -25.63
N ASP B 78 29.04 0.18 -25.98
CA ASP B 78 29.86 1.06 -25.16
C ASP B 78 29.26 1.23 -23.77
N LYS B 79 27.95 1.46 -23.70
CA LYS B 79 27.31 1.62 -22.40
C LYS B 79 27.39 0.35 -21.57
N ARG B 80 27.25 -0.81 -22.22
CA ARG B 80 27.38 -2.07 -21.49
C ARG B 80 28.78 -2.22 -20.90
N ALA B 81 29.81 -1.89 -21.68
CA ALA B 81 31.17 -1.96 -21.14
C ALA B 81 31.34 -1.00 -19.96
N LYS B 82 30.79 0.20 -20.08
CA LYS B 82 30.90 1.17 -19.00
C LYS B 82 30.27 0.65 -17.71
N VAL B 83 29.05 0.13 -17.80
CA VAL B 83 28.38 -0.35 -16.59
C VAL B 83 29.09 -1.58 -16.05
N THR B 84 29.63 -2.43 -16.91
CA THR B 84 30.39 -3.58 -16.42
C THR B 84 31.58 -3.13 -15.58
N SER B 85 32.34 -2.16 -16.08
CA SER B 85 33.49 -1.66 -15.33
C SER B 85 33.03 -1.03 -14.02
N ALA B 86 31.94 -0.27 -14.05
CA ALA B 86 31.47 0.38 -12.84
C ALA B 86 31.07 -0.63 -11.77
N MET B 87 30.33 -1.68 -12.16
CA MET B 87 29.94 -2.71 -11.21
C MET B 87 31.16 -3.43 -10.64
N GLN B 88 32.15 -3.74 -11.49
CA GLN B 88 33.35 -4.38 -10.99
C GLN B 88 34.08 -3.50 -9.98
N THR B 89 34.22 -2.21 -10.29
CA THR B 89 34.91 -1.32 -9.36
C THR B 89 34.16 -1.20 -8.04
N MET B 90 32.84 -1.12 -8.09
CA MET B 90 32.07 -1.05 -6.85
C MET B 90 32.26 -2.30 -6.02
N LEU B 91 32.23 -3.48 -6.66
CA LEU B 91 32.41 -4.71 -5.91
C LEU B 91 33.80 -4.80 -5.30
N PHE B 92 34.83 -4.37 -6.03
CA PHE B 92 36.18 -4.49 -5.52
C PHE B 92 36.49 -3.46 -4.44
N THR B 93 35.85 -2.29 -4.48
CA THR B 93 36.02 -1.31 -3.42
C THR B 93 35.47 -1.82 -2.09
N MET B 94 34.30 -2.45 -2.11
CA MET B 94 33.72 -2.98 -0.88
C MET B 94 34.53 -4.12 -0.28
N LEU B 95 35.40 -4.76 -1.08
CA LEU B 95 36.22 -5.85 -0.55
C LEU B 95 37.18 -5.35 0.52
N ARG B 96 37.75 -4.16 0.34
CA ARG B 96 38.74 -3.63 1.26
C ARG B 96 38.14 -2.73 2.34
N LYS B 97 36.83 -2.52 2.33
CA LYS B 97 36.17 -1.75 3.39
C LYS B 97 35.78 -2.59 4.58
N LEU B 98 36.02 -3.90 4.53
CA LEU B 98 35.65 -4.80 5.61
C LEU B 98 36.90 -5.33 6.32
N ASP B 99 36.84 -5.37 7.64
CA ASP B 99 37.93 -5.89 8.45
C ASP B 99 38.00 -7.41 8.31
N ASN B 100 39.13 -7.89 7.77
CA ASN B 100 39.22 -9.30 7.42
C ASN B 100 39.40 -10.20 8.63
N ASP B 101 40.10 -9.73 9.66
CA ASP B 101 40.41 -10.61 10.80
C ASP B 101 39.15 -11.07 11.51
N ALA B 102 38.27 -10.13 11.85
CA ALA B 102 37.05 -10.49 12.56
C ALA B 102 36.15 -11.37 11.72
N LEU B 103 36.01 -11.05 10.43
CA LEU B 103 35.17 -11.87 9.56
C LEU B 103 35.72 -13.28 9.46
N ASN B 104 37.03 -13.43 9.28
CA ASN B 104 37.62 -14.75 9.20
C ASN B 104 37.43 -15.52 10.50
N ASN B 105 37.62 -14.85 11.64
CA ASN B 105 37.47 -15.53 12.91
C ASN B 105 36.04 -16.04 13.11
N ILE B 106 35.04 -15.23 12.76
CA ILE B 106 33.68 -15.68 13.01
C ILE B 106 33.22 -16.66 11.94
N ILE B 107 33.76 -16.58 10.73
CA ILE B 107 33.32 -17.47 9.66
C ILE B 107 34.10 -18.79 9.63
N ASN B 108 35.18 -18.89 10.41
CA ASN B 108 35.81 -20.18 10.62
C ASN B 108 35.14 -20.97 11.72
N ASN B 109 34.47 -20.28 12.66
CA ASN B 109 33.71 -20.95 13.71
C ASN B 109 32.38 -21.48 13.24
N ALA B 110 31.93 -21.10 12.04
CA ALA B 110 30.72 -21.67 11.48
C ALA B 110 30.92 -23.16 11.23
N ARG B 111 29.89 -23.95 11.54
CA ARG B 111 30.01 -25.40 11.43
C ARG B 111 30.26 -25.83 10.00
N ASP B 112 29.61 -25.19 9.04
CA ASP B 112 29.72 -25.54 7.63
C ASP B 112 30.19 -24.39 6.76
N GLY B 113 30.61 -23.28 7.36
CA GLY B 113 31.03 -22.10 6.63
C GLY B 113 29.92 -21.10 6.38
N CYS B 114 28.67 -21.46 6.66
CA CYS B 114 27.53 -20.57 6.45
C CYS B 114 27.16 -19.88 7.75
N VAL B 115 26.93 -18.57 7.67
CA VAL B 115 26.49 -17.80 8.84
C VAL B 115 25.31 -16.94 8.43
N PRO B 116 24.42 -16.57 9.35
CA PRO B 116 23.43 -15.53 9.04
C PRO B 116 24.10 -14.20 8.71
N LEU B 117 23.47 -13.47 7.78
CA LEU B 117 24.00 -12.17 7.39
C LEU B 117 23.78 -11.13 8.48
N ASN B 118 22.63 -11.18 9.15
CA ASN B 118 22.29 -10.13 10.11
C ASN B 118 23.25 -10.05 11.29
N ILE B 119 24.05 -11.09 11.51
CA ILE B 119 25.01 -11.09 12.61
C ILE B 119 26.40 -10.64 12.18
N ILE B 120 26.57 -10.21 10.94
CA ILE B 120 27.90 -9.78 10.48
C ILE B 120 28.21 -8.41 11.05
N PRO B 121 27.40 -7.38 10.79
CA PRO B 121 27.70 -6.06 11.39
C PRO B 121 27.63 -6.06 12.91
N LEU B 122 26.81 -6.92 13.52
CA LEU B 122 26.69 -6.95 14.97
C LEU B 122 28.00 -7.35 15.63
N THR B 123 28.67 -8.34 15.08
CA THR B 123 29.86 -8.92 15.72
C THR B 123 31.16 -8.46 15.09
N THR B 124 31.13 -7.72 13.99
CA THR B 124 32.33 -7.43 13.21
C THR B 124 32.51 -5.95 12.95
N ALA B 125 31.41 -5.19 12.89
CA ALA B 125 31.50 -3.78 12.55
C ALA B 125 32.29 -3.02 13.60
N ALA B 126 33.06 -2.02 13.14
CA ALA B 126 33.93 -1.25 14.01
C ALA B 126 33.32 0.07 14.48
N LYS B 127 32.28 0.55 13.80
CA LYS B 127 31.63 1.80 14.13
C LYS B 127 30.14 1.56 14.33
N LEU B 128 29.55 2.29 15.27
CA LEU B 128 28.14 2.18 15.59
C LEU B 128 27.48 3.55 15.48
N MET B 129 26.28 3.57 14.91
CA MET B 129 25.49 4.78 14.70
C MET B 129 24.15 4.61 15.40
N VAL B 130 23.77 5.58 16.24
CA VAL B 130 22.53 5.53 16.99
C VAL B 130 21.71 6.77 16.66
N VAL B 131 20.44 6.58 16.34
CA VAL B 131 19.52 7.66 16.03
C VAL B 131 18.54 7.78 17.18
N ILE B 132 18.59 8.91 17.89
CA ILE B 132 17.83 9.12 19.12
C ILE B 132 16.74 10.16 18.83
N PRO B 133 15.45 9.82 19.02
CA PRO B 133 14.39 10.78 18.66
C PRO B 133 14.03 11.77 19.76
N ASP B 134 14.19 11.41 21.03
CA ASP B 134 13.87 12.30 22.14
C ASP B 134 14.84 12.05 23.28
N TYR B 135 14.71 12.85 24.35
CA TYR B 135 15.69 12.82 25.43
C TYR B 135 15.57 11.58 26.30
N ASN B 136 14.35 11.06 26.50
CA ASN B 136 14.20 9.87 27.33
C ASN B 136 14.93 8.69 26.70
N THR B 137 14.81 8.54 25.38
CA THR B 137 15.53 7.46 24.69
C THR B 137 17.03 7.64 24.85
N TYR B 138 17.53 8.86 24.75
CA TYR B 138 18.95 9.09 24.96
C TYR B 138 19.37 8.70 26.37
N LYS B 139 18.57 9.07 27.36
CA LYS B 139 18.90 8.75 28.74
C LYS B 139 18.95 7.25 28.95
N ASN B 140 18.03 6.52 28.31
CA ASN B 140 17.95 5.07 28.50
C ASN B 140 18.86 4.28 27.57
N THR B 141 19.49 4.91 26.58
CA THR B 141 20.21 4.18 25.54
C THR B 141 21.71 4.43 25.57
N CYS B 142 22.14 5.67 25.45
CA CYS B 142 23.55 6.01 25.23
C CYS B 142 24.02 7.10 26.16
N ASP B 143 23.60 7.03 27.42
CA ASP B 143 24.01 8.03 28.39
C ASP B 143 25.49 7.90 28.71
N GLY B 144 26.16 9.04 28.87
CA GLY B 144 27.57 9.05 29.20
C GLY B 144 28.45 8.95 27.97
N THR B 145 29.76 8.87 28.22
CA THR B 145 30.76 8.76 27.17
C THR B 145 31.06 7.32 26.79
N THR B 146 30.46 6.35 27.47
CA THR B 146 30.65 4.94 27.16
C THR B 146 29.36 4.20 27.50
N PHE B 147 28.92 3.31 26.60
CA PHE B 147 27.72 2.53 26.83
C PHE B 147 27.93 1.11 26.33
N THR B 148 26.92 0.27 26.54
CA THR B 148 26.96 -1.14 26.17
C THR B 148 25.85 -1.46 25.20
N TYR B 149 26.19 -2.20 24.15
CA TYR B 149 25.19 -2.63 23.18
C TYR B 149 25.72 -3.84 22.44
N ALA B 150 24.84 -4.79 22.16
CA ALA B 150 25.18 -6.00 21.41
C ALA B 150 26.36 -6.73 22.06
N SER B 151 26.38 -6.75 23.38
CA SER B 151 27.43 -7.43 24.15
C SER B 151 28.81 -6.85 23.83
N ALA B 152 28.86 -5.54 23.61
CA ALA B 152 30.11 -4.85 23.35
C ALA B 152 30.06 -3.48 24.01
N LEU B 153 31.24 -2.91 24.23
CA LEU B 153 31.39 -1.61 24.87
C LEU B 153 31.75 -0.58 23.81
N TRP B 154 30.97 0.49 23.73
CA TRP B 154 31.12 1.52 22.72
C TRP B 154 31.44 2.85 23.39
N GLU B 155 32.47 3.53 22.88
CA GLU B 155 32.86 4.84 23.37
C GLU B 155 32.38 5.91 22.40
N ILE B 156 31.62 6.87 22.89
CA ILE B 156 31.06 7.90 22.04
C ILE B 156 32.18 8.80 21.53
N GLN B 157 32.22 9.00 20.21
CA GLN B 157 33.20 9.89 19.61
C GLN B 157 32.59 11.11 18.95
N GLN B 158 31.30 11.09 18.62
CA GLN B 158 30.69 12.28 18.04
C GLN B 158 29.19 12.25 18.23
N VAL B 159 28.60 13.44 18.33
CA VAL B 159 27.15 13.61 18.32
C VAL B 159 26.84 14.80 17.42
N VAL B 160 25.86 14.64 16.53
CA VAL B 160 25.37 15.72 15.68
C VAL B 160 23.84 15.70 15.75
N ASP B 161 23.22 16.78 15.26
CA ASP B 161 21.78 16.88 15.24
C ASP B 161 21.25 16.71 13.81
N ALA B 162 19.94 16.88 13.66
CA ALA B 162 19.30 16.66 12.37
C ALA B 162 19.81 17.62 11.31
N ASP B 163 20.45 18.72 11.69
CA ASP B 163 21.06 19.65 10.75
C ASP B 163 22.53 19.36 10.51
N SER B 164 23.08 18.30 11.10
CA SER B 164 24.47 17.90 10.92
C SER B 164 25.42 18.88 11.59
N LYS B 165 25.03 19.40 12.75
CA LYS B 165 25.83 20.33 13.52
C LYS B 165 26.31 19.65 14.81
N ILE B 166 27.59 19.87 15.14
CA ILE B 166 28.17 19.20 16.31
C ILE B 166 27.42 19.60 17.57
N VAL B 167 27.22 18.63 18.45
CA VAL B 167 26.57 18.83 19.74
C VAL B 167 27.49 18.31 20.82
N GLN B 168 27.71 19.10 21.87
CA GLN B 168 28.52 18.70 22.99
C GLN B 168 27.68 17.92 24.00
N LEU B 169 28.32 16.97 24.69
CA LEU B 169 27.60 16.12 25.62
C LEU B 169 27.03 16.90 26.79
N SER B 170 27.59 18.07 27.11
CA SER B 170 27.04 18.89 28.19
C SER B 170 25.73 19.54 27.78
N GLU B 171 25.56 19.81 26.49
CA GLU B 171 24.32 20.44 26.02
C GLU B 171 23.13 19.51 26.08
N ILE B 172 23.36 18.20 26.23
CA ILE B 172 22.28 17.21 26.19
C ILE B 172 21.79 17.04 27.62
N SER B 173 20.87 17.91 28.02
CA SER B 173 20.24 17.86 29.33
C SER B 173 18.75 18.00 29.17
N MET B 174 18.02 17.64 30.23
CA MET B 174 16.56 17.65 30.16
C MET B 174 16.03 19.07 29.92
N ASP B 175 16.63 20.06 30.57
CA ASP B 175 16.14 21.43 30.43
C ASP B 175 16.53 22.04 29.10
N ASN B 176 17.68 21.66 28.54
CA ASN B 176 18.15 22.20 27.27
C ASN B 176 17.62 21.44 26.06
N SER B 177 16.94 20.33 26.27
CA SER B 177 16.43 19.53 25.15
C SER B 177 15.57 20.34 24.19
N PRO B 178 14.68 21.23 24.63
CA PRO B 178 13.86 21.99 23.67
C PRO B 178 14.69 22.84 22.72
N ASN B 179 15.96 23.09 23.02
CA ASN B 179 16.82 23.92 22.18
C ASN B 179 17.62 23.10 21.18
N LEU B 180 17.39 21.79 21.11
CA LEU B 180 18.14 20.91 20.21
C LEU B 180 17.24 20.44 19.08
N ALA B 181 17.86 20.18 17.92
CA ALA B 181 17.14 19.71 16.73
C ALA B 181 17.21 18.19 16.72
N TRP B 182 16.18 17.55 17.25
CA TRP B 182 16.11 16.10 17.26
C TRP B 182 15.67 15.58 15.89
N PRO B 183 16.06 14.34 15.53
CA PRO B 183 16.85 13.38 16.30
C PRO B 183 18.35 13.67 16.31
N LEU B 184 19.04 13.13 17.31
CA LEU B 184 20.50 13.23 17.38
C LEU B 184 21.11 11.94 16.86
N ILE B 185 22.19 12.09 16.10
CA ILE B 185 22.95 10.96 15.57
C ILE B 185 24.24 10.85 16.35
N VAL B 186 24.46 9.69 16.98
CA VAL B 186 25.61 9.43 17.83
C VAL B 186 26.50 8.42 17.12
N THR B 187 27.78 8.74 16.99
CA THR B 187 28.76 7.87 16.36
C THR B 187 29.77 7.44 17.42
N ALA B 188 29.93 6.13 17.58
CA ALA B 188 30.79 5.54 18.58
C ALA B 188 31.64 4.44 17.96
N LEU B 189 32.76 4.14 18.62
CA LEU B 189 33.71 3.13 18.16
C LEU B 189 33.75 1.97 19.16
N ARG B 190 33.87 0.75 18.64
CA ARG B 190 33.93 -0.42 19.49
C ARG B 190 35.18 -0.38 20.36
N ALA B 191 34.99 -0.51 21.67
CA ALA B 191 36.08 -0.35 22.62
C ALA B 191 36.95 -1.59 22.65
N ASN B 192 38.14 -1.43 23.24
CA ASN B 192 39.11 -2.52 23.35
C ASN B 192 39.49 -3.05 21.97
N SER C 10 -14.14 32.61 -0.82
CA SER C 10 -14.72 33.73 -0.03
C SER C 10 -13.72 34.20 1.03
N LYS C 11 -13.74 33.56 2.19
CA LYS C 11 -12.80 33.89 3.25
C LYS C 11 -12.07 32.67 3.78
N MET C 12 -12.73 31.52 3.88
CA MET C 12 -12.06 30.29 4.29
C MET C 12 -11.23 29.69 3.17
N SER C 13 -11.59 29.92 1.92
CA SER C 13 -10.81 29.45 0.79
C SER C 13 -9.63 30.38 0.49
N ASP C 14 -9.73 31.65 0.85
CA ASP C 14 -8.63 32.57 0.63
C ASP C 14 -7.49 32.32 1.62
N VAL C 15 -7.84 31.90 2.83
CA VAL C 15 -6.81 31.66 3.85
C VAL C 15 -5.97 30.45 3.47
N LYS C 16 -6.59 29.40 2.95
CA LYS C 16 -5.85 28.18 2.62
C LYS C 16 -4.95 28.39 1.40
N CYS C 17 -5.47 29.04 0.36
CA CYS C 17 -4.66 29.34 -0.81
C CYS C 17 -3.51 30.28 -0.47
N THR C 18 -3.69 31.16 0.51
CA THR C 18 -2.62 32.05 0.93
C THR C 18 -1.59 31.33 1.80
N SER C 19 -2.02 30.38 2.62
CA SER C 19 -1.07 29.60 3.42
C SER C 19 -0.20 28.73 2.53
N VAL C 20 -0.78 28.17 1.46
CA VAL C 20 0.01 27.38 0.52
C VAL C 20 1.13 28.24 -0.07
N VAL C 21 0.79 29.45 -0.51
CA VAL C 21 1.77 30.32 -1.14
C VAL C 21 2.80 30.80 -0.13
N LEU C 22 2.37 31.06 1.11
CA LEU C 22 3.31 31.46 2.16
C LEU C 22 4.32 30.36 2.45
N LEU C 23 3.87 29.12 2.52
CA LEU C 23 4.83 28.03 2.74
C LEU C 23 5.75 27.85 1.55
N SER C 24 5.23 28.05 0.33
CA SER C 24 6.10 28.00 -0.84
C SER C 24 7.18 29.09 -0.77
N VAL C 25 6.80 30.29 -0.34
CA VAL C 25 7.77 31.38 -0.20
C VAL C 25 8.82 31.04 0.84
N LEU C 26 8.39 30.51 1.99
CA LEU C 26 9.35 30.13 3.03
C LEU C 26 10.30 29.04 2.54
N GLN C 27 9.78 28.09 1.78
CA GLN C 27 10.62 27.00 1.29
C GLN C 27 11.70 27.49 0.33
N GLN C 28 11.47 28.60 -0.36
CA GLN C 28 12.47 29.18 -1.24
C GLN C 28 13.56 29.92 -0.48
N LEU C 29 13.26 30.40 0.73
CA LEU C 29 14.24 31.09 1.56
C LEU C 29 15.13 30.12 2.34
N ARG C 30 15.04 28.82 2.04
CA ARG C 30 15.91 27.81 2.64
C ARG C 30 15.60 27.61 4.12
N VAL C 31 14.32 27.57 4.46
CA VAL C 31 13.93 27.29 5.84
C VAL C 31 14.09 25.81 6.18
N GLU C 32 14.12 24.93 5.17
CA GLU C 32 14.35 23.52 5.42
C GLU C 32 15.70 23.26 6.05
N SER C 33 16.66 24.18 5.90
CA SER C 33 17.95 24.04 6.55
C SER C 33 17.84 24.05 8.06
N SER C 34 16.80 24.67 8.61
CA SER C 34 16.52 24.63 10.04
C SER C 34 15.38 23.64 10.24
N SER C 35 15.71 22.44 10.71
CA SER C 35 14.71 21.39 10.87
C SER C 35 13.66 21.79 11.89
N LYS C 36 14.08 22.40 12.99
CA LYS C 36 13.16 22.76 14.06
C LYS C 36 12.14 23.78 13.58
N LEU C 37 12.58 24.76 12.77
CA LEU C 37 11.67 25.78 12.26
C LEU C 37 10.78 25.23 11.14
N TRP C 38 11.35 24.40 10.26
CA TRP C 38 10.58 23.83 9.17
C TRP C 38 9.47 22.93 9.68
N ALA C 39 9.74 22.17 10.75
CA ALA C 39 8.69 21.32 11.31
C ALA C 39 7.51 22.15 11.79
N GLN C 40 7.78 23.26 12.49
CA GLN C 40 6.70 24.12 12.97
C GLN C 40 5.92 24.72 11.81
N CYS C 41 6.62 25.19 10.77
CA CYS C 41 5.94 25.76 9.62
C CYS C 41 5.05 24.72 8.95
N VAL C 42 5.56 23.50 8.79
CA VAL C 42 4.78 22.43 8.17
C VAL C 42 3.53 22.13 9.00
N GLN C 43 3.68 22.08 10.32
CA GLN C 43 2.52 21.81 11.17
C GLN C 43 1.47 22.91 11.03
N LEU C 44 1.89 24.17 11.03
CA LEU C 44 0.94 25.27 10.87
C LEU C 44 0.23 25.18 9.52
N HIS C 45 0.98 24.92 8.45
CA HIS C 45 0.40 24.84 7.12
C HIS C 45 -0.64 23.72 7.04
N ASN C 46 -0.29 22.54 7.54
CA ASN C 46 -1.21 21.42 7.45
C ASN C 46 -2.42 21.60 8.35
N ASP C 47 -2.25 22.24 9.52
CA ASP C 47 -3.40 22.51 10.38
C ASP C 47 -4.32 23.57 9.80
N ILE C 48 -3.78 24.51 9.03
CA ILE C 48 -4.64 25.46 8.33
C ILE C 48 -5.41 24.77 7.22
N LEU C 49 -4.75 23.87 6.47
CA LEU C 49 -5.45 23.18 5.39
C LEU C 49 -6.63 22.38 5.92
N LEU C 50 -6.46 21.69 7.05
CA LEU C 50 -7.53 20.91 7.67
C LEU C 50 -8.14 21.75 8.79
N ALA C 51 -8.93 22.74 8.39
CA ALA C 51 -9.55 23.66 9.34
C ALA C 51 -11.00 23.89 8.95
N LYS C 52 -11.86 24.02 9.96
CA LYS C 52 -13.28 24.25 9.76
C LYS C 52 -13.76 25.60 10.29
N ASP C 53 -12.98 26.26 11.16
CA ASP C 53 -13.33 27.55 11.72
C ASP C 53 -12.30 28.58 11.29
N THR C 54 -12.78 29.77 10.90
CA THR C 54 -11.91 30.77 10.29
C THR C 54 -11.03 31.49 11.31
N THR C 55 -11.49 31.65 12.55
CA THR C 55 -10.65 32.31 13.54
C THR C 55 -9.41 31.49 13.86
N GLU C 56 -9.56 30.16 13.96
CA GLU C 56 -8.42 29.29 14.12
C GLU C 56 -7.44 29.46 12.96
N ALA C 57 -7.98 29.51 11.73
CA ALA C 57 -7.14 29.63 10.55
C ALA C 57 -6.38 30.95 10.55
N PHE C 58 -7.03 32.04 10.96
CA PHE C 58 -6.36 33.33 10.95
C PHE C 58 -5.31 33.44 12.04
N GLU C 59 -5.55 32.85 13.21
CA GLU C 59 -4.52 32.87 14.23
C GLU C 59 -3.32 32.03 13.79
N LYS C 60 -3.55 30.88 13.17
CA LYS C 60 -2.45 30.09 12.65
C LYS C 60 -1.72 30.82 11.53
N MET C 61 -2.44 31.60 10.72
CA MET C 61 -1.78 32.41 9.70
C MET C 61 -0.90 33.49 10.32
N VAL C 62 -1.36 34.10 11.41
CA VAL C 62 -0.52 35.07 12.11
C VAL C 62 0.77 34.40 12.57
N SER C 63 0.63 33.22 13.16
CA SER C 63 1.82 32.49 13.61
C SER C 63 2.76 32.16 12.46
N LEU C 64 2.21 31.74 11.31
CA LEU C 64 3.05 31.33 10.20
C LEU C 64 3.72 32.53 9.52
N LEU C 65 3.04 33.67 9.46
CA LEU C 65 3.63 34.86 8.85
C LEU C 65 4.67 35.50 9.76
N SER C 66 4.55 35.30 11.07
CA SER C 66 5.61 35.77 11.96
C SER C 66 6.94 35.12 11.65
N VAL C 67 6.93 33.89 11.10
CA VAL C 67 8.17 33.23 10.72
C VAL C 67 8.87 34.02 9.62
N LEU C 68 8.10 34.43 8.60
CA LEU C 68 8.68 35.22 7.53
C LEU C 68 9.16 36.58 8.04
N LEU C 69 8.32 37.24 8.85
CA LEU C 69 8.70 38.58 9.32
C LEU C 69 9.87 38.55 10.29
N SER C 70 10.13 37.42 10.93
CA SER C 70 11.25 37.33 11.87
C SER C 70 12.58 37.44 11.16
N MET C 71 12.77 36.67 10.09
CA MET C 71 14.00 36.72 9.31
C MET C 71 14.01 38.00 8.47
N GLN C 72 14.51 39.09 9.06
CA GLN C 72 14.32 40.41 8.49
C GLN C 72 15.02 40.56 7.15
N GLY C 73 16.24 40.03 7.03
CA GLY C 73 17.01 40.22 5.82
C GLY C 73 16.54 39.43 4.62
N ALA C 74 15.64 38.46 4.82
CA ALA C 74 15.20 37.60 3.73
C ALA C 74 14.48 38.40 2.66
N VAL C 75 13.54 39.25 3.07
CA VAL C 75 12.76 40.05 2.13
C VAL C 75 12.64 41.47 2.67
N ASP C 76 12.45 42.40 1.76
CA ASP C 76 12.25 43.81 2.09
C ASP C 76 10.77 44.13 1.97
N ILE C 77 10.15 44.53 3.09
CA ILE C 77 8.71 44.72 3.10
C ILE C 77 8.30 46.03 2.45
N ASN C 78 9.17 47.05 2.45
CA ASN C 78 8.79 48.33 1.86
C ASN C 78 8.57 48.19 0.35
N LYS C 79 9.49 47.54 -0.36
CA LYS C 79 9.30 47.35 -1.79
C LYS C 79 8.10 46.46 -2.08
N LEU C 80 7.94 45.37 -1.32
CA LEU C 80 6.82 44.46 -1.57
C LEU C 80 5.48 45.09 -1.21
N CYS C 81 5.45 45.96 -0.21
CA CYS C 81 4.21 46.59 0.22
C CYS C 81 3.99 47.98 -0.38
N GLU C 82 4.82 48.38 -1.34
CA GLU C 82 4.69 49.68 -1.97
C GLU C 82 3.25 49.97 -2.40
N PHE D 6 -7.06 29.20 -53.33
CA PHE D 6 -5.71 29.39 -52.83
C PHE D 6 -4.78 29.82 -53.96
N SER D 7 -4.71 31.14 -54.16
CA SER D 7 -3.90 31.72 -55.23
C SER D 7 -2.48 31.95 -54.73
N SER D 8 -1.71 32.75 -55.46
CA SER D 8 -0.34 33.13 -55.17
C SER D 8 0.65 32.04 -55.58
N LEU D 9 0.18 30.89 -56.09
CA LEU D 9 1.06 29.86 -56.61
C LEU D 9 1.10 29.95 -58.12
N PRO D 10 2.27 29.85 -58.76
CA PRO D 10 2.29 29.93 -60.24
C PRO D 10 1.41 28.88 -60.90
N SER D 11 1.39 27.65 -60.36
CA SER D 11 0.61 26.59 -60.97
C SER D 11 -0.85 26.99 -61.10
N TYR D 12 -1.43 27.57 -60.05
CA TYR D 12 -2.82 28.01 -60.12
C TYR D 12 -3.02 28.95 -61.31
N ALA D 13 -2.07 29.87 -61.52
CA ALA D 13 -2.22 30.83 -62.61
C ALA D 13 -2.44 30.13 -63.94
N ALA D 14 -1.91 28.91 -64.09
CA ALA D 14 -2.23 28.12 -65.27
C ALA D 14 -3.60 27.48 -65.15
N PHE D 15 -3.82 26.72 -64.06
CA PHE D 15 -5.03 25.92 -63.93
C PHE D 15 -6.28 26.75 -64.22
N ALA D 16 -6.47 27.84 -63.48
CA ALA D 16 -7.64 28.68 -63.67
C ALA D 16 -7.78 29.06 -65.14
N THR D 17 -6.69 29.58 -65.75
CA THR D 17 -6.76 29.96 -67.15
C THR D 17 -7.21 28.78 -68.00
N ALA D 18 -6.60 27.61 -67.80
CA ALA D 18 -7.06 26.42 -68.52
C ALA D 18 -8.53 26.17 -68.25
N GLN D 19 -8.93 26.23 -66.97
CA GLN D 19 -10.34 26.08 -66.65
C GLN D 19 -11.18 27.06 -67.45
N GLU D 20 -10.70 28.30 -67.57
CA GLU D 20 -11.43 29.31 -68.33
C GLU D 20 -11.80 28.78 -69.70
N ALA D 21 -10.83 28.19 -70.40
CA ALA D 21 -11.10 27.66 -71.73
C ALA D 21 -12.28 26.71 -71.70
N TYR D 22 -12.28 25.76 -70.76
CA TYR D 22 -13.38 24.83 -70.67
C TYR D 22 -14.70 25.56 -70.43
N GLU D 23 -14.68 26.56 -69.55
CA GLU D 23 -15.88 27.35 -69.31
C GLU D 23 -16.40 27.96 -70.60
N GLN D 24 -15.48 28.43 -71.46
CA GLN D 24 -15.89 28.93 -72.76
C GLN D 24 -16.15 27.80 -73.74
N ALA D 25 -15.44 26.69 -73.63
CA ALA D 25 -15.52 25.65 -74.64
C ALA D 25 -16.93 25.10 -74.75
N VAL D 26 -17.59 24.84 -73.63
CA VAL D 26 -18.95 24.32 -73.67
C VAL D 26 -19.85 25.28 -74.44
N ALA D 27 -19.61 26.58 -74.32
CA ALA D 27 -20.41 27.55 -75.07
C ALA D 27 -20.18 27.39 -76.57
N ASN D 28 -18.93 27.18 -76.98
CA ASN D 28 -18.63 27.08 -78.40
C ASN D 28 -19.25 25.84 -79.02
N GLY D 29 -19.21 24.71 -78.31
CA GLY D 29 -19.72 23.46 -78.86
C GLY D 29 -18.96 23.01 -80.09
N ASP D 30 -17.63 23.10 -80.06
CA ASP D 30 -16.81 22.75 -81.21
C ASP D 30 -16.65 21.24 -81.30
N SER D 31 -15.72 20.79 -82.14
CA SER D 31 -15.54 19.37 -82.37
C SER D 31 -15.13 18.66 -81.07
N GLU D 32 -15.38 17.35 -81.03
CA GLU D 32 -15.09 16.58 -79.83
C GLU D 32 -13.60 16.58 -79.50
N VAL D 33 -12.74 16.45 -80.52
CA VAL D 33 -11.31 16.35 -80.27
C VAL D 33 -10.80 17.58 -79.52
N VAL D 34 -11.32 18.76 -79.87
CA VAL D 34 -10.93 19.97 -79.15
C VAL D 34 -11.31 19.86 -77.68
N LEU D 35 -12.52 19.37 -77.41
CA LEU D 35 -12.96 19.21 -76.03
C LEU D 35 -12.06 18.23 -75.28
N LYS D 36 -11.69 17.12 -75.93
CA LYS D 36 -10.85 16.13 -75.25
C LYS D 36 -9.46 16.68 -74.96
N LYS D 37 -8.87 17.40 -75.90
CA LYS D 37 -7.55 17.98 -75.63
C LYS D 37 -7.62 19.04 -74.55
N LEU D 38 -8.71 19.83 -74.53
CA LEU D 38 -8.89 20.81 -73.47
C LEU D 38 -9.01 20.12 -72.12
N LYS D 39 -9.77 19.03 -72.06
CA LYS D 39 -9.89 18.27 -70.82
C LYS D 39 -8.54 17.73 -70.37
N LYS D 40 -7.75 17.22 -71.31
CA LYS D 40 -6.43 16.68 -70.95
C LYS D 40 -5.54 17.77 -70.38
N SER D 41 -5.51 18.94 -71.05
CA SER D 41 -4.69 20.03 -70.55
C SER D 41 -5.17 20.51 -69.18
N LEU D 42 -6.48 20.62 -69.00
CA LEU D 42 -7.01 21.06 -67.72
C LEU D 42 -6.66 20.07 -66.62
N ASN D 43 -6.76 18.78 -66.91
CA ASN D 43 -6.41 17.77 -65.91
C ASN D 43 -4.94 17.82 -65.57
N VAL D 44 -4.08 18.02 -66.58
CA VAL D 44 -2.64 18.11 -66.31
C VAL D 44 -2.35 19.32 -65.42
N ALA D 45 -2.95 20.47 -65.74
CA ALA D 45 -2.72 21.66 -64.93
C ALA D 45 -3.25 21.47 -63.52
N LYS D 46 -4.42 20.85 -63.38
CA LYS D 46 -4.97 20.60 -62.06
C LYS D 46 -4.06 19.67 -61.26
N SER D 47 -3.52 18.64 -61.90
CA SER D 47 -2.60 17.73 -61.22
C SER D 47 -1.36 18.47 -60.76
N GLU D 48 -0.81 19.34 -61.60
CA GLU D 48 0.37 20.11 -61.21
C GLU D 48 0.05 20.99 -60.00
N PHE D 49 -1.09 21.70 -60.05
CA PHE D 49 -1.44 22.58 -58.94
C PHE D 49 -1.66 21.81 -57.65
N ASP D 50 -2.35 20.67 -57.73
CA ASP D 50 -2.64 19.88 -56.53
C ASP D 50 -1.42 19.14 -56.01
N ARG D 51 -0.42 18.89 -56.86
CA ARG D 51 0.83 18.34 -56.39
C ARG D 51 1.68 19.41 -55.72
N ASP D 52 1.61 20.65 -56.22
CA ASP D 52 2.36 21.75 -55.62
C ASP D 52 1.72 22.28 -54.34
N ALA D 53 0.40 22.14 -54.19
CA ALA D 53 -0.24 22.61 -52.97
C ALA D 53 0.18 21.80 -51.75
N ALA D 54 0.45 20.51 -51.94
CA ALA D 54 0.88 19.68 -50.81
C ALA D 54 2.20 20.17 -50.23
N MET D 55 3.11 20.63 -51.10
CA MET D 55 4.38 21.14 -50.61
C MET D 55 4.18 22.35 -49.70
N GLN D 56 3.35 23.31 -50.12
CA GLN D 56 3.13 24.48 -49.30
C GLN D 56 2.40 24.10 -48.01
N ARG D 57 1.48 23.15 -48.07
CA ARG D 57 0.80 22.72 -46.85
C ARG D 57 1.78 22.11 -45.86
N LYS D 58 2.69 21.26 -46.34
CA LYS D 58 3.68 20.67 -45.46
C LYS D 58 4.59 21.72 -44.87
N LEU D 59 5.03 22.69 -45.69
CA LEU D 59 5.89 23.74 -45.17
C LEU D 59 5.18 24.56 -44.10
N GLU D 60 3.89 24.87 -44.32
CA GLU D 60 3.15 25.64 -43.33
C GLU D 60 2.99 24.86 -42.03
N LYS D 61 2.69 23.56 -42.12
CA LYS D 61 2.55 22.76 -40.90
C LYS D 61 3.87 22.69 -40.14
N MET D 62 4.98 22.51 -40.85
CA MET D 62 6.28 22.49 -40.19
C MET D 62 6.57 23.82 -39.52
N ALA D 63 6.24 24.93 -40.18
CA ALA D 63 6.46 26.25 -39.58
C ALA D 63 5.62 26.42 -38.32
N ASP D 64 4.35 25.99 -38.36
CA ASP D 64 3.50 26.09 -37.18
C ASP D 64 4.06 25.26 -36.03
N GLN D 65 4.53 24.06 -36.31
CA GLN D 65 5.14 23.23 -35.27
C GLN D 65 6.35 23.92 -34.66
N ALA D 66 7.22 24.47 -35.51
CA ALA D 66 8.40 25.15 -34.99
C ALA D 66 8.03 26.35 -34.12
N MET D 67 7.04 27.13 -34.57
CA MET D 67 6.61 28.28 -33.79
C MET D 67 6.09 27.85 -32.43
N THR D 68 5.25 26.82 -32.39
CA THR D 68 4.71 26.37 -31.11
C THR D 68 5.81 25.90 -30.18
N GLN D 69 6.77 25.12 -30.71
CA GLN D 69 7.84 24.62 -29.85
C GLN D 69 8.71 25.75 -29.31
N MET D 70 9.05 26.72 -30.16
CA MET D 70 9.86 27.85 -29.69
C MET D 70 9.11 28.66 -28.64
N TYR D 71 7.82 28.93 -28.87
CA TYR D 71 7.03 29.64 -27.86
C TYR D 71 7.04 28.88 -26.54
N LYS D 72 6.86 27.57 -26.59
CA LYS D 72 6.81 26.78 -25.36
C LYS D 72 8.14 26.83 -24.62
N GLN D 73 9.26 26.70 -25.34
CA GLN D 73 10.56 26.76 -24.68
C GLN D 73 10.79 28.12 -24.03
N ALA D 74 10.48 29.19 -24.76
CA ALA D 74 10.66 30.53 -24.22
C ALA D 74 9.82 30.75 -22.97
N ARG D 75 8.55 30.34 -23.02
CA ARG D 75 7.67 30.53 -21.88
C ARG D 75 8.10 29.70 -20.68
N SER D 76 8.55 28.45 -20.91
CA SER D 76 9.03 27.65 -19.79
C SER D 76 10.25 28.29 -19.14
N GLU D 77 11.20 28.77 -19.96
CA GLU D 77 12.37 29.41 -19.38
C GLU D 77 11.99 30.66 -18.60
N ASP D 78 11.09 31.48 -19.15
CA ASP D 78 10.67 32.68 -18.44
C ASP D 78 9.98 32.34 -17.12
N LYS D 79 9.12 31.31 -17.14
CA LYS D 79 8.43 30.92 -15.92
C LYS D 79 9.41 30.44 -14.85
N ARG D 80 10.39 29.63 -15.25
CA ARG D 80 11.34 29.11 -14.26
C ARG D 80 12.28 30.19 -13.75
N ALA D 81 12.66 31.13 -14.61
CA ALA D 81 13.69 32.11 -14.20
C ALA D 81 13.21 32.97 -13.05
N LYS D 82 12.04 33.61 -13.20
CA LYS D 82 11.52 34.53 -12.19
C LYS D 82 10.50 33.85 -11.29
N VAL D 83 10.92 32.77 -10.65
CA VAL D 83 10.03 32.02 -9.75
C VAL D 83 10.03 32.62 -8.36
N THR D 84 11.18 33.10 -7.88
CA THR D 84 11.27 33.62 -6.53
C THR D 84 10.61 35.00 -6.43
N SER D 85 10.83 35.86 -7.41
CA SER D 85 10.27 37.21 -7.36
C SER D 85 8.77 37.20 -7.67
N ALA D 86 8.31 36.26 -8.48
CA ALA D 86 6.90 36.21 -8.86
C ALA D 86 6.01 35.67 -7.74
N MET D 87 6.58 35.03 -6.73
CA MET D 87 5.80 34.43 -5.66
C MET D 87 5.59 35.38 -4.50
N GLN D 88 6.59 36.20 -4.18
CA GLN D 88 6.43 37.15 -3.08
C GLN D 88 5.41 38.22 -3.42
N THR D 89 5.38 38.67 -4.67
CA THR D 89 4.35 39.61 -5.10
C THR D 89 2.97 39.00 -5.00
N MET D 90 2.83 37.74 -5.42
CA MET D 90 1.54 37.06 -5.27
C MET D 90 1.13 36.98 -3.81
N LEU D 91 2.08 36.64 -2.94
CA LEU D 91 1.78 36.49 -1.53
C LEU D 91 1.28 37.80 -0.94
N PHE D 92 1.95 38.91 -1.25
CA PHE D 92 1.55 40.16 -0.64
C PHE D 92 0.29 40.74 -1.25
N THR D 93 0.04 40.49 -2.54
CA THR D 93 -1.27 40.82 -3.11
C THR D 93 -2.38 40.08 -2.37
N MET D 94 -2.19 38.78 -2.14
CA MET D 94 -3.24 38.02 -1.47
C MET D 94 -3.39 38.43 -0.01
N LEU D 95 -2.29 38.77 0.65
CA LEU D 95 -2.38 39.25 2.03
C LEU D 95 -3.17 40.56 2.09
N ARG D 96 -2.93 41.47 1.15
CA ARG D 96 -3.72 42.69 1.10
C ARG D 96 -5.19 42.37 0.83
N LYS D 97 -5.47 41.39 -0.03
CA LYS D 97 -6.85 41.02 -0.29
C LYS D 97 -7.54 40.50 0.96
N LEU D 98 -6.85 39.68 1.77
CA LEU D 98 -7.49 39.15 2.98
C LEU D 98 -7.95 40.26 3.90
N ASP D 99 -7.13 41.29 4.07
CA ASP D 99 -7.48 42.47 4.87
C ASP D 99 -7.90 42.09 6.28
N ASN D 100 -7.12 41.21 6.90
CA ASN D 100 -7.31 40.88 8.30
C ASN D 100 -6.74 41.99 9.18
N ASP D 101 -7.14 41.98 10.45
CA ASP D 101 -6.70 43.02 11.38
C ASP D 101 -5.33 42.70 11.96
N ALA D 102 -5.14 41.48 12.47
CA ALA D 102 -3.85 41.10 13.03
C ALA D 102 -2.76 41.09 11.97
N LEU D 103 -3.07 40.55 10.79
CA LEU D 103 -2.07 40.48 9.73
C LEU D 103 -1.65 41.87 9.30
N ASN D 104 -2.61 42.77 9.10
CA ASN D 104 -2.29 44.14 8.72
C ASN D 104 -1.49 44.82 9.81
N ASN D 105 -1.85 44.60 11.07
CA ASN D 105 -1.09 45.19 12.16
C ASN D 105 0.37 44.76 12.11
N ILE D 106 0.61 43.46 12.02
CA ILE D 106 2.00 42.98 12.08
C ILE D 106 2.77 43.42 10.84
N ILE D 107 2.13 43.46 9.68
CA ILE D 107 2.85 43.89 8.47
C ILE D 107 3.19 45.38 8.55
N ASN D 108 2.25 46.20 9.01
CA ASN D 108 2.55 47.63 9.15
C ASN D 108 3.65 47.86 10.17
N ASN D 109 3.66 47.08 11.25
CA ASN D 109 4.76 47.17 12.21
C ASN D 109 6.08 46.80 11.56
N ALA D 110 6.10 45.68 10.83
CA ALA D 110 7.33 45.23 10.20
C ALA D 110 7.86 46.28 9.23
N ARG D 111 6.97 47.02 8.57
CA ARG D 111 7.43 48.08 7.69
C ARG D 111 8.21 49.15 8.43
N ASP D 112 8.00 49.31 9.73
CA ASP D 112 8.72 50.27 10.56
C ASP D 112 9.92 49.67 11.26
N GLY D 113 10.21 48.39 11.04
CA GLY D 113 11.30 47.72 11.70
C GLY D 113 10.93 47.00 12.99
N CYS D 114 9.71 47.15 13.48
CA CYS D 114 9.27 46.47 14.69
C CYS D 114 8.88 45.04 14.33
N VAL D 115 9.86 44.15 14.34
CA VAL D 115 9.67 42.78 13.89
C VAL D 115 9.81 41.81 15.08
N PRO D 116 9.17 40.65 15.03
CA PRO D 116 9.33 39.68 16.12
C PRO D 116 10.64 38.91 16.01
N LEU D 117 11.07 38.37 17.14
CA LEU D 117 12.26 37.53 17.19
C LEU D 117 11.94 36.04 17.15
N ASN D 118 10.76 35.65 17.60
CA ASN D 118 10.32 34.26 17.56
C ASN D 118 8.94 34.20 16.91
N ILE D 119 8.38 32.98 16.84
CA ILE D 119 7.05 32.81 16.30
C ILE D 119 6.03 33.33 17.30
N ILE D 120 5.11 34.16 16.82
CA ILE D 120 4.06 34.72 17.66
C ILE D 120 3.24 33.60 18.28
N PRO D 121 3.31 33.40 19.60
CA PRO D 121 2.52 32.33 20.22
C PRO D 121 1.04 32.67 20.29
N LEU D 122 0.23 31.63 20.53
CA LEU D 122 -1.22 31.77 20.56
C LEU D 122 -1.84 31.45 21.91
N THR D 123 -1.06 30.96 22.89
CA THR D 123 -1.60 30.53 24.16
C THR D 123 -1.42 31.61 25.23
N THR D 124 -2.14 31.44 26.34
CA THR D 124 -2.04 32.39 27.44
C THR D 124 -0.65 32.38 28.07
N ALA D 125 -0.06 31.20 28.21
CA ALA D 125 1.33 31.09 28.67
C ALA D 125 2.26 31.25 27.46
N ALA D 126 2.29 32.49 26.96
CA ALA D 126 2.96 32.81 25.71
C ALA D 126 4.18 33.68 25.96
N LYS D 127 5.26 33.36 25.28
CA LYS D 127 6.50 34.12 25.33
C LYS D 127 6.68 34.84 24.01
N LEU D 128 6.74 36.17 24.05
CA LEU D 128 6.97 36.99 22.87
C LEU D 128 8.17 37.89 23.10
N MET D 129 9.01 38.03 22.08
CA MET D 129 10.13 38.97 22.09
C MET D 129 10.08 39.78 20.81
N VAL D 130 10.11 41.10 20.94
CA VAL D 130 9.98 42.00 19.80
C VAL D 130 11.10 43.03 19.86
N VAL D 131 11.41 43.63 18.72
CA VAL D 131 12.45 44.64 18.62
C VAL D 131 11.81 45.97 18.29
N ILE D 132 12.04 46.97 19.13
CA ILE D 132 11.51 48.31 18.97
C ILE D 132 12.67 49.24 18.64
N PRO D 133 12.76 49.75 17.40
CA PRO D 133 13.96 50.49 17.00
C PRO D 133 13.89 52.02 17.14
N ASP D 134 12.82 52.58 17.70
CA ASP D 134 12.73 54.03 17.81
C ASP D 134 11.75 54.37 18.93
N TYR D 135 11.82 55.62 19.40
CA TYR D 135 10.93 56.04 20.47
C TYR D 135 9.51 56.27 19.96
N ASN D 136 9.36 56.82 18.76
CA ASN D 136 8.02 57.07 18.23
C ASN D 136 7.24 55.78 18.11
N THR D 137 7.84 54.75 17.50
CA THR D 137 7.17 53.46 17.42
C THR D 137 6.91 52.89 18.82
N TYR D 138 7.82 53.13 19.77
CA TYR D 138 7.60 52.61 21.12
C TYR D 138 6.37 53.23 21.75
N LYS D 139 6.23 54.56 21.64
CA LYS D 139 5.06 55.20 22.23
C LYS D 139 3.79 54.85 21.46
N ASN D 140 3.92 54.59 20.15
CA ASN D 140 2.76 54.19 19.38
C ASN D 140 2.25 52.82 19.78
N THR D 141 3.15 51.90 20.15
CA THR D 141 2.74 50.56 20.52
C THR D 141 2.62 50.34 22.02
N CYS D 142 3.43 51.03 22.82
CA CYS D 142 3.49 50.81 24.26
C CYS D 142 2.97 52.03 25.01
N ASP D 143 2.31 51.79 26.14
CA ASP D 143 1.89 52.86 27.04
C ASP D 143 1.76 52.25 28.44
N GLY D 144 2.74 52.50 29.28
CA GLY D 144 2.73 51.96 30.64
C GLY D 144 3.36 50.55 30.69
N THR D 145 2.52 49.53 30.90
CA THR D 145 2.98 48.16 30.95
C THR D 145 2.11 47.25 30.07
N THR D 146 1.45 47.79 29.06
CA THR D 146 0.64 47.02 28.13
C THR D 146 1.18 47.20 26.73
N PHE D 147 1.29 46.09 26.00
CA PHE D 147 1.87 46.05 24.67
C PHE D 147 0.82 45.56 23.69
N THR D 148 0.63 46.28 22.60
CA THR D 148 -0.38 45.98 21.60
C THR D 148 0.30 45.47 20.34
N TYR D 149 0.04 44.22 19.99
CA TYR D 149 0.70 43.60 18.83
C TYR D 149 -0.14 42.42 18.38
N ALA D 150 -0.35 42.32 17.07
CA ALA D 150 -1.17 41.26 16.50
C ALA D 150 -2.61 41.33 16.99
N SER D 151 -3.09 42.54 17.28
CA SER D 151 -4.44 42.77 17.75
C SER D 151 -4.73 41.97 19.02
N ALA D 152 -3.73 41.88 19.89
CA ALA D 152 -3.87 41.26 21.20
C ALA D 152 -3.20 42.19 22.22
N LEU D 153 -3.31 41.83 23.50
CA LEU D 153 -2.71 42.60 24.58
C LEU D 153 -1.72 41.72 25.32
N TRP D 154 -0.52 42.25 25.55
CA TRP D 154 0.55 41.53 26.21
C TRP D 154 1.04 42.33 27.40
N GLU D 155 1.50 41.63 28.43
CA GLU D 155 2.09 42.25 29.61
C GLU D 155 3.60 42.26 29.44
N ILE D 156 4.20 43.46 29.53
CA ILE D 156 5.64 43.59 29.38
C ILE D 156 6.32 43.04 30.63
N GLN D 157 7.40 42.29 30.42
CA GLN D 157 8.19 41.73 31.51
C GLN D 157 9.57 42.38 31.59
N GLN D 158 10.34 42.35 30.50
CA GLN D 158 11.71 42.83 30.51
C GLN D 158 11.97 43.63 29.25
N VAL D 159 12.71 44.73 29.39
CA VAL D 159 13.06 45.60 28.28
C VAL D 159 14.59 45.69 28.26
N VAL D 160 15.21 44.81 27.48
CA VAL D 160 16.66 44.72 27.46
C VAL D 160 17.22 45.75 26.48
N ASP D 161 18.17 46.55 26.94
CA ASP D 161 18.80 47.55 26.09
C ASP D 161 19.51 46.88 24.92
N ALA D 162 19.99 47.70 23.99
CA ALA D 162 20.71 47.16 22.85
C ALA D 162 22.04 46.53 23.24
N ASP D 163 22.58 46.88 24.41
CA ASP D 163 23.83 46.31 24.92
C ASP D 163 23.56 45.32 26.05
N SER D 164 22.38 44.71 26.07
CA SER D 164 21.99 43.64 26.98
C SER D 164 21.66 44.14 28.39
N LYS D 165 21.76 45.43 28.66
CA LYS D 165 21.56 45.96 29.99
C LYS D 165 20.09 46.25 30.23
N ILE D 166 19.56 45.78 31.37
CA ILE D 166 18.15 45.94 31.65
C ILE D 166 17.78 47.41 31.72
N VAL D 167 16.62 47.73 31.16
CA VAL D 167 16.09 49.09 31.16
C VAL D 167 14.79 49.10 31.95
N GLN D 168 14.67 50.10 32.83
CA GLN D 168 13.48 50.29 33.62
C GLN D 168 12.46 51.09 32.81
N LEU D 169 11.19 50.67 32.86
CA LEU D 169 10.17 51.30 32.04
C LEU D 169 10.03 52.79 32.32
N SER D 170 10.41 53.23 33.52
CA SER D 170 10.37 54.65 33.83
C SER D 170 11.41 55.44 33.06
N GLU D 171 12.57 54.85 32.77
CA GLU D 171 13.60 55.58 32.04
C GLU D 171 13.14 55.95 30.63
N ILE D 172 12.44 55.03 29.96
CA ILE D 172 12.02 55.26 28.59
C ILE D 172 10.93 56.32 28.58
N SER D 173 11.29 57.54 28.17
CA SER D 173 10.34 58.65 28.17
C SER D 173 10.72 59.61 27.05
N MET D 174 10.15 60.82 27.10
CA MET D 174 10.30 61.76 25.99
C MET D 174 11.75 62.16 25.79
N ASP D 175 12.46 62.46 26.87
CA ASP D 175 13.79 63.05 26.79
C ASP D 175 14.91 62.02 26.90
N ASN D 176 14.61 60.76 27.19
CA ASN D 176 15.62 59.73 27.34
C ASN D 176 15.77 58.87 26.07
N SER D 177 15.11 59.26 24.98
CA SER D 177 15.32 58.56 23.72
C SER D 177 16.78 58.54 23.29
N PRO D 178 17.53 59.65 23.39
CA PRO D 178 18.93 59.59 22.94
C PRO D 178 19.84 58.85 23.91
N ASN D 179 19.57 58.92 25.22
CA ASN D 179 20.48 58.33 26.19
C ASN D 179 20.59 56.83 26.02
N LEU D 180 19.51 56.16 25.64
CA LEU D 180 19.49 54.71 25.52
C LEU D 180 19.94 54.27 24.14
N ALA D 181 20.41 53.02 24.06
CA ALA D 181 20.94 52.46 22.83
C ALA D 181 19.83 51.64 22.15
N TRP D 182 19.30 52.17 21.07
CA TRP D 182 18.32 51.45 20.28
C TRP D 182 19.02 50.51 19.31
N PRO D 183 18.34 49.45 18.86
CA PRO D 183 16.97 49.06 19.19
C PRO D 183 16.83 48.35 20.53
N LEU D 184 15.69 48.51 21.18
CA LEU D 184 15.40 47.79 22.41
C LEU D 184 14.72 46.47 22.10
N ILE D 185 14.89 45.50 23.00
CA ILE D 185 14.23 44.20 22.88
C ILE D 185 13.26 44.08 24.04
N VAL D 186 11.99 43.85 23.73
CA VAL D 186 10.92 43.83 24.71
C VAL D 186 10.39 42.41 24.81
N THR D 187 10.28 41.92 26.05
CA THR D 187 9.70 40.61 26.33
C THR D 187 8.30 40.81 26.91
N ALA D 188 7.33 40.06 26.38
CA ALA D 188 5.95 40.21 26.81
C ALA D 188 5.26 38.85 26.84
N LEU D 189 4.26 38.73 27.69
CA LEU D 189 3.46 37.52 27.84
C LEU D 189 2.01 37.81 27.48
N ARG D 190 1.41 36.91 26.71
CA ARG D 190 0.06 37.14 26.22
C ARG D 190 -0.93 37.28 27.37
N ALA D 191 -1.81 38.25 27.27
CA ALA D 191 -2.81 38.51 28.29
C ALA D 191 -4.19 38.03 27.84
ZN ZN G . 4.97 -30.26 3.82
ZN ZN H . 6.37 -22.06 -15.68
MG MG I . -9.14 1.36 -2.76
MG MG J . -7.46 0.81 1.13
MG MG K . -20.33 -31.08 25.47
PG GTP L . -6.14 3.47 3.08
O1G GTP L . -5.94 3.40 4.54
O2G GTP L . -7.11 2.47 2.56
O3G GTP L . -6.40 4.80 2.51
O3B GTP L . -4.71 3.08 2.47
PB GTP L . -4.34 1.85 1.53
O1B GTP L . -2.93 1.57 1.75
O2B GTP L . -5.31 0.76 1.73
O3A GTP L . -4.42 2.35 0.00
PA GTP L . -5.51 2.19 -1.16
O1A GTP L . -6.83 1.68 -0.81
O2A GTP L . -5.41 3.56 -1.55
O5' GTP L . -4.75 1.26 -2.14
C5' GTP L . -5.00 -0.13 -2.01
C4' GTP L . -3.80 -0.83 -2.55
O4' GTP L . -3.61 -0.37 -3.87
C3' GTP L . -2.56 -0.41 -1.84
O3' GTP L . -2.27 -1.21 -0.73
C2' GTP L . -1.53 -0.54 -2.91
O2' GTP L . -0.94 -1.83 -2.91
C1' GTP L . -2.23 -0.30 -4.22
N9 GTP L . -1.78 1.03 -4.68
C8 GTP L . -2.39 2.20 -4.51
N7 GTP L . -1.64 3.17 -5.02
C5 GTP L . -0.53 2.64 -5.51
C6 GTP L . 0.68 3.07 -6.18
O6 GTP L . 0.86 4.24 -6.44
N1 GTP L . 1.60 2.19 -6.51
C2 GTP L . 1.45 0.91 -6.25
N2 GTP L . 2.40 0.05 -6.60
N3 GTP L . 0.38 0.44 -5.65
C4 GTP L . -0.63 1.23 -5.27
PG GTP M . -26.02 -33.75 25.37
O1G GTP M . -26.35 -35.11 25.91
O2G GTP M . -26.12 -33.67 23.87
O3G GTP M . -26.69 -32.61 26.10
O3B GTP M . -24.46 -33.63 25.71
PB GTP M . -23.72 -32.28 26.18
O1B GTP M . -22.45 -32.18 25.39
O2B GTP M . -24.64 -31.10 26.22
O3A GTP M . -23.36 -32.68 27.70
PA GTP M . -22.04 -32.19 28.45
O1A GTP M . -21.56 -33.27 29.35
O2A GTP M . -21.10 -31.61 27.47
O5' GTP M . -22.61 -31.03 29.38
C5' GTP M . -21.86 -29.87 29.66
C4' GTP M . -22.11 -28.88 28.56
O4' GTP M . -23.02 -27.91 29.06
C3' GTP M . -20.82 -28.19 28.21
O3' GTP M . -20.31 -28.58 26.94
C2' GTP M . -21.07 -26.71 28.29
O2' GTP M . -21.11 -26.08 27.02
C1' GTP M . -22.43 -26.63 29.00
N9 GTP M . -22.31 -26.08 30.37
C8 GTP M . -23.38 -25.68 31.07
N7 GTP M . -23.03 -25.17 32.24
C5 GTP M . -21.71 -25.24 32.32
C6 GTP M . -20.72 -24.89 33.32
O6 GTP M . -21.02 -24.36 34.39
N1 GTP M . -19.47 -25.09 33.08
C2 GTP M . -19.02 -25.64 31.96
N2 GTP M . -17.69 -25.76 31.96
N3 GTP M . -19.86 -26.01 30.97
C4 GTP M . -21.21 -25.83 31.10
C1' L2B N . -5.89 0.57 -7.30
C2 L2B N . -3.49 1.31 -8.25
C2' L2B N . -5.85 0.32 -5.78
C3' L2B N . -7.13 0.94 -5.24
C4 L2B N . -2.84 3.69 -8.39
C4' L2B N . -8.08 1.02 -6.41
C5 L2B N . -4.14 4.01 -7.84
C5' L2B N . -8.98 2.37 -6.26
C6 L2B N . -5.02 3.04 -7.53
N1 L2B N . -4.77 1.68 -7.70
N3 L2B N . -2.55 2.32 -8.58
O2 L2B N . -3.18 0.14 -8.44
O2' L2B N . -5.82 -1.06 -5.59
O4 L2B N . -2.00 4.52 -8.70
O4' L2B N . -7.20 0.93 -7.59
O5' L2B N . -8.23 3.41 -5.93
OP1 L2B N . -9.99 5.34 -5.37
OP2 L2B N . -7.60 6.05 -6.24
P L2B N . -8.82 5.16 -6.28
#